data_1QSD
# 
_entry.id   1QSD 
# 
_audit_conform.dict_name       mmcif_pdbx.dic 
_audit_conform.dict_version    5.386 
_audit_conform.dict_location   http://mmcif.pdb.org/dictionaries/ascii/mmcif_pdbx.dic 
# 
loop_
_database_2.database_id 
_database_2.database_code 
_database_2.pdbx_database_accession 
_database_2.pdbx_DOI 
PDB   1QSD         pdb_00001qsd 10.2210/pdb1qsd/pdb 
RCSB  RCSB009207   ?            ?                   
WWPDB D_1000009207 ?            ?                   
# 
loop_
_pdbx_audit_revision_history.ordinal 
_pdbx_audit_revision_history.data_content_type 
_pdbx_audit_revision_history.major_revision 
_pdbx_audit_revision_history.minor_revision 
_pdbx_audit_revision_history.revision_date 
1 'Structure model' 1 0 1999-12-22 
2 'Structure model' 1 1 2008-04-27 
3 'Structure model' 1 2 2011-07-13 
4 'Structure model' 1 3 2017-10-04 
5 'Structure model' 1 4 2024-02-14 
# 
_pdbx_audit_revision_details.ordinal             1 
_pdbx_audit_revision_details.revision_ordinal    1 
_pdbx_audit_revision_details.data_content_type   'Structure model' 
_pdbx_audit_revision_details.provider            repository 
_pdbx_audit_revision_details.type                'Initial release' 
_pdbx_audit_revision_details.description         ? 
_pdbx_audit_revision_details.details             ? 
# 
loop_
_pdbx_audit_revision_group.ordinal 
_pdbx_audit_revision_group.revision_ordinal 
_pdbx_audit_revision_group.data_content_type 
_pdbx_audit_revision_group.group 
1 2 'Structure model' 'Version format compliance' 
2 3 'Structure model' 'Version format compliance' 
3 4 'Structure model' 'Refinement description'    
4 5 'Structure model' 'Data collection'           
5 5 'Structure model' 'Database references'       
# 
loop_
_pdbx_audit_revision_category.ordinal 
_pdbx_audit_revision_category.revision_ordinal 
_pdbx_audit_revision_category.data_content_type 
_pdbx_audit_revision_category.category 
1 4 'Structure model' software       
2 5 'Structure model' chem_comp_atom 
3 5 'Structure model' chem_comp_bond 
4 5 'Structure model' database_2     
# 
loop_
_pdbx_audit_revision_item.ordinal 
_pdbx_audit_revision_item.revision_ordinal 
_pdbx_audit_revision_item.data_content_type 
_pdbx_audit_revision_item.item 
1 4 'Structure model' '_software.name'                      
2 5 'Structure model' '_database_2.pdbx_DOI'                
3 5 'Structure model' '_database_2.pdbx_database_accession' 
# 
_pdbx_database_status.status_code                     REL 
_pdbx_database_status.entry_id                        1QSD 
_pdbx_database_status.recvd_initial_deposition_date   1999-06-21 
_pdbx_database_status.deposit_site                    RCSB 
_pdbx_database_status.process_site                    RCSB 
_pdbx_database_status.SG_entry                        . 
_pdbx_database_status.pdb_format_compatible           Y 
_pdbx_database_status.status_code_mr                  ? 
_pdbx_database_status.status_code_sf                  ? 
_pdbx_database_status.status_code_cs                  ? 
_pdbx_database_status.methods_development_category    ? 
_pdbx_database_status.status_code_nmr_data            ? 
# 
_audit_author.name           'Steinbacher, S.' 
_audit_author.pdbx_ordinal   1 
# 
_citation.id                        primary 
_citation.title                     'Crystal structure of the post-chaperonin beta-tubulin binding cofactor Rbl2p' 
_citation.journal_abbrev            Nat.Struct.Biol. 
_citation.journal_volume            6 
_citation.page_first                1029 
_citation.page_last                 1032 
_citation.year                      1999 
_citation.journal_id_ASTM           NSBIEW 
_citation.country                   US 
_citation.journal_id_ISSN           1072-8368 
_citation.journal_id_CSD            2024 
_citation.book_publisher            ? 
_citation.pdbx_database_id_PubMed   10542094 
_citation.pdbx_database_id_DOI      10.1038/14912 
# 
_citation_author.citation_id        primary 
_citation_author.name               'Steinbacher, S.' 
_citation_author.ordinal            1 
_citation_author.identifier_ORCID   ? 
# 
loop_
_entity.id 
_entity.type 
_entity.src_method 
_entity.pdbx_description 
_entity.formula_weight 
_entity.pdbx_number_of_molecules 
_entity.pdbx_ec 
_entity.pdbx_mutation 
_entity.pdbx_fragment 
_entity.details 
1 polymer nat 'PROTEIN (BETA-TUBULIN BINDING POST-CHAPERONIN COFACTOR)' 12398.963 2   ? ? RBL2P ? 
2 water   nat water                                                     18.015    155 ? ? ?     ? 
# 
_entity_poly.entity_id                      1 
_entity_poly.type                           'polypeptide(L)' 
_entity_poly.nstd_linkage                   no 
_entity_poly.nstd_monomer                   no 
_entity_poly.pdbx_seq_one_letter_code       
;MAPTQLDIKVKALKRLTKEEGYYQQELKDQEAHVAKLKEDKSVDPYDLKKQEEVLDDTKRLLPTLYEKIREFKEDLEQFL
KTYQGTEDVSDARSAITSAQELLDSK
;
_entity_poly.pdbx_seq_one_letter_code_can   
;MAPTQLDIKVKALKRLTKEEGYYQQELKDQEAHVAKLKEDKSVDPYDLKKQEEVLDDTKRLLPTLYEKIREFKEDLEQFL
KTYQGTEDVSDARSAITSAQELLDSK
;
_entity_poly.pdbx_strand_id                 A,B 
_entity_poly.pdbx_target_identifier         ? 
# 
_pdbx_entity_nonpoly.entity_id   2 
_pdbx_entity_nonpoly.name        water 
_pdbx_entity_nonpoly.comp_id     HOH 
# 
loop_
_entity_poly_seq.entity_id 
_entity_poly_seq.num 
_entity_poly_seq.mon_id 
_entity_poly_seq.hetero 
1 1   MET n 
1 2   ALA n 
1 3   PRO n 
1 4   THR n 
1 5   GLN n 
1 6   LEU n 
1 7   ASP n 
1 8   ILE n 
1 9   LYS n 
1 10  VAL n 
1 11  LYS n 
1 12  ALA n 
1 13  LEU n 
1 14  LYS n 
1 15  ARG n 
1 16  LEU n 
1 17  THR n 
1 18  LYS n 
1 19  GLU n 
1 20  GLU n 
1 21  GLY n 
1 22  TYR n 
1 23  TYR n 
1 24  GLN n 
1 25  GLN n 
1 26  GLU n 
1 27  LEU n 
1 28  LYS n 
1 29  ASP n 
1 30  GLN n 
1 31  GLU n 
1 32  ALA n 
1 33  HIS n 
1 34  VAL n 
1 35  ALA n 
1 36  LYS n 
1 37  LEU n 
1 38  LYS n 
1 39  GLU n 
1 40  ASP n 
1 41  LYS n 
1 42  SER n 
1 43  VAL n 
1 44  ASP n 
1 45  PRO n 
1 46  TYR n 
1 47  ASP n 
1 48  LEU n 
1 49  LYS n 
1 50  LYS n 
1 51  GLN n 
1 52  GLU n 
1 53  GLU n 
1 54  VAL n 
1 55  LEU n 
1 56  ASP n 
1 57  ASP n 
1 58  THR n 
1 59  LYS n 
1 60  ARG n 
1 61  LEU n 
1 62  LEU n 
1 63  PRO n 
1 64  THR n 
1 65  LEU n 
1 66  TYR n 
1 67  GLU n 
1 68  LYS n 
1 69  ILE n 
1 70  ARG n 
1 71  GLU n 
1 72  PHE n 
1 73  LYS n 
1 74  GLU n 
1 75  ASP n 
1 76  LEU n 
1 77  GLU n 
1 78  GLN n 
1 79  PHE n 
1 80  LEU n 
1 81  LYS n 
1 82  THR n 
1 83  TYR n 
1 84  GLN n 
1 85  GLY n 
1 86  THR n 
1 87  GLU n 
1 88  ASP n 
1 89  VAL n 
1 90  SER n 
1 91  ASP n 
1 92  ALA n 
1 93  ARG n 
1 94  SER n 
1 95  ALA n 
1 96  ILE n 
1 97  THR n 
1 98  SER n 
1 99  ALA n 
1 100 GLN n 
1 101 GLU n 
1 102 LEU n 
1 103 LEU n 
1 104 ASP n 
1 105 SER n 
1 106 LYS n 
# 
_entity_src_nat.entity_id                  1 
_entity_src_nat.pdbx_src_id                1 
_entity_src_nat.pdbx_alt_source_flag       sample 
_entity_src_nat.pdbx_beg_seq_num           ? 
_entity_src_nat.pdbx_end_seq_num           ? 
_entity_src_nat.common_name                
;baker's yeast
;
_entity_src_nat.pdbx_organism_scientific   'Saccharomyces cerevisiae' 
_entity_src_nat.pdbx_ncbi_taxonomy_id      4932 
_entity_src_nat.genus                      Saccharomyces 
_entity_src_nat.species                    ? 
_entity_src_nat.strain                     ? 
_entity_src_nat.tissue                     ? 
_entity_src_nat.tissue_fraction            ? 
_entity_src_nat.pdbx_secretion             ? 
_entity_src_nat.pdbx_fragment              ? 
_entity_src_nat.pdbx_variant               ? 
_entity_src_nat.pdbx_cell_line             ? 
_entity_src_nat.pdbx_atcc                  ? 
_entity_src_nat.pdbx_cellular_location     ? 
_entity_src_nat.pdbx_organ                 ? 
_entity_src_nat.pdbx_organelle             ? 
_entity_src_nat.pdbx_cell                  ? 
_entity_src_nat.pdbx_plasmid_name          ? 
_entity_src_nat.pdbx_plasmid_details       ? 
_entity_src_nat.details                    'ORIGINAL SEQUENCE' 
# 
loop_
_chem_comp.id 
_chem_comp.type 
_chem_comp.mon_nstd_flag 
_chem_comp.name 
_chem_comp.pdbx_synonyms 
_chem_comp.formula 
_chem_comp.formula_weight 
ALA 'L-peptide linking' y ALANINE         ? 'C3 H7 N O2'     89.093  
ARG 'L-peptide linking' y ARGININE        ? 'C6 H15 N4 O2 1' 175.209 
ASP 'L-peptide linking' y 'ASPARTIC ACID' ? 'C4 H7 N O4'     133.103 
GLN 'L-peptide linking' y GLUTAMINE       ? 'C5 H10 N2 O3'   146.144 
GLU 'L-peptide linking' y 'GLUTAMIC ACID' ? 'C5 H9 N O4'     147.129 
GLY 'peptide linking'   y GLYCINE         ? 'C2 H5 N O2'     75.067  
HIS 'L-peptide linking' y HISTIDINE       ? 'C6 H10 N3 O2 1' 156.162 
HOH non-polymer         . WATER           ? 'H2 O'           18.015  
ILE 'L-peptide linking' y ISOLEUCINE      ? 'C6 H13 N O2'    131.173 
LEU 'L-peptide linking' y LEUCINE         ? 'C6 H13 N O2'    131.173 
LYS 'L-peptide linking' y LYSINE          ? 'C6 H15 N2 O2 1' 147.195 
MET 'L-peptide linking' y METHIONINE      ? 'C5 H11 N O2 S'  149.211 
PHE 'L-peptide linking' y PHENYLALANINE   ? 'C9 H11 N O2'    165.189 
PRO 'L-peptide linking' y PROLINE         ? 'C5 H9 N O2'     115.130 
SER 'L-peptide linking' y SERINE          ? 'C3 H7 N O3'     105.093 
THR 'L-peptide linking' y THREONINE       ? 'C4 H9 N O3'     119.119 
TYR 'L-peptide linking' y TYROSINE        ? 'C9 H11 N O3'    181.189 
VAL 'L-peptide linking' y VALINE          ? 'C5 H11 N O2'    117.146 
# 
loop_
_pdbx_poly_seq_scheme.asym_id 
_pdbx_poly_seq_scheme.entity_id 
_pdbx_poly_seq_scheme.seq_id 
_pdbx_poly_seq_scheme.mon_id 
_pdbx_poly_seq_scheme.ndb_seq_num 
_pdbx_poly_seq_scheme.pdb_seq_num 
_pdbx_poly_seq_scheme.auth_seq_num 
_pdbx_poly_seq_scheme.pdb_mon_id 
_pdbx_poly_seq_scheme.auth_mon_id 
_pdbx_poly_seq_scheme.pdb_strand_id 
_pdbx_poly_seq_scheme.pdb_ins_code 
_pdbx_poly_seq_scheme.hetero 
A 1 1   MET 1   1   ?   ?   ?   A . n 
A 1 2   ALA 2   2   ?   ?   ?   A . n 
A 1 3   PRO 3   3   ?   ?   ?   A . n 
A 1 4   THR 4   4   4   THR THR A . n 
A 1 5   GLN 5   5   5   GLN GLN A . n 
A 1 6   LEU 6   6   6   LEU LEU A . n 
A 1 7   ASP 7   7   7   ASP ASP A . n 
A 1 8   ILE 8   8   8   ILE ILE A . n 
A 1 9   LYS 9   9   9   LYS LYS A . n 
A 1 10  VAL 10  10  10  VAL VAL A . n 
A 1 11  LYS 11  11  11  LYS LYS A . n 
A 1 12  ALA 12  12  12  ALA ALA A . n 
A 1 13  LEU 13  13  13  LEU LEU A . n 
A 1 14  LYS 14  14  14  LYS LYS A . n 
A 1 15  ARG 15  15  15  ARG ARG A . n 
A 1 16  LEU 16  16  16  LEU LEU A . n 
A 1 17  THR 17  17  17  THR THR A . n 
A 1 18  LYS 18  18  18  LYS LYS A . n 
A 1 19  GLU 19  19  19  GLU GLU A . n 
A 1 20  GLU 20  20  20  GLU GLU A . n 
A 1 21  GLY 21  21  21  GLY GLY A . n 
A 1 22  TYR 22  22  22  TYR TYR A . n 
A 1 23  TYR 23  23  23  TYR TYR A . n 
A 1 24  GLN 24  24  24  GLN GLN A . n 
A 1 25  GLN 25  25  25  GLN GLN A . n 
A 1 26  GLU 26  26  26  GLU GLU A . n 
A 1 27  LEU 27  27  27  LEU LEU A . n 
A 1 28  LYS 28  28  28  LYS LYS A . n 
A 1 29  ASP 29  29  29  ASP ASP A . n 
A 1 30  GLN 30  30  30  GLN GLN A . n 
A 1 31  GLU 31  31  31  GLU GLU A . n 
A 1 32  ALA 32  32  32  ALA ALA A . n 
A 1 33  HIS 33  33  33  HIS HIS A . n 
A 1 34  VAL 34  34  34  VAL VAL A . n 
A 1 35  ALA 35  35  35  ALA ALA A . n 
A 1 36  LYS 36  36  36  LYS LYS A . n 
A 1 37  LEU 37  37  37  LEU LEU A . n 
A 1 38  LYS 38  38  38  LYS LYS A . n 
A 1 39  GLU 39  39  39  GLU GLU A . n 
A 1 40  ASP 40  40  40  ASP ASP A . n 
A 1 41  LYS 41  41  41  LYS LYS A . n 
A 1 42  SER 42  42  42  SER SER A . n 
A 1 43  VAL 43  43  43  VAL VAL A . n 
A 1 44  ASP 44  44  44  ASP ASP A . n 
A 1 45  PRO 45  45  45  PRO PRO A . n 
A 1 46  TYR 46  46  46  TYR TYR A . n 
A 1 47  ASP 47  47  47  ASP ASP A . n 
A 1 48  LEU 48  48  48  LEU LEU A . n 
A 1 49  LYS 49  49  49  LYS LYS A . n 
A 1 50  LYS 50  50  50  LYS LYS A . n 
A 1 51  GLN 51  51  51  GLN GLN A . n 
A 1 52  GLU 52  52  52  GLU GLU A . n 
A 1 53  GLU 53  53  53  GLU GLU A . n 
A 1 54  VAL 54  54  54  VAL VAL A . n 
A 1 55  LEU 55  55  55  LEU LEU A . n 
A 1 56  ASP 56  56  56  ASP ASP A . n 
A 1 57  ASP 57  57  57  ASP ASP A . n 
A 1 58  THR 58  58  58  THR THR A . n 
A 1 59  LYS 59  59  59  LYS LYS A . n 
A 1 60  ARG 60  60  60  ARG ARG A . n 
A 1 61  LEU 61  61  61  LEU LEU A . n 
A 1 62  LEU 62  62  62  LEU LEU A . n 
A 1 63  PRO 63  63  63  PRO PRO A . n 
A 1 64  THR 64  64  64  THR THR A . n 
A 1 65  LEU 65  65  65  LEU LEU A . n 
A 1 66  TYR 66  66  66  TYR TYR A . n 
A 1 67  GLU 67  67  67  GLU GLU A . n 
A 1 68  LYS 68  68  68  LYS LYS A . n 
A 1 69  ILE 69  69  69  ILE ILE A . n 
A 1 70  ARG 70  70  70  ARG ARG A . n 
A 1 71  GLU 71  71  71  GLU GLU A . n 
A 1 72  PHE 72  72  72  PHE PHE A . n 
A 1 73  LYS 73  73  73  LYS LYS A . n 
A 1 74  GLU 74  74  74  GLU GLU A . n 
A 1 75  ASP 75  75  75  ASP ASP A . n 
A 1 76  LEU 76  76  76  LEU LEU A . n 
A 1 77  GLU 77  77  77  GLU GLU A . n 
A 1 78  GLN 78  78  78  GLN GLN A . n 
A 1 79  PHE 79  79  79  PHE PHE A . n 
A 1 80  LEU 80  80  80  LEU LEU A . n 
A 1 81  LYS 81  81  81  LYS LYS A . n 
A 1 82  THR 82  82  82  THR THR A . n 
A 1 83  TYR 83  83  83  TYR TYR A . n 
A 1 84  GLN 84  84  84  GLN GLN A . n 
A 1 85  GLY 85  85  85  GLY GLY A . n 
A 1 86  THR 86  86  86  THR THR A . n 
A 1 87  GLU 87  87  87  GLU GLU A . n 
A 1 88  ASP 88  88  88  ASP ASP A . n 
A 1 89  VAL 89  89  89  VAL VAL A . n 
A 1 90  SER 90  90  90  SER SER A . n 
A 1 91  ASP 91  91  91  ASP ASP A . n 
A 1 92  ALA 92  92  92  ALA ALA A . n 
A 1 93  ARG 93  93  93  ARG ARG A . n 
A 1 94  SER 94  94  94  SER SER A . n 
A 1 95  ALA 95  95  95  ALA ALA A . n 
A 1 96  ILE 96  96  96  ILE ILE A . n 
A 1 97  THR 97  97  97  THR THR A . n 
A 1 98  SER 98  98  98  SER SER A . n 
A 1 99  ALA 99  99  99  ALA ALA A . n 
A 1 100 GLN 100 100 100 GLN GLN A . n 
A 1 101 GLU 101 101 101 GLU GLU A . n 
A 1 102 LEU 102 102 102 LEU LEU A . n 
A 1 103 LEU 103 103 103 LEU LEU A . n 
A 1 104 ASP 104 104 104 ASP ASP A . n 
A 1 105 SER 105 105 105 SER SER A . n 
A 1 106 LYS 106 106 ?   ?   ?   A . n 
B 1 1   MET 1   1   ?   ?   ?   B . n 
B 1 2   ALA 2   2   ?   ?   ?   B . n 
B 1 3   PRO 3   3   ?   ?   ?   B . n 
B 1 4   THR 4   4   4   THR THR B . n 
B 1 5   GLN 5   5   5   GLN GLN B . n 
B 1 6   LEU 6   6   6   LEU LEU B . n 
B 1 7   ASP 7   7   7   ASP ASP B . n 
B 1 8   ILE 8   8   8   ILE ILE B . n 
B 1 9   LYS 9   9   9   LYS LYS B . n 
B 1 10  VAL 10  10  10  VAL VAL B . n 
B 1 11  LYS 11  11  11  LYS LYS B . n 
B 1 12  ALA 12  12  12  ALA ALA B . n 
B 1 13  LEU 13  13  13  LEU LEU B . n 
B 1 14  LYS 14  14  14  LYS LYS B . n 
B 1 15  ARG 15  15  15  ARG ARG B . n 
B 1 16  LEU 16  16  16  LEU LEU B . n 
B 1 17  THR 17  17  17  THR THR B . n 
B 1 18  LYS 18  18  18  LYS LYS B . n 
B 1 19  GLU 19  19  19  GLU GLU B . n 
B 1 20  GLU 20  20  20  GLU GLU B . n 
B 1 21  GLY 21  21  21  GLY GLY B . n 
B 1 22  TYR 22  22  22  TYR TYR B . n 
B 1 23  TYR 23  23  23  TYR TYR B . n 
B 1 24  GLN 24  24  24  GLN GLN B . n 
B 1 25  GLN 25  25  25  GLN GLN B . n 
B 1 26  GLU 26  26  26  GLU GLU B . n 
B 1 27  LEU 27  27  27  LEU LEU B . n 
B 1 28  LYS 28  28  28  LYS LYS B . n 
B 1 29  ASP 29  29  29  ASP ASP B . n 
B 1 30  GLN 30  30  30  GLN GLN B . n 
B 1 31  GLU 31  31  31  GLU GLU B . n 
B 1 32  ALA 32  32  32  ALA ALA B . n 
B 1 33  HIS 33  33  33  HIS HIS B . n 
B 1 34  VAL 34  34  34  VAL VAL B . n 
B 1 35  ALA 35  35  35  ALA ALA B . n 
B 1 36  LYS 36  36  36  LYS LYS B . n 
B 1 37  LEU 37  37  37  LEU LEU B . n 
B 1 38  LYS 38  38  38  LYS LYS B . n 
B 1 39  GLU 39  39  39  GLU GLU B . n 
B 1 40  ASP 40  40  40  ASP ASP B . n 
B 1 41  LYS 41  41  41  LYS LYS B . n 
B 1 42  SER 42  42  42  SER SER B . n 
B 1 43  VAL 43  43  43  VAL VAL B . n 
B 1 44  ASP 44  44  44  ASP ASP B . n 
B 1 45  PRO 45  45  45  PRO PRO B . n 
B 1 46  TYR 46  46  46  TYR TYR B . n 
B 1 47  ASP 47  47  47  ASP ASP B . n 
B 1 48  LEU 48  48  48  LEU LEU B . n 
B 1 49  LYS 49  49  49  LYS LYS B . n 
B 1 50  LYS 50  50  50  LYS LYS B . n 
B 1 51  GLN 51  51  51  GLN GLN B . n 
B 1 52  GLU 52  52  52  GLU GLU B . n 
B 1 53  GLU 53  53  53  GLU GLU B . n 
B 1 54  VAL 54  54  54  VAL VAL B . n 
B 1 55  LEU 55  55  55  LEU LEU B . n 
B 1 56  ASP 56  56  56  ASP ASP B . n 
B 1 57  ASP 57  57  57  ASP ASP B . n 
B 1 58  THR 58  58  58  THR THR B . n 
B 1 59  LYS 59  59  59  LYS LYS B . n 
B 1 60  ARG 60  60  60  ARG ARG B . n 
B 1 61  LEU 61  61  61  LEU LEU B . n 
B 1 62  LEU 62  62  62  LEU LEU B . n 
B 1 63  PRO 63  63  63  PRO PRO B . n 
B 1 64  THR 64  64  64  THR THR B . n 
B 1 65  LEU 65  65  65  LEU LEU B . n 
B 1 66  TYR 66  66  66  TYR TYR B . n 
B 1 67  GLU 67  67  67  GLU GLU B . n 
B 1 68  LYS 68  68  68  LYS LYS B . n 
B 1 69  ILE 69  69  69  ILE ILE B . n 
B 1 70  ARG 70  70  70  ARG ARG B . n 
B 1 71  GLU 71  71  71  GLU GLU B . n 
B 1 72  PHE 72  72  72  PHE PHE B . n 
B 1 73  LYS 73  73  73  LYS LYS B . n 
B 1 74  GLU 74  74  74  GLU GLU B . n 
B 1 75  ASP 75  75  75  ASP ASP B . n 
B 1 76  LEU 76  76  76  LEU LEU B . n 
B 1 77  GLU 77  77  77  GLU GLU B . n 
B 1 78  GLN 78  78  78  GLN GLN B . n 
B 1 79  PHE 79  79  79  PHE PHE B . n 
B 1 80  LEU 80  80  80  LEU LEU B . n 
B 1 81  LYS 81  81  81  LYS LYS B . n 
B 1 82  THR 82  82  82  THR THR B . n 
B 1 83  TYR 83  83  83  TYR TYR B . n 
B 1 84  GLN 84  84  84  GLN GLN B . n 
B 1 85  GLY 85  85  85  GLY GLY B . n 
B 1 86  THR 86  86  86  THR THR B . n 
B 1 87  GLU 87  87  87  GLU GLU B . n 
B 1 88  ASP 88  88  88  ASP ASP B . n 
B 1 89  VAL 89  89  89  VAL VAL B . n 
B 1 90  SER 90  90  90  SER SER B . n 
B 1 91  ASP 91  91  91  ASP ASP B . n 
B 1 92  ALA 92  92  92  ALA ALA B . n 
B 1 93  ARG 93  93  93  ARG ARG B . n 
B 1 94  SER 94  94  94  SER SER B . n 
B 1 95  ALA 95  95  95  ALA ALA B . n 
B 1 96  ILE 96  96  96  ILE ILE B . n 
B 1 97  THR 97  97  97  THR THR B . n 
B 1 98  SER 98  98  98  SER SER B . n 
B 1 99  ALA 99  99  99  ALA ALA B . n 
B 1 100 GLN 100 100 100 GLN GLN B . n 
B 1 101 GLU 101 101 101 GLU GLU B . n 
B 1 102 LEU 102 102 102 LEU LEU B . n 
B 1 103 LEU 103 103 103 LEU LEU B . n 
B 1 104 ASP 104 104 104 ASP ASP B . n 
B 1 105 SER 105 105 105 SER SER B . n 
B 1 106 LYS 106 106 ?   ?   ?   B . n 
# 
loop_
_pdbx_nonpoly_scheme.asym_id 
_pdbx_nonpoly_scheme.entity_id 
_pdbx_nonpoly_scheme.mon_id 
_pdbx_nonpoly_scheme.ndb_seq_num 
_pdbx_nonpoly_scheme.pdb_seq_num 
_pdbx_nonpoly_scheme.auth_seq_num 
_pdbx_nonpoly_scheme.pdb_mon_id 
_pdbx_nonpoly_scheme.auth_mon_id 
_pdbx_nonpoly_scheme.pdb_strand_id 
_pdbx_nonpoly_scheme.pdb_ins_code 
C 2 HOH 1  107 4   HOH HOH A . 
C 2 HOH 2  108 6   HOH HOH A . 
C 2 HOH 3  109 8   HOH HOH A . 
C 2 HOH 4  110 9   HOH HOH A . 
C 2 HOH 5  111 15  HOH HOH A . 
C 2 HOH 6  112 16  HOH HOH A . 
C 2 HOH 7  113 17  HOH HOH A . 
C 2 HOH 8  114 20  HOH HOH A . 
C 2 HOH 9  115 21  HOH HOH A . 
C 2 HOH 10 116 22  HOH HOH A . 
C 2 HOH 11 117 23  HOH HOH A . 
C 2 HOH 12 118 25  HOH HOH A . 
C 2 HOH 13 119 27  HOH HOH A . 
C 2 HOH 14 120 28  HOH HOH A . 
C 2 HOH 15 121 30  HOH HOH A . 
C 2 HOH 16 122 32  HOH HOH A . 
C 2 HOH 17 123 33  HOH HOH A . 
C 2 HOH 18 124 35  HOH HOH A . 
C 2 HOH 19 125 37  HOH HOH A . 
C 2 HOH 20 126 38  HOH HOH A . 
C 2 HOH 21 127 43  HOH HOH A . 
C 2 HOH 22 128 47  HOH HOH A . 
C 2 HOH 23 129 51  HOH HOH A . 
C 2 HOH 24 130 53  HOH HOH A . 
C 2 HOH 25 131 54  HOH HOH A . 
C 2 HOH 26 132 55  HOH HOH A . 
C 2 HOH 27 133 58  HOH HOH A . 
C 2 HOH 28 134 62  HOH HOH A . 
C 2 HOH 29 135 64  HOH HOH A . 
C 2 HOH 30 136 65  HOH HOH A . 
C 2 HOH 31 137 68  HOH HOH A . 
C 2 HOH 32 138 69  HOH HOH A . 
C 2 HOH 33 139 70  HOH HOH A . 
C 2 HOH 34 140 71  HOH HOH A . 
C 2 HOH 35 141 73  HOH HOH A . 
C 2 HOH 36 142 74  HOH HOH A . 
C 2 HOH 37 143 75  HOH HOH A . 
C 2 HOH 38 144 76  HOH HOH A . 
C 2 HOH 39 145 79  HOH HOH A . 
C 2 HOH 40 146 81  HOH HOH A . 
C 2 HOH 41 147 82  HOH HOH A . 
C 2 HOH 42 148 83  HOH HOH A . 
C 2 HOH 43 149 84  HOH HOH A . 
C 2 HOH 44 150 86  HOH HOH A . 
C 2 HOH 45 151 89  HOH HOH A . 
C 2 HOH 46 152 91  HOH HOH A . 
C 2 HOH 47 153 93  HOH HOH A . 
C 2 HOH 48 154 95  HOH HOH A . 
C 2 HOH 49 155 104 HOH HOH A . 
C 2 HOH 50 156 105 HOH HOH A . 
C 2 HOH 51 157 110 HOH HOH A . 
C 2 HOH 52 158 111 HOH HOH A . 
C 2 HOH 53 159 112 HOH HOH A . 
C 2 HOH 54 160 116 HOH HOH A . 
C 2 HOH 55 161 120 HOH HOH A . 
C 2 HOH 56 162 123 HOH HOH A . 
C 2 HOH 57 163 125 HOH HOH A . 
C 2 HOH 58 164 128 HOH HOH A . 
C 2 HOH 59 165 133 HOH HOH A . 
C 2 HOH 60 166 136 HOH HOH A . 
C 2 HOH 61 167 137 HOH HOH A . 
C 2 HOH 62 168 138 HOH HOH A . 
C 2 HOH 63 169 141 HOH HOH A . 
C 2 HOH 64 170 143 HOH HOH A . 
C 2 HOH 65 171 148 HOH HOH A . 
C 2 HOH 66 172 151 HOH HOH A . 
C 2 HOH 67 173 156 HOH HOH A . 
C 2 HOH 68 174 158 HOH HOH A . 
C 2 HOH 69 175 161 HOH HOH A . 
C 2 HOH 70 176 164 HOH HOH A . 
C 2 HOH 71 177 166 HOH HOH A . 
D 2 HOH 1  107 1   HOH HOH B . 
D 2 HOH 2  108 2   HOH HOH B . 
D 2 HOH 3  109 5   HOH HOH B . 
D 2 HOH 4  110 7   HOH HOH B . 
D 2 HOH 5  111 10  HOH HOH B . 
D 2 HOH 6  112 11  HOH HOH B . 
D 2 HOH 7  113 12  HOH HOH B . 
D 2 HOH 8  114 13  HOH HOH B . 
D 2 HOH 9  115 14  HOH HOH B . 
D 2 HOH 10 116 18  HOH HOH B . 
D 2 HOH 11 117 24  HOH HOH B . 
D 2 HOH 12 118 26  HOH HOH B . 
D 2 HOH 13 119 29  HOH HOH B . 
D 2 HOH 14 120 31  HOH HOH B . 
D 2 HOH 15 121 39  HOH HOH B . 
D 2 HOH 16 122 40  HOH HOH B . 
D 2 HOH 17 123 41  HOH HOH B . 
D 2 HOH 18 124 42  HOH HOH B . 
D 2 HOH 19 125 44  HOH HOH B . 
D 2 HOH 20 126 45  HOH HOH B . 
D 2 HOH 21 127 46  HOH HOH B . 
D 2 HOH 22 128 49  HOH HOH B . 
D 2 HOH 23 129 50  HOH HOH B . 
D 2 HOH 24 130 52  HOH HOH B . 
D 2 HOH 25 131 56  HOH HOH B . 
D 2 HOH 26 132 57  HOH HOH B . 
D 2 HOH 27 133 59  HOH HOH B . 
D 2 HOH 28 134 60  HOH HOH B . 
D 2 HOH 29 135 61  HOH HOH B . 
D 2 HOH 30 136 63  HOH HOH B . 
D 2 HOH 31 137 66  HOH HOH B . 
D 2 HOH 32 138 67  HOH HOH B . 
D 2 HOH 33 139 72  HOH HOH B . 
D 2 HOH 34 140 77  HOH HOH B . 
D 2 HOH 35 141 78  HOH HOH B . 
D 2 HOH 36 142 80  HOH HOH B . 
D 2 HOH 37 143 85  HOH HOH B . 
D 2 HOH 38 144 87  HOH HOH B . 
D 2 HOH 39 145 88  HOH HOH B . 
D 2 HOH 40 146 90  HOH HOH B . 
D 2 HOH 41 147 92  HOH HOH B . 
D 2 HOH 42 148 94  HOH HOH B . 
D 2 HOH 43 149 96  HOH HOH B . 
D 2 HOH 44 150 97  HOH HOH B . 
D 2 HOH 45 151 98  HOH HOH B . 
D 2 HOH 46 152 99  HOH HOH B . 
D 2 HOH 47 153 100 HOH HOH B . 
D 2 HOH 48 154 101 HOH HOH B . 
D 2 HOH 49 155 102 HOH HOH B . 
D 2 HOH 50 156 103 HOH HOH B . 
D 2 HOH 51 157 106 HOH HOH B . 
D 2 HOH 52 158 107 HOH HOH B . 
D 2 HOH 53 159 108 HOH HOH B . 
D 2 HOH 54 160 113 HOH HOH B . 
D 2 HOH 55 161 114 HOH HOH B . 
D 2 HOH 56 162 117 HOH HOH B . 
D 2 HOH 57 163 118 HOH HOH B . 
D 2 HOH 58 164 119 HOH HOH B . 
D 2 HOH 59 165 121 HOH HOH B . 
D 2 HOH 60 166 122 HOH HOH B . 
D 2 HOH 61 167 124 HOH HOH B . 
D 2 HOH 62 168 126 HOH HOH B . 
D 2 HOH 63 169 127 HOH HOH B . 
D 2 HOH 64 170 129 HOH HOH B . 
D 2 HOH 65 171 130 HOH HOH B . 
D 2 HOH 66 172 131 HOH HOH B . 
D 2 HOH 67 173 132 HOH HOH B . 
D 2 HOH 68 174 134 HOH HOH B . 
D 2 HOH 69 175 135 HOH HOH B . 
D 2 HOH 70 176 139 HOH HOH B . 
D 2 HOH 71 177 142 HOH HOH B . 
D 2 HOH 72 178 144 HOH HOH B . 
D 2 HOH 73 179 145 HOH HOH B . 
D 2 HOH 74 180 149 HOH HOH B . 
D 2 HOH 75 181 150 HOH HOH B . 
D 2 HOH 76 182 152 HOH HOH B . 
D 2 HOH 77 183 153 HOH HOH B . 
D 2 HOH 78 184 154 HOH HOH B . 
D 2 HOH 79 185 155 HOH HOH B . 
D 2 HOH 80 186 157 HOH HOH B . 
D 2 HOH 81 187 159 HOH HOH B . 
D 2 HOH 82 188 160 HOH HOH B . 
D 2 HOH 83 189 163 HOH HOH B . 
D 2 HOH 84 190 165 HOH HOH B . 
# 
loop_
_software.name 
_software.classification 
_software.version 
_software.citation_id 
_software.pdbx_ordinal 
SHELXS   phasing          .           ? 1  
MLPHARE  phasing          .           ? 2  
CCP4     'model building' .           ? 3  
RAVE     'model building' .           ? 4  
X-PLOR   refinement       3.851       ? 5  
MOSFLM   'data reduction' .           ? 6  
CCP4     'data scaling'   '(AGROVATA' ? 7  
ROTAVATA 'data scaling'   .           ? 8  
CCP4     phasing          .           ? 9  
RAVE     phasing          .           ? 10 
# 
_cell.entry_id           1QSD 
_cell.length_a           45.4 
_cell.length_b           110.1 
_cell.length_c           49.4 
_cell.angle_alpha        90 
_cell.angle_beta         106.2 
_cell.angle_gamma        90 
_cell.Z_PDB              8 
_cell.pdbx_unique_axis   ? 
# 
_symmetry.entry_id                         1QSD 
_symmetry.space_group_name_H-M             'C 1 2 1' 
_symmetry.pdbx_full_space_group_name_H-M   ? 
_symmetry.cell_setting                     ? 
_symmetry.Int_Tables_number                5 
# 
_exptl.entry_id          1QSD 
_exptl.method            'X-RAY DIFFRACTION' 
_exptl.crystals_number   1 
# 
_exptl_crystal.id                    1 
_exptl_crystal.density_meas          ? 
_exptl_crystal.density_Matthews      2.39 
_exptl_crystal.density_percent_sol   48.53 
_exptl_crystal.description           ? 
# 
_exptl_crystal_grow.crystal_id      1 
_exptl_crystal_grow.method          'VAPOR DIFFUSION, HANGING DROP' 
_exptl_crystal_grow.temp            293 
_exptl_crystal_grow.temp_details    ? 
_exptl_crystal_grow.pH              6.5 
_exptl_crystal_grow.pdbx_details    '1.6 M NA-CITRATE/CITRIC ACID, pH 6.5, VAPOR DIFFUSION, HANGING DROP, temperature 293K' 
_exptl_crystal_grow.pdbx_pH_range   . 
# 
_diffrn.id                     1 
_diffrn.ambient_temp           289 
_diffrn.ambient_temp_details   ? 
_diffrn.crystal_id             1 
# 
_diffrn_detector.diffrn_id              1 
_diffrn_detector.detector               'AREA DETECTOR' 
_diffrn_detector.type                   MARRESEARCH 
_diffrn_detector.pdbx_collection_date   1998-01-01 
_diffrn_detector.details                ? 
# 
_diffrn_radiation.diffrn_id                        1 
_diffrn_radiation.wavelength_id                    1 
_diffrn_radiation.pdbx_monochromatic_or_laue_m_l   M 
_diffrn_radiation.monochromator                    ? 
_diffrn_radiation.pdbx_diffrn_protocol             'SINGLE WAVELENGTH' 
_diffrn_radiation.pdbx_scattering_type             x-ray 
# 
_diffrn_radiation_wavelength.id           1 
_diffrn_radiation_wavelength.wavelength   1.54 
_diffrn_radiation_wavelength.wt           1.0 
# 
_diffrn_source.diffrn_id                   1 
_diffrn_source.source                      'ROTATING ANODE' 
_diffrn_source.type                        'RIGAKU RU200' 
_diffrn_source.pdbx_synchrotron_site       ? 
_diffrn_source.pdbx_synchrotron_beamline   ? 
_diffrn_source.pdbx_wavelength             1.54 
_diffrn_source.pdbx_wavelength_list        ? 
# 
_reflns.entry_id                     1QSD 
_reflns.observed_criterion_sigma_I   0 
_reflns.observed_criterion_sigma_F   0 
_reflns.d_resolution_low             15 
_reflns.d_resolution_high            2.2 
_reflns.number_obs                   11128 
_reflns.number_all                   11128 
_reflns.percent_possible_obs         96.2 
_reflns.pdbx_Rmerge_I_obs            0.0610000 
_reflns.pdbx_Rsym_value              ? 
_reflns.pdbx_netI_over_sigmaI        12.8 
_reflns.B_iso_Wilson_estimate        25.3 
_reflns.pdbx_redundancy              2.8 
_reflns.R_free_details               ? 
_reflns.pdbx_diffrn_id               1 
_reflns.pdbx_ordinal                 1 
# 
_reflns_shell.d_res_high             2.2 
_reflns_shell.d_res_low              2.25 
_reflns_shell.percent_possible_all   96.1 
_reflns_shell.Rmerge_I_obs           0.1520000 
_reflns_shell.pdbx_Rsym_value        ? 
_reflns_shell.meanI_over_sigI_obs    ? 
_reflns_shell.pdbx_redundancy        2.9 
_reflns_shell.percent_possible_obs   ? 
_reflns_shell.number_unique_all      ? 
_reflns_shell.pdbx_diffrn_id         ? 
_reflns_shell.pdbx_ordinal           1 
# 
_refine.entry_id                                 1QSD 
_refine.ls_number_reflns_obs                     10958 
_refine.ls_number_reflns_all                     10958 
_refine.pdbx_ls_sigma_I                          0 
_refine.pdbx_ls_sigma_F                          0 
_refine.pdbx_data_cutoff_high_absF               ? 
_refine.pdbx_data_cutoff_low_absF                ? 
_refine.pdbx_data_cutoff_high_rms_absF           ? 
_refine.ls_d_res_low                             8.0 
_refine.ls_d_res_high                            2.2 
_refine.ls_percent_reflns_obs                    ? 
_refine.ls_R_factor_obs                          0.2110000 
_refine.ls_R_factor_all                          0.2110000 
_refine.ls_R_factor_R_work                       0.2080000 
_refine.ls_R_factor_R_free                       0.2970000 
_refine.ls_R_factor_R_free_error                 ? 
_refine.ls_R_factor_R_free_error_details         ? 
_refine.ls_percent_reflns_R_free                 ? 
_refine.ls_number_reflns_R_free                  537 
_refine.ls_number_parameters                     ? 
_refine.ls_number_restraints                     ? 
_refine.occupancy_min                            ? 
_refine.occupancy_max                            ? 
_refine.B_iso_mean                               ? 
_refine.aniso_B[1][1]                            ? 
_refine.aniso_B[2][2]                            ? 
_refine.aniso_B[3][3]                            ? 
_refine.aniso_B[1][2]                            ? 
_refine.aniso_B[1][3]                            ? 
_refine.aniso_B[2][3]                            ? 
_refine.solvent_model_details                    ? 
_refine.solvent_model_param_ksol                 ? 
_refine.solvent_model_param_bsol                 ? 
_refine.pdbx_ls_cross_valid_method               ? 
_refine.details                                  ? 
_refine.pdbx_starting_model                      ? 
_refine.pdbx_method_to_determine_struct          ? 
_refine.pdbx_isotropic_thermal_model             ? 
_refine.pdbx_stereochemistry_target_values       'ENGH & HUBER' 
_refine.pdbx_stereochem_target_val_spec_case     ? 
_refine.pdbx_R_Free_selection_details            RANDOM 
_refine.pdbx_overall_ESU_R                       ? 
_refine.pdbx_overall_ESU_R_Free                  ? 
_refine.overall_SU_ML                            ? 
_refine.overall_SU_B                             ? 
_refine.ls_redundancy_reflns_obs                 ? 
_refine.pdbx_refine_id                           'X-RAY DIFFRACTION' 
_refine.pdbx_diffrn_id                           1 
_refine.pdbx_TLS_residual_ADP_flag               ? 
_refine.correlation_coeff_Fo_to_Fc               ? 
_refine.correlation_coeff_Fo_to_Fc_free          ? 
_refine.pdbx_solvent_vdw_probe_radii             ? 
_refine.pdbx_solvent_ion_probe_radii             ? 
_refine.pdbx_solvent_shrinkage_radii             ? 
_refine.pdbx_overall_phase_error                 ? 
_refine.overall_SU_R_Cruickshank_DPI             ? 
_refine.pdbx_overall_SU_R_free_Cruickshank_DPI   ? 
_refine.pdbx_overall_SU_R_Blow_DPI               ? 
_refine.pdbx_overall_SU_R_free_Blow_DPI          ? 
# 
_refine_hist.pdbx_refine_id                   'X-RAY DIFFRACTION' 
_refine_hist.cycle_id                         LAST 
_refine_hist.pdbx_number_atoms_protein        1682 
_refine_hist.pdbx_number_atoms_nucleic_acid   0 
_refine_hist.pdbx_number_atoms_ligand         0 
_refine_hist.number_atoms_solvent             155 
_refine_hist.number_atoms_total               1837 
_refine_hist.d_res_high                       2.2 
_refine_hist.d_res_low                        8.0 
# 
loop_
_refine_ls_restr.type 
_refine_ls_restr.dev_ideal 
_refine_ls_restr.dev_ideal_target 
_refine_ls_restr.weight 
_refine_ls_restr.number 
_refine_ls_restr.pdbx_refine_id 
_refine_ls_restr.pdbx_restraint_function 
x_bond_d                0.010 ? ? ? 'X-RAY DIFFRACTION' ? 
x_bond_d_na             ?     ? ? ? 'X-RAY DIFFRACTION' ? 
x_bond_d_prot           ?     ? ? ? 'X-RAY DIFFRACTION' ? 
x_angle_d               ?     ? ? ? 'X-RAY DIFFRACTION' ? 
x_angle_d_na            ?     ? ? ? 'X-RAY DIFFRACTION' ? 
x_angle_d_prot          ?     ? ? ? 'X-RAY DIFFRACTION' ? 
x_angle_deg             1.668 ? ? ? 'X-RAY DIFFRACTION' ? 
x_angle_deg_na          ?     ? ? ? 'X-RAY DIFFRACTION' ? 
x_angle_deg_prot        ?     ? ? ? 'X-RAY DIFFRACTION' ? 
x_dihedral_angle_d      ?     ? ? ? 'X-RAY DIFFRACTION' ? 
x_dihedral_angle_d_na   ?     ? ? ? 'X-RAY DIFFRACTION' ? 
x_dihedral_angle_d_prot ?     ? ? ? 'X-RAY DIFFRACTION' ? 
x_improper_angle_d      ?     ? ? ? 'X-RAY DIFFRACTION' ? 
x_improper_angle_d_na   ?     ? ? ? 'X-RAY DIFFRACTION' ? 
x_improper_angle_d_prot ?     ? ? ? 'X-RAY DIFFRACTION' ? 
x_mcbond_it             ?     ? ? ? 'X-RAY DIFFRACTION' ? 
x_mcangle_it            ?     ? ? ? 'X-RAY DIFFRACTION' ? 
x_scbond_it             ?     ? ? ? 'X-RAY DIFFRACTION' ? 
x_scangle_it            ?     ? ? ? 'X-RAY DIFFRACTION' ? 
# 
_struct.entry_id                  1QSD 
_struct.title                     'RBL2P, BETA-TUBULIN BINDING POST-CHAPERONIN COFACTOR' 
_struct.pdbx_model_details        ? 
_struct.pdbx_CASP_flag            ? 
_struct.pdbx_model_type_details   ? 
# 
_struct_keywords.entry_id        1QSD 
_struct_keywords.pdbx_keywords   CHAPERONE 
_struct_keywords.text            'FOUR-HELIX-BUNDLE, CHAPERONE' 
# 
loop_
_struct_asym.id 
_struct_asym.pdbx_blank_PDB_chainid_flag 
_struct_asym.pdbx_modified 
_struct_asym.entity_id 
_struct_asym.details 
A N N 1 ? 
B N N 1 ? 
C N N 2 ? 
D N N 2 ? 
# 
_struct_ref.id                         1 
_struct_ref.db_name                    UNP 
_struct_ref.db_code                    TBCA_YEAST 
_struct_ref.entity_id                  1 
_struct_ref.pdbx_db_accession          P48606 
_struct_ref.pdbx_db_isoform            ? 
_struct_ref.pdbx_seq_one_letter_code   ? 
_struct_ref.pdbx_align_begin           ? 
# 
loop_
_struct_ref_seq.align_id 
_struct_ref_seq.ref_id 
_struct_ref_seq.pdbx_PDB_id_code 
_struct_ref_seq.pdbx_strand_id 
_struct_ref_seq.seq_align_beg 
_struct_ref_seq.pdbx_seq_align_beg_ins_code 
_struct_ref_seq.seq_align_end 
_struct_ref_seq.pdbx_seq_align_end_ins_code 
_struct_ref_seq.pdbx_db_accession 
_struct_ref_seq.db_align_beg 
_struct_ref_seq.pdbx_db_align_beg_ins_code 
_struct_ref_seq.db_align_end 
_struct_ref_seq.pdbx_db_align_end_ins_code 
_struct_ref_seq.pdbx_auth_seq_align_beg 
_struct_ref_seq.pdbx_auth_seq_align_end 
1 1 1QSD A 1 ? 106 ? P48606 1 ? 106 ? 1 106 
2 1 1QSD B 1 ? 106 ? P48606 1 ? 106 ? 1 106 
# 
_pdbx_struct_assembly.id                   1 
_pdbx_struct_assembly.details              author_defined_assembly 
_pdbx_struct_assembly.method_details       ? 
_pdbx_struct_assembly.oligomeric_details   dimeric 
_pdbx_struct_assembly.oligomeric_count     2 
# 
_pdbx_struct_assembly_gen.assembly_id       1 
_pdbx_struct_assembly_gen.oper_expression   1 
_pdbx_struct_assembly_gen.asym_id_list      A,B,C,D 
# 
_pdbx_struct_oper_list.id                   1 
_pdbx_struct_oper_list.type                 'identity operation' 
_pdbx_struct_oper_list.name                 1_555 
_pdbx_struct_oper_list.symmetry_operation   x,y,z 
_pdbx_struct_oper_list.matrix[1][1]         1.0000000000 
_pdbx_struct_oper_list.matrix[1][2]         0.0000000000 
_pdbx_struct_oper_list.matrix[1][3]         0.0000000000 
_pdbx_struct_oper_list.vector[1]            0.0000000000 
_pdbx_struct_oper_list.matrix[2][1]         0.0000000000 
_pdbx_struct_oper_list.matrix[2][2]         1.0000000000 
_pdbx_struct_oper_list.matrix[2][3]         0.0000000000 
_pdbx_struct_oper_list.vector[2]            0.0000000000 
_pdbx_struct_oper_list.matrix[3][1]         0.0000000000 
_pdbx_struct_oper_list.matrix[3][2]         0.0000000000 
_pdbx_struct_oper_list.matrix[3][3]         1.0000000000 
_pdbx_struct_oper_list.vector[3]            0.0000000000 
# 
_struct_biol.id   1 
# 
loop_
_struct_conf.conf_type_id 
_struct_conf.id 
_struct_conf.pdbx_PDB_helix_id 
_struct_conf.beg_label_comp_id 
_struct_conf.beg_label_asym_id 
_struct_conf.beg_label_seq_id 
_struct_conf.pdbx_beg_PDB_ins_code 
_struct_conf.end_label_comp_id 
_struct_conf.end_label_asym_id 
_struct_conf.end_label_seq_id 
_struct_conf.pdbx_end_PDB_ins_code 
_struct_conf.beg_auth_comp_id 
_struct_conf.beg_auth_asym_id 
_struct_conf.beg_auth_seq_id 
_struct_conf.end_auth_comp_id 
_struct_conf.end_auth_asym_id 
_struct_conf.end_auth_seq_id 
_struct_conf.pdbx_PDB_helix_class 
_struct_conf.details 
_struct_conf.pdbx_PDB_helix_length 
HELX_P HELX_P1 1 THR A 4  ? ASP A 40  ? THR A 4  ASP A 40  1 ? 37 
HELX_P HELX_P2 2 ASP A 44 ? THR A 82  ? ASP A 44 THR A 82  1 ? 39 
HELX_P HELX_P3 3 VAL A 89 ? SER A 105 ? VAL A 89 SER A 105 1 ? 17 
HELX_P HELX_P4 4 THR B 4  ? ASP B 40  ? THR B 4  ASP B 40  1 ? 37 
HELX_P HELX_P5 5 ASP B 44 ? THR B 82  ? ASP B 44 THR B 82  1 ? 39 
HELX_P HELX_P6 6 VAL B 89 ? SER B 105 ? VAL B 89 SER B 105 1 ? 17 
# 
_struct_conf_type.id          HELX_P 
_struct_conf_type.criteria    ? 
_struct_conf_type.reference   ? 
# 
_pdbx_validate_symm_contact.id                1 
_pdbx_validate_symm_contact.PDB_model_num     1 
_pdbx_validate_symm_contact.auth_atom_id_1    CG 
_pdbx_validate_symm_contact.auth_asym_id_1    A 
_pdbx_validate_symm_contact.auth_comp_id_1    LYS 
_pdbx_validate_symm_contact.auth_seq_id_1     49 
_pdbx_validate_symm_contact.PDB_ins_code_1    ? 
_pdbx_validate_symm_contact.label_alt_id_1    ? 
_pdbx_validate_symm_contact.site_symmetry_1   1_555 
_pdbx_validate_symm_contact.auth_atom_id_2    CG 
_pdbx_validate_symm_contact.auth_asym_id_2    A 
_pdbx_validate_symm_contact.auth_comp_id_2    LYS 
_pdbx_validate_symm_contact.auth_seq_id_2     49 
_pdbx_validate_symm_contact.PDB_ins_code_2    ? 
_pdbx_validate_symm_contact.label_alt_id_2    ? 
_pdbx_validate_symm_contact.site_symmetry_2   2_654 
_pdbx_validate_symm_contact.dist              2.18 
# 
loop_
_pdbx_unobs_or_zero_occ_residues.id 
_pdbx_unobs_or_zero_occ_residues.PDB_model_num 
_pdbx_unobs_or_zero_occ_residues.polymer_flag 
_pdbx_unobs_or_zero_occ_residues.occupancy_flag 
_pdbx_unobs_or_zero_occ_residues.auth_asym_id 
_pdbx_unobs_or_zero_occ_residues.auth_comp_id 
_pdbx_unobs_or_zero_occ_residues.auth_seq_id 
_pdbx_unobs_or_zero_occ_residues.PDB_ins_code 
_pdbx_unobs_or_zero_occ_residues.label_asym_id 
_pdbx_unobs_or_zero_occ_residues.label_comp_id 
_pdbx_unobs_or_zero_occ_residues.label_seq_id 
1 1 Y 1 A MET 1   ? A MET 1   
2 1 Y 1 A ALA 2   ? A ALA 2   
3 1 Y 1 A PRO 3   ? A PRO 3   
4 1 Y 1 A LYS 106 ? A LYS 106 
5 1 Y 1 B MET 1   ? B MET 1   
6 1 Y 1 B ALA 2   ? B ALA 2   
7 1 Y 1 B PRO 3   ? B PRO 3   
8 1 Y 1 B LYS 106 ? B LYS 106 
# 
loop_
_chem_comp_atom.comp_id 
_chem_comp_atom.atom_id 
_chem_comp_atom.type_symbol 
_chem_comp_atom.pdbx_aromatic_flag 
_chem_comp_atom.pdbx_stereo_config 
_chem_comp_atom.pdbx_ordinal 
ALA N    N N N 1   
ALA CA   C N S 2   
ALA C    C N N 3   
ALA O    O N N 4   
ALA CB   C N N 5   
ALA OXT  O N N 6   
ALA H    H N N 7   
ALA H2   H N N 8   
ALA HA   H N N 9   
ALA HB1  H N N 10  
ALA HB2  H N N 11  
ALA HB3  H N N 12  
ALA HXT  H N N 13  
ARG N    N N N 14  
ARG CA   C N S 15  
ARG C    C N N 16  
ARG O    O N N 17  
ARG CB   C N N 18  
ARG CG   C N N 19  
ARG CD   C N N 20  
ARG NE   N N N 21  
ARG CZ   C N N 22  
ARG NH1  N N N 23  
ARG NH2  N N N 24  
ARG OXT  O N N 25  
ARG H    H N N 26  
ARG H2   H N N 27  
ARG HA   H N N 28  
ARG HB2  H N N 29  
ARG HB3  H N N 30  
ARG HG2  H N N 31  
ARG HG3  H N N 32  
ARG HD2  H N N 33  
ARG HD3  H N N 34  
ARG HE   H N N 35  
ARG HH11 H N N 36  
ARG HH12 H N N 37  
ARG HH21 H N N 38  
ARG HH22 H N N 39  
ARG HXT  H N N 40  
ASP N    N N N 41  
ASP CA   C N S 42  
ASP C    C N N 43  
ASP O    O N N 44  
ASP CB   C N N 45  
ASP CG   C N N 46  
ASP OD1  O N N 47  
ASP OD2  O N N 48  
ASP OXT  O N N 49  
ASP H    H N N 50  
ASP H2   H N N 51  
ASP HA   H N N 52  
ASP HB2  H N N 53  
ASP HB3  H N N 54  
ASP HD2  H N N 55  
ASP HXT  H N N 56  
GLN N    N N N 57  
GLN CA   C N S 58  
GLN C    C N N 59  
GLN O    O N N 60  
GLN CB   C N N 61  
GLN CG   C N N 62  
GLN CD   C N N 63  
GLN OE1  O N N 64  
GLN NE2  N N N 65  
GLN OXT  O N N 66  
GLN H    H N N 67  
GLN H2   H N N 68  
GLN HA   H N N 69  
GLN HB2  H N N 70  
GLN HB3  H N N 71  
GLN HG2  H N N 72  
GLN HG3  H N N 73  
GLN HE21 H N N 74  
GLN HE22 H N N 75  
GLN HXT  H N N 76  
GLU N    N N N 77  
GLU CA   C N S 78  
GLU C    C N N 79  
GLU O    O N N 80  
GLU CB   C N N 81  
GLU CG   C N N 82  
GLU CD   C N N 83  
GLU OE1  O N N 84  
GLU OE2  O N N 85  
GLU OXT  O N N 86  
GLU H    H N N 87  
GLU H2   H N N 88  
GLU HA   H N N 89  
GLU HB2  H N N 90  
GLU HB3  H N N 91  
GLU HG2  H N N 92  
GLU HG3  H N N 93  
GLU HE2  H N N 94  
GLU HXT  H N N 95  
GLY N    N N N 96  
GLY CA   C N N 97  
GLY C    C N N 98  
GLY O    O N N 99  
GLY OXT  O N N 100 
GLY H    H N N 101 
GLY H2   H N N 102 
GLY HA2  H N N 103 
GLY HA3  H N N 104 
GLY HXT  H N N 105 
HIS N    N N N 106 
HIS CA   C N S 107 
HIS C    C N N 108 
HIS O    O N N 109 
HIS CB   C N N 110 
HIS CG   C Y N 111 
HIS ND1  N Y N 112 
HIS CD2  C Y N 113 
HIS CE1  C Y N 114 
HIS NE2  N Y N 115 
HIS OXT  O N N 116 
HIS H    H N N 117 
HIS H2   H N N 118 
HIS HA   H N N 119 
HIS HB2  H N N 120 
HIS HB3  H N N 121 
HIS HD1  H N N 122 
HIS HD2  H N N 123 
HIS HE1  H N N 124 
HIS HE2  H N N 125 
HIS HXT  H N N 126 
HOH O    O N N 127 
HOH H1   H N N 128 
HOH H2   H N N 129 
ILE N    N N N 130 
ILE CA   C N S 131 
ILE C    C N N 132 
ILE O    O N N 133 
ILE CB   C N S 134 
ILE CG1  C N N 135 
ILE CG2  C N N 136 
ILE CD1  C N N 137 
ILE OXT  O N N 138 
ILE H    H N N 139 
ILE H2   H N N 140 
ILE HA   H N N 141 
ILE HB   H N N 142 
ILE HG12 H N N 143 
ILE HG13 H N N 144 
ILE HG21 H N N 145 
ILE HG22 H N N 146 
ILE HG23 H N N 147 
ILE HD11 H N N 148 
ILE HD12 H N N 149 
ILE HD13 H N N 150 
ILE HXT  H N N 151 
LEU N    N N N 152 
LEU CA   C N S 153 
LEU C    C N N 154 
LEU O    O N N 155 
LEU CB   C N N 156 
LEU CG   C N N 157 
LEU CD1  C N N 158 
LEU CD2  C N N 159 
LEU OXT  O N N 160 
LEU H    H N N 161 
LEU H2   H N N 162 
LEU HA   H N N 163 
LEU HB2  H N N 164 
LEU HB3  H N N 165 
LEU HG   H N N 166 
LEU HD11 H N N 167 
LEU HD12 H N N 168 
LEU HD13 H N N 169 
LEU HD21 H N N 170 
LEU HD22 H N N 171 
LEU HD23 H N N 172 
LEU HXT  H N N 173 
LYS N    N N N 174 
LYS CA   C N S 175 
LYS C    C N N 176 
LYS O    O N N 177 
LYS CB   C N N 178 
LYS CG   C N N 179 
LYS CD   C N N 180 
LYS CE   C N N 181 
LYS NZ   N N N 182 
LYS OXT  O N N 183 
LYS H    H N N 184 
LYS H2   H N N 185 
LYS HA   H N N 186 
LYS HB2  H N N 187 
LYS HB3  H N N 188 
LYS HG2  H N N 189 
LYS HG3  H N N 190 
LYS HD2  H N N 191 
LYS HD3  H N N 192 
LYS HE2  H N N 193 
LYS HE3  H N N 194 
LYS HZ1  H N N 195 
LYS HZ2  H N N 196 
LYS HZ3  H N N 197 
LYS HXT  H N N 198 
MET N    N N N 199 
MET CA   C N S 200 
MET C    C N N 201 
MET O    O N N 202 
MET CB   C N N 203 
MET CG   C N N 204 
MET SD   S N N 205 
MET CE   C N N 206 
MET OXT  O N N 207 
MET H    H N N 208 
MET H2   H N N 209 
MET HA   H N N 210 
MET HB2  H N N 211 
MET HB3  H N N 212 
MET HG2  H N N 213 
MET HG3  H N N 214 
MET HE1  H N N 215 
MET HE2  H N N 216 
MET HE3  H N N 217 
MET HXT  H N N 218 
PHE N    N N N 219 
PHE CA   C N S 220 
PHE C    C N N 221 
PHE O    O N N 222 
PHE CB   C N N 223 
PHE CG   C Y N 224 
PHE CD1  C Y N 225 
PHE CD2  C Y N 226 
PHE CE1  C Y N 227 
PHE CE2  C Y N 228 
PHE CZ   C Y N 229 
PHE OXT  O N N 230 
PHE H    H N N 231 
PHE H2   H N N 232 
PHE HA   H N N 233 
PHE HB2  H N N 234 
PHE HB3  H N N 235 
PHE HD1  H N N 236 
PHE HD2  H N N 237 
PHE HE1  H N N 238 
PHE HE2  H N N 239 
PHE HZ   H N N 240 
PHE HXT  H N N 241 
PRO N    N N N 242 
PRO CA   C N S 243 
PRO C    C N N 244 
PRO O    O N N 245 
PRO CB   C N N 246 
PRO CG   C N N 247 
PRO CD   C N N 248 
PRO OXT  O N N 249 
PRO H    H N N 250 
PRO HA   H N N 251 
PRO HB2  H N N 252 
PRO HB3  H N N 253 
PRO HG2  H N N 254 
PRO HG3  H N N 255 
PRO HD2  H N N 256 
PRO HD3  H N N 257 
PRO HXT  H N N 258 
SER N    N N N 259 
SER CA   C N S 260 
SER C    C N N 261 
SER O    O N N 262 
SER CB   C N N 263 
SER OG   O N N 264 
SER OXT  O N N 265 
SER H    H N N 266 
SER H2   H N N 267 
SER HA   H N N 268 
SER HB2  H N N 269 
SER HB3  H N N 270 
SER HG   H N N 271 
SER HXT  H N N 272 
THR N    N N N 273 
THR CA   C N S 274 
THR C    C N N 275 
THR O    O N N 276 
THR CB   C N R 277 
THR OG1  O N N 278 
THR CG2  C N N 279 
THR OXT  O N N 280 
THR H    H N N 281 
THR H2   H N N 282 
THR HA   H N N 283 
THR HB   H N N 284 
THR HG1  H N N 285 
THR HG21 H N N 286 
THR HG22 H N N 287 
THR HG23 H N N 288 
THR HXT  H N N 289 
TYR N    N N N 290 
TYR CA   C N S 291 
TYR C    C N N 292 
TYR O    O N N 293 
TYR CB   C N N 294 
TYR CG   C Y N 295 
TYR CD1  C Y N 296 
TYR CD2  C Y N 297 
TYR CE1  C Y N 298 
TYR CE2  C Y N 299 
TYR CZ   C Y N 300 
TYR OH   O N N 301 
TYR OXT  O N N 302 
TYR H    H N N 303 
TYR H2   H N N 304 
TYR HA   H N N 305 
TYR HB2  H N N 306 
TYR HB3  H N N 307 
TYR HD1  H N N 308 
TYR HD2  H N N 309 
TYR HE1  H N N 310 
TYR HE2  H N N 311 
TYR HH   H N N 312 
TYR HXT  H N N 313 
VAL N    N N N 314 
VAL CA   C N S 315 
VAL C    C N N 316 
VAL O    O N N 317 
VAL CB   C N N 318 
VAL CG1  C N N 319 
VAL CG2  C N N 320 
VAL OXT  O N N 321 
VAL H    H N N 322 
VAL H2   H N N 323 
VAL HA   H N N 324 
VAL HB   H N N 325 
VAL HG11 H N N 326 
VAL HG12 H N N 327 
VAL HG13 H N N 328 
VAL HG21 H N N 329 
VAL HG22 H N N 330 
VAL HG23 H N N 331 
VAL HXT  H N N 332 
# 
loop_
_chem_comp_bond.comp_id 
_chem_comp_bond.atom_id_1 
_chem_comp_bond.atom_id_2 
_chem_comp_bond.value_order 
_chem_comp_bond.pdbx_aromatic_flag 
_chem_comp_bond.pdbx_stereo_config 
_chem_comp_bond.pdbx_ordinal 
ALA N   CA   sing N N 1   
ALA N   H    sing N N 2   
ALA N   H2   sing N N 3   
ALA CA  C    sing N N 4   
ALA CA  CB   sing N N 5   
ALA CA  HA   sing N N 6   
ALA C   O    doub N N 7   
ALA C   OXT  sing N N 8   
ALA CB  HB1  sing N N 9   
ALA CB  HB2  sing N N 10  
ALA CB  HB3  sing N N 11  
ALA OXT HXT  sing N N 12  
ARG N   CA   sing N N 13  
ARG N   H    sing N N 14  
ARG N   H2   sing N N 15  
ARG CA  C    sing N N 16  
ARG CA  CB   sing N N 17  
ARG CA  HA   sing N N 18  
ARG C   O    doub N N 19  
ARG C   OXT  sing N N 20  
ARG CB  CG   sing N N 21  
ARG CB  HB2  sing N N 22  
ARG CB  HB3  sing N N 23  
ARG CG  CD   sing N N 24  
ARG CG  HG2  sing N N 25  
ARG CG  HG3  sing N N 26  
ARG CD  NE   sing N N 27  
ARG CD  HD2  sing N N 28  
ARG CD  HD3  sing N N 29  
ARG NE  CZ   sing N N 30  
ARG NE  HE   sing N N 31  
ARG CZ  NH1  sing N N 32  
ARG CZ  NH2  doub N N 33  
ARG NH1 HH11 sing N N 34  
ARG NH1 HH12 sing N N 35  
ARG NH2 HH21 sing N N 36  
ARG NH2 HH22 sing N N 37  
ARG OXT HXT  sing N N 38  
ASP N   CA   sing N N 39  
ASP N   H    sing N N 40  
ASP N   H2   sing N N 41  
ASP CA  C    sing N N 42  
ASP CA  CB   sing N N 43  
ASP CA  HA   sing N N 44  
ASP C   O    doub N N 45  
ASP C   OXT  sing N N 46  
ASP CB  CG   sing N N 47  
ASP CB  HB2  sing N N 48  
ASP CB  HB3  sing N N 49  
ASP CG  OD1  doub N N 50  
ASP CG  OD2  sing N N 51  
ASP OD2 HD2  sing N N 52  
ASP OXT HXT  sing N N 53  
GLN N   CA   sing N N 54  
GLN N   H    sing N N 55  
GLN N   H2   sing N N 56  
GLN CA  C    sing N N 57  
GLN CA  CB   sing N N 58  
GLN CA  HA   sing N N 59  
GLN C   O    doub N N 60  
GLN C   OXT  sing N N 61  
GLN CB  CG   sing N N 62  
GLN CB  HB2  sing N N 63  
GLN CB  HB3  sing N N 64  
GLN CG  CD   sing N N 65  
GLN CG  HG2  sing N N 66  
GLN CG  HG3  sing N N 67  
GLN CD  OE1  doub N N 68  
GLN CD  NE2  sing N N 69  
GLN NE2 HE21 sing N N 70  
GLN NE2 HE22 sing N N 71  
GLN OXT HXT  sing N N 72  
GLU N   CA   sing N N 73  
GLU N   H    sing N N 74  
GLU N   H2   sing N N 75  
GLU CA  C    sing N N 76  
GLU CA  CB   sing N N 77  
GLU CA  HA   sing N N 78  
GLU C   O    doub N N 79  
GLU C   OXT  sing N N 80  
GLU CB  CG   sing N N 81  
GLU CB  HB2  sing N N 82  
GLU CB  HB3  sing N N 83  
GLU CG  CD   sing N N 84  
GLU CG  HG2  sing N N 85  
GLU CG  HG3  sing N N 86  
GLU CD  OE1  doub N N 87  
GLU CD  OE2  sing N N 88  
GLU OE2 HE2  sing N N 89  
GLU OXT HXT  sing N N 90  
GLY N   CA   sing N N 91  
GLY N   H    sing N N 92  
GLY N   H2   sing N N 93  
GLY CA  C    sing N N 94  
GLY CA  HA2  sing N N 95  
GLY CA  HA3  sing N N 96  
GLY C   O    doub N N 97  
GLY C   OXT  sing N N 98  
GLY OXT HXT  sing N N 99  
HIS N   CA   sing N N 100 
HIS N   H    sing N N 101 
HIS N   H2   sing N N 102 
HIS CA  C    sing N N 103 
HIS CA  CB   sing N N 104 
HIS CA  HA   sing N N 105 
HIS C   O    doub N N 106 
HIS C   OXT  sing N N 107 
HIS CB  CG   sing N N 108 
HIS CB  HB2  sing N N 109 
HIS CB  HB3  sing N N 110 
HIS CG  ND1  sing Y N 111 
HIS CG  CD2  doub Y N 112 
HIS ND1 CE1  doub Y N 113 
HIS ND1 HD1  sing N N 114 
HIS CD2 NE2  sing Y N 115 
HIS CD2 HD2  sing N N 116 
HIS CE1 NE2  sing Y N 117 
HIS CE1 HE1  sing N N 118 
HIS NE2 HE2  sing N N 119 
HIS OXT HXT  sing N N 120 
HOH O   H1   sing N N 121 
HOH O   H2   sing N N 122 
ILE N   CA   sing N N 123 
ILE N   H    sing N N 124 
ILE N   H2   sing N N 125 
ILE CA  C    sing N N 126 
ILE CA  CB   sing N N 127 
ILE CA  HA   sing N N 128 
ILE C   O    doub N N 129 
ILE C   OXT  sing N N 130 
ILE CB  CG1  sing N N 131 
ILE CB  CG2  sing N N 132 
ILE CB  HB   sing N N 133 
ILE CG1 CD1  sing N N 134 
ILE CG1 HG12 sing N N 135 
ILE CG1 HG13 sing N N 136 
ILE CG2 HG21 sing N N 137 
ILE CG2 HG22 sing N N 138 
ILE CG2 HG23 sing N N 139 
ILE CD1 HD11 sing N N 140 
ILE CD1 HD12 sing N N 141 
ILE CD1 HD13 sing N N 142 
ILE OXT HXT  sing N N 143 
LEU N   CA   sing N N 144 
LEU N   H    sing N N 145 
LEU N   H2   sing N N 146 
LEU CA  C    sing N N 147 
LEU CA  CB   sing N N 148 
LEU CA  HA   sing N N 149 
LEU C   O    doub N N 150 
LEU C   OXT  sing N N 151 
LEU CB  CG   sing N N 152 
LEU CB  HB2  sing N N 153 
LEU CB  HB3  sing N N 154 
LEU CG  CD1  sing N N 155 
LEU CG  CD2  sing N N 156 
LEU CG  HG   sing N N 157 
LEU CD1 HD11 sing N N 158 
LEU CD1 HD12 sing N N 159 
LEU CD1 HD13 sing N N 160 
LEU CD2 HD21 sing N N 161 
LEU CD2 HD22 sing N N 162 
LEU CD2 HD23 sing N N 163 
LEU OXT HXT  sing N N 164 
LYS N   CA   sing N N 165 
LYS N   H    sing N N 166 
LYS N   H2   sing N N 167 
LYS CA  C    sing N N 168 
LYS CA  CB   sing N N 169 
LYS CA  HA   sing N N 170 
LYS C   O    doub N N 171 
LYS C   OXT  sing N N 172 
LYS CB  CG   sing N N 173 
LYS CB  HB2  sing N N 174 
LYS CB  HB3  sing N N 175 
LYS CG  CD   sing N N 176 
LYS CG  HG2  sing N N 177 
LYS CG  HG3  sing N N 178 
LYS CD  CE   sing N N 179 
LYS CD  HD2  sing N N 180 
LYS CD  HD3  sing N N 181 
LYS CE  NZ   sing N N 182 
LYS CE  HE2  sing N N 183 
LYS CE  HE3  sing N N 184 
LYS NZ  HZ1  sing N N 185 
LYS NZ  HZ2  sing N N 186 
LYS NZ  HZ3  sing N N 187 
LYS OXT HXT  sing N N 188 
MET N   CA   sing N N 189 
MET N   H    sing N N 190 
MET N   H2   sing N N 191 
MET CA  C    sing N N 192 
MET CA  CB   sing N N 193 
MET CA  HA   sing N N 194 
MET C   O    doub N N 195 
MET C   OXT  sing N N 196 
MET CB  CG   sing N N 197 
MET CB  HB2  sing N N 198 
MET CB  HB3  sing N N 199 
MET CG  SD   sing N N 200 
MET CG  HG2  sing N N 201 
MET CG  HG3  sing N N 202 
MET SD  CE   sing N N 203 
MET CE  HE1  sing N N 204 
MET CE  HE2  sing N N 205 
MET CE  HE3  sing N N 206 
MET OXT HXT  sing N N 207 
PHE N   CA   sing N N 208 
PHE N   H    sing N N 209 
PHE N   H2   sing N N 210 
PHE CA  C    sing N N 211 
PHE CA  CB   sing N N 212 
PHE CA  HA   sing N N 213 
PHE C   O    doub N N 214 
PHE C   OXT  sing N N 215 
PHE CB  CG   sing N N 216 
PHE CB  HB2  sing N N 217 
PHE CB  HB3  sing N N 218 
PHE CG  CD1  doub Y N 219 
PHE CG  CD2  sing Y N 220 
PHE CD1 CE1  sing Y N 221 
PHE CD1 HD1  sing N N 222 
PHE CD2 CE2  doub Y N 223 
PHE CD2 HD2  sing N N 224 
PHE CE1 CZ   doub Y N 225 
PHE CE1 HE1  sing N N 226 
PHE CE2 CZ   sing Y N 227 
PHE CE2 HE2  sing N N 228 
PHE CZ  HZ   sing N N 229 
PHE OXT HXT  sing N N 230 
PRO N   CA   sing N N 231 
PRO N   CD   sing N N 232 
PRO N   H    sing N N 233 
PRO CA  C    sing N N 234 
PRO CA  CB   sing N N 235 
PRO CA  HA   sing N N 236 
PRO C   O    doub N N 237 
PRO C   OXT  sing N N 238 
PRO CB  CG   sing N N 239 
PRO CB  HB2  sing N N 240 
PRO CB  HB3  sing N N 241 
PRO CG  CD   sing N N 242 
PRO CG  HG2  sing N N 243 
PRO CG  HG3  sing N N 244 
PRO CD  HD2  sing N N 245 
PRO CD  HD3  sing N N 246 
PRO OXT HXT  sing N N 247 
SER N   CA   sing N N 248 
SER N   H    sing N N 249 
SER N   H2   sing N N 250 
SER CA  C    sing N N 251 
SER CA  CB   sing N N 252 
SER CA  HA   sing N N 253 
SER C   O    doub N N 254 
SER C   OXT  sing N N 255 
SER CB  OG   sing N N 256 
SER CB  HB2  sing N N 257 
SER CB  HB3  sing N N 258 
SER OG  HG   sing N N 259 
SER OXT HXT  sing N N 260 
THR N   CA   sing N N 261 
THR N   H    sing N N 262 
THR N   H2   sing N N 263 
THR CA  C    sing N N 264 
THR CA  CB   sing N N 265 
THR CA  HA   sing N N 266 
THR C   O    doub N N 267 
THR C   OXT  sing N N 268 
THR CB  OG1  sing N N 269 
THR CB  CG2  sing N N 270 
THR CB  HB   sing N N 271 
THR OG1 HG1  sing N N 272 
THR CG2 HG21 sing N N 273 
THR CG2 HG22 sing N N 274 
THR CG2 HG23 sing N N 275 
THR OXT HXT  sing N N 276 
TYR N   CA   sing N N 277 
TYR N   H    sing N N 278 
TYR N   H2   sing N N 279 
TYR CA  C    sing N N 280 
TYR CA  CB   sing N N 281 
TYR CA  HA   sing N N 282 
TYR C   O    doub N N 283 
TYR C   OXT  sing N N 284 
TYR CB  CG   sing N N 285 
TYR CB  HB2  sing N N 286 
TYR CB  HB3  sing N N 287 
TYR CG  CD1  doub Y N 288 
TYR CG  CD2  sing Y N 289 
TYR CD1 CE1  sing Y N 290 
TYR CD1 HD1  sing N N 291 
TYR CD2 CE2  doub Y N 292 
TYR CD2 HD2  sing N N 293 
TYR CE1 CZ   doub Y N 294 
TYR CE1 HE1  sing N N 295 
TYR CE2 CZ   sing Y N 296 
TYR CE2 HE2  sing N N 297 
TYR CZ  OH   sing N N 298 
TYR OH  HH   sing N N 299 
TYR OXT HXT  sing N N 300 
VAL N   CA   sing N N 301 
VAL N   H    sing N N 302 
VAL N   H2   sing N N 303 
VAL CA  C    sing N N 304 
VAL CA  CB   sing N N 305 
VAL CA  HA   sing N N 306 
VAL C   O    doub N N 307 
VAL C   OXT  sing N N 308 
VAL CB  CG1  sing N N 309 
VAL CB  CG2  sing N N 310 
VAL CB  HB   sing N N 311 
VAL CG1 HG11 sing N N 312 
VAL CG1 HG12 sing N N 313 
VAL CG1 HG13 sing N N 314 
VAL CG2 HG21 sing N N 315 
VAL CG2 HG22 sing N N 316 
VAL CG2 HG23 sing N N 317 
VAL OXT HXT  sing N N 318 
# 
_atom_sites.entry_id                    1QSD 
_atom_sites.fract_transf_matrix[1][1]   -0.00866329 
_atom_sites.fract_transf_matrix[1][2]   -0.01371809 
_atom_sites.fract_transf_matrix[1][3]   0.01621275 
_atom_sites.fract_transf_matrix[2][1]   -0.00658143 
_atom_sites.fract_transf_matrix[2][2]   -0.00258280 
_atom_sites.fract_transf_matrix[2][3]   -0.00570217 
_atom_sites.fract_transf_matrix[3][1]   0.00944811 
_atom_sites.fract_transf_matrix[3][2]   -0.01868525 
_atom_sites.fract_transf_matrix[3][3]   -0.00244150 
_atom_sites.fract_transf_vector[1]      0.738089 
_atom_sites.fract_transf_vector[2]      0.251117 
_atom_sites.fract_transf_vector[3]      -0.249319 
# 
loop_
_atom_type.symbol 
C 
N 
O 
# 
loop_
_atom_site.group_PDB 
_atom_site.id 
_atom_site.type_symbol 
_atom_site.label_atom_id 
_atom_site.label_alt_id 
_atom_site.label_comp_id 
_atom_site.label_asym_id 
_atom_site.label_entity_id 
_atom_site.label_seq_id 
_atom_site.pdbx_PDB_ins_code 
_atom_site.Cartn_x 
_atom_site.Cartn_y 
_atom_site.Cartn_z 
_atom_site.occupancy 
_atom_site.B_iso_or_equiv 
_atom_site.pdbx_formal_charge 
_atom_site.auth_seq_id 
_atom_site.auth_comp_id 
_atom_site.auth_asym_id 
_atom_site.auth_atom_id 
_atom_site.pdbx_PDB_model_num 
ATOM   1    N N   . THR A 1 4   ? -13.956 -19.374 -15.447 1.00 19.60 ? 4   THR A N   1 
ATOM   2    C CA  . THR A 1 4   ? -14.677 -18.749 -16.608 1.00 18.81 ? 4   THR A CA  1 
ATOM   3    C C   . THR A 1 4   ? -14.247 -17.304 -16.653 1.00 18.70 ? 4   THR A C   1 
ATOM   4    O O   . THR A 1 4   ? -13.823 -16.757 -15.620 1.00 16.51 ? 4   THR A O   1 
ATOM   5    C CB  . THR A 1 4   ? -16.214 -18.743 -16.437 1.00 20.64 ? 4   THR A CB  1 
ATOM   6    O OG1 . THR A 1 4   ? -16.555 -17.963 -15.285 1.00 23.51 ? 4   THR A OG1 1 
ATOM   7    C CG2 . THR A 1 4   ? -16.749 -20.160 -16.254 1.00 20.28 ? 4   THR A CG2 1 
ATOM   8    N N   . GLN A 1 5   ? -14.360 -16.691 -17.835 1.00 17.57 ? 5   GLN A N   1 
ATOM   9    C CA  . GLN A 1 5   ? -13.995 -15.301 -18.028 1.00 18.63 ? 5   GLN A CA  1 
ATOM   10   C C   . GLN A 1 5   ? -14.812 -14.369 -17.113 1.00 19.17 ? 5   GLN A C   1 
ATOM   11   O O   . GLN A 1 5   ? -14.277 -13.406 -16.571 1.00 20.96 ? 5   GLN A O   1 
ATOM   12   C CB  . GLN A 1 5   ? -14.144 -14.915 -19.496 1.00 19.06 ? 5   GLN A CB  1 
ATOM   13   C CG  . GLN A 1 5   ? -13.461 -13.605 -19.822 1.00 21.40 ? 5   GLN A CG  1 
ATOM   14   C CD  . GLN A 1 5   ? -13.440 -13.274 -21.295 1.00 22.47 ? 5   GLN A CD  1 
ATOM   15   O OE1 . GLN A 1 5   ? -12.661 -12.427 -21.740 1.00 22.10 ? 5   GLN A OE1 1 
ATOM   16   N NE2 . GLN A 1 5   ? -14.314 -13.915 -22.061 1.00 25.40 ? 5   GLN A NE2 1 
ATOM   17   N N   . LEU A 1 6   ? -16.089 -14.688 -16.912 1.00 19.00 ? 6   LEU A N   1 
ATOM   18   C CA  . LEU A 1 6   ? -16.939 -13.918 -16.024 1.00 19.73 ? 6   LEU A CA  1 
ATOM   19   C C   . LEU A 1 6   ? -16.317 -13.886 -14.617 1.00 22.14 ? 6   LEU A C   1 
ATOM   20   O O   . LEU A 1 6   ? -16.075 -12.805 -14.055 1.00 18.53 ? 6   LEU A O   1 
ATOM   21   C CB  . LEU A 1 6   ? -18.350 -14.525 -15.952 1.00 18.04 ? 6   LEU A CB  1 
ATOM   22   C CG  . LEU A 1 6   ? -19.302 -13.797 -14.975 1.00 18.55 ? 6   LEU A CG  1 
ATOM   23   C CD1 . LEU A 1 6   ? -19.432 -12.317 -15.376 1.00 15.78 ? 6   LEU A CD1 1 
ATOM   24   C CD2 . LEU A 1 6   ? -20.679 -14.486 -14.941 1.00 17.65 ? 6   LEU A CD2 1 
ATOM   25   N N   . ASP A 1 7   ? -16.050 -15.072 -14.064 1.00 22.94 ? 7   ASP A N   1 
ATOM   26   C CA  . ASP A 1 7   ? -15.468 -15.186 -12.726 1.00 24.48 ? 7   ASP A CA  1 
ATOM   27   C C   . ASP A 1 7   ? -14.147 -14.418 -12.593 1.00 24.18 ? 7   ASP A C   1 
ATOM   28   O O   . ASP A 1 7   ? -13.864 -13.831 -11.538 1.00 23.50 ? 7   ASP A O   1 
ATOM   29   C CB  . ASP A 1 7   ? -15.239 -16.655 -12.345 1.00 26.55 ? 7   ASP A CB  1 
ATOM   30   C CG  . ASP A 1 7   ? -16.518 -17.484 -12.374 1.00 32.80 ? 7   ASP A CG  1 
ATOM   31   O OD1 . ASP A 1 7   ? -16.418 -18.732 -12.528 1.00 36.46 ? 7   ASP A OD1 1 
ATOM   32   O OD2 . ASP A 1 7   ? -17.622 -16.902 -12.239 1.00 32.36 ? 7   ASP A OD2 1 
ATOM   33   N N   . ILE A 1 8   ? -13.333 -14.441 -13.647 1.00 19.35 ? 8   ILE A N   1 
ATOM   34   C CA  . ILE A 1 8   ? -12.055 -13.751 -13.602 1.00 19.91 ? 8   ILE A CA  1 
ATOM   35   C C   . ILE A 1 8   ? -12.281 -12.247 -13.495 1.00 18.65 ? 8   ILE A C   1 
ATOM   36   O O   . ILE A 1 8   ? -11.654 -11.593 -12.658 1.00 18.14 ? 8   ILE A O   1 
ATOM   37   C CB  . ILE A 1 8   ? -11.128 -14.118 -14.823 1.00 20.22 ? 8   ILE A CB  1 
ATOM   38   C CG1 . ILE A 1 8   ? -10.622 -15.567 -14.688 1.00 20.42 ? 8   ILE A CG1 1 
ATOM   39   C CG2 . ILE A 1 8   ? -9.898  -13.200 -14.860 1.00 19.62 ? 8   ILE A CG2 1 
ATOM   40   C CD1 . ILE A 1 8   ? -10.076 -16.152 -15.993 1.00 23.96 ? 8   ILE A CD1 1 
ATOM   41   N N   . LYS A 1 9   ? -13.175 -11.706 -14.327 1.00 18.41 ? 9   LYS A N   1 
ATOM   42   C CA  . LYS A 1 9   ? -13.481 -10.271 -14.298 1.00 16.95 ? 9   LYS A CA  1 
ATOM   43   C C   . LYS A 1 9   ? -14.094 -9.863  -12.949 1.00 15.88 ? 9   LYS A C   1 
ATOM   44   O O   . LYS A 1 9   ? -13.658 -8.891  -12.358 1.00 16.99 ? 9   LYS A O   1 
ATOM   45   C CB  . LYS A 1 9   ? -14.390 -9.879  -15.466 1.00 16.26 ? 9   LYS A CB  1 
ATOM   46   C CG  . LYS A 1 9   ? -13.703 -10.038 -16.820 1.00 12.19 ? 9   LYS A CG  1 
ATOM   47   C CD  . LYS A 1 9   ? -14.538 -9.538  -17.956 1.00 11.98 ? 9   LYS A CD  1 
ATOM   48   C CE  . LYS A 1 9   ? -13.838 -9.823  -19.284 1.00 11.32 ? 9   LYS A CE  1 
ATOM   49   N NZ  . LYS A 1 9   ? -12.491 -9.181  -19.402 1.00 8.00  ? 9   LYS A NZ  1 
ATOM   50   N N   . VAL A 1 10  ? -15.026 -10.648 -12.418 1.00 15.01 ? 10  VAL A N   1 
ATOM   51   C CA  . VAL A 1 10  ? -15.625 -10.329 -11.128 1.00 14.80 ? 10  VAL A CA  1 
ATOM   52   C C   . VAL A 1 10  ? -14.560 -10.278 -10.046 1.00 18.51 ? 10  VAL A C   1 
ATOM   53   O O   . VAL A 1 10  ? -14.455 -9.289  -9.333  1.00 19.41 ? 10  VAL A O   1 
ATOM   54   C CB  . VAL A 1 10  ? -16.682 -11.349 -10.711 1.00 11.84 ? 10  VAL A CB  1 
ATOM   55   C CG1 . VAL A 1 10  ? -17.185 -11.038 -9.323  1.00 13.02 ? 10  VAL A CG1 1 
ATOM   56   C CG2 . VAL A 1 10  ? -17.844 -11.342 -11.695 1.00 13.48 ? 10  VAL A CG2 1 
ATOM   57   N N   . LYS A 1 11  ? -13.750 -11.331 -9.943  1.00 20.74 ? 11  LYS A N   1 
ATOM   58   C CA  . LYS A 1 11  ? -12.691 -11.389 -8.933  1.00 22.12 ? 11  LYS A CA  1 
ATOM   59   C C   . LYS A 1 11  ? -11.675 -10.263 -9.065  1.00 21.20 ? 11  LYS A C   1 
ATOM   60   O O   . LYS A 1 11  ? -11.246 -9.680  -8.060  1.00 19.71 ? 11  LYS A O   1 
ATOM   61   C CB  . LYS A 1 11  ? -11.993 -12.750 -8.956  1.00 25.94 ? 11  LYS A CB  1 
ATOM   62   C CG  . LYS A 1 11  ? -12.827 -13.838 -8.316  1.00 31.95 ? 11  LYS A CG  1 
ATOM   63   C CD  . LYS A 1 11  ? -12.228 -15.220 -8.506  1.00 38.53 ? 11  LYS A CD  1 
ATOM   64   C CE  . LYS A 1 11  ? -13.116 -16.276 -7.844  1.00 42.07 ? 11  LYS A CE  1 
ATOM   65   N NZ  . LYS A 1 11  ? -12.647 -17.674 -8.106  1.00 49.23 ? 11  LYS A NZ  1 
ATOM   66   N N   . ALA A 1 12  ? -11.306 -9.954  -10.302 1.00 17.66 ? 12  ALA A N   1 
ATOM   67   C CA  . ALA A 1 12  ? -10.357 -8.887  -10.554 1.00 18.62 ? 12  ALA A CA  1 
ATOM   68   C C   . ALA A 1 12  ? -10.869 -7.614  -9.869  1.00 19.67 ? 12  ALA A C   1 
ATOM   69   O O   . ALA A 1 12  ? -10.126 -6.978  -9.112  1.00 19.69 ? 12  ALA A O   1 
ATOM   70   C CB  . ALA A 1 12  ? -10.191 -8.664  -12.055 1.00 10.92 ? 12  ALA A CB  1 
ATOM   71   N N   . LEU A 1 13  ? -12.156 -7.309  -10.065 1.00 18.42 ? 13  LEU A N   1 
ATOM   72   C CA  . LEU A 1 13  ? -12.774 -6.120  -9.500  1.00 18.42 ? 13  LEU A CA  1 
ATOM   73   C C   . LEU A 1 13  ? -12.927 -6.173  -7.985  1.00 22.29 ? 13  LEU A C   1 
ATOM   74   O O   . LEU A 1 13  ? -12.617 -5.193  -7.293  1.00 20.59 ? 13  LEU A O   1 
ATOM   75   C CB  . LEU A 1 13  ? -14.133 -5.850  -10.137 1.00 15.62 ? 13  LEU A CB  1 
ATOM   76   C CG  . LEU A 1 13  ? -14.893 -4.605  -9.607  1.00 17.77 ? 13  LEU A CG  1 
ATOM   77   C CD1 . LEU A 1 13  ? -14.072 -3.285  -9.787  1.00 16.59 ? 13  LEU A CD1 1 
ATOM   78   C CD2 . LEU A 1 13  ? -16.245 -4.479  -10.323 1.00 16.97 ? 13  LEU A CD2 1 
ATOM   79   N N   . LYS A 1 14  ? -13.427 -7.299  -7.472  1.00 25.13 ? 14  LYS A N   1 
ATOM   80   C CA  . LYS A 1 14  ? -13.607 -7.465  -6.026  1.00 28.95 ? 14  LYS A CA  1 
ATOM   81   C C   . LYS A 1 14  ? -12.273 -7.337  -5.275  1.00 28.11 ? 14  LYS A C   1 
ATOM   82   O O   . LYS A 1 14  ? -12.222 -6.809  -4.174  1.00 29.29 ? 14  LYS A O   1 
ATOM   83   C CB  . LYS A 1 14  ? -14.286 -8.809  -5.693  1.00 29.79 ? 14  LYS A CB  1 
ATOM   84   C CG  . LYS A 1 14  ? -15.697 -8.936  -6.260  1.00 37.90 ? 14  LYS A CG  1 
ATOM   85   C CD  . LYS A 1 14  ? -16.575 -9.972  -5.518  1.00 43.63 ? 14  LYS A CD  1 
ATOM   86   C CE  . LYS A 1 14  ? -18.067 -9.782  -5.898  1.00 49.59 ? 14  LYS A CE  1 
ATOM   87   N NZ  . LYS A 1 14  ? -19.089 -10.565 -5.114  1.00 50.48 ? 14  LYS A NZ  1 
ATOM   88   N N   . ARG A 1 15  ? -11.189 -7.788  -5.877  1.00 28.22 ? 15  ARG A N   1 
ATOM   89   C CA  . ARG A 1 15  ? -9.916  -7.686  -5.202  1.00 29.09 ? 15  ARG A CA  1 
ATOM   90   C C   . ARG A 1 15  ? -9.385  -6.270  -5.214  1.00 26.27 ? 15  ARG A C   1 
ATOM   91   O O   . ARG A 1 15  ? -8.751  -5.812  -4.254  1.00 24.66 ? 15  ARG A O   1 
ATOM   92   C CB  . ARG A 1 15  ? -8.950  -8.731  -5.740  1.00 34.66 ? 15  ARG A CB  1 
ATOM   93   C CG  . ARG A 1 15  ? -9.530  -10.160 -5.514  1.00 45.76 ? 15  ARG A CG  1 
ATOM   94   C CD  . ARG A 1 15  ? -10.254 -10.273 -4.143  1.00 52.22 ? 15  ARG A CD  1 
ATOM   95   N NE  . ARG A 1 15  ? -10.980 -11.526 -3.885  1.00 56.39 ? 15  ARG A NE  1 
ATOM   96   C CZ  . ARG A 1 15  ? -11.916 -12.062 -4.673  1.00 58.62 ? 15  ARG A CZ  1 
ATOM   97   N NH1 . ARG A 1 15  ? -12.262 -11.486 -5.819  1.00 59.19 ? 15  ARG A NH1 1 
ATOM   98   N NH2 . ARG A 1 15  ? -12.577 -13.148 -4.268  1.00 58.72 ? 15  ARG A NH2 1 
ATOM   99   N N   . LEU A 1 16  ? -9.755  -5.520  -6.235  1.00 24.27 ? 16  LEU A N   1 
ATOM   100  C CA  . LEU A 1 16  ? -9.327  -4.129  -6.291  1.00 26.01 ? 16  LEU A CA  1 
ATOM   101  C C   . LEU A 1 16  ? -10.067 -3.318  -5.218  1.00 25.41 ? 16  LEU A C   1 
ATOM   102  O O   . LEU A 1 16  ? -9.468  -2.505  -4.517  1.00 24.52 ? 16  LEU A O   1 
ATOM   103  C CB  . LEU A 1 16  ? -9.572  -3.520  -7.680  1.00 24.45 ? 16  LEU A CB  1 
ATOM   104  C CG  . LEU A 1 16  ? -8.401  -3.534  -8.651  1.00 24.75 ? 16  LEU A CG  1 
ATOM   105  C CD1 . LEU A 1 16  ? -8.702  -2.631  -9.836  1.00 24.67 ? 16  LEU A CD1 1 
ATOM   106  C CD2 . LEU A 1 16  ? -7.176  -3.021  -7.931  1.00 27.94 ? 16  LEU A CD2 1 
ATOM   107  N N   . THR A 1 17  ? -11.364 -3.557  -5.066  1.00 25.52 ? 17  THR A N   1 
ATOM   108  C CA  . THR A 1 17  ? -12.119 -2.815  -4.067  1.00 26.53 ? 17  THR A CA  1 
ATOM   109  C C   . THR A 1 17  ? -11.710 -3.208  -2.653  1.00 27.50 ? 17  THR A C   1 
ATOM   110  O O   . THR A 1 17  ? -11.773 -2.386  -1.749  1.00 30.40 ? 17  THR A O   1 
ATOM   111  C CB  . THR A 1 17  ? -13.664 -2.906  -4.263  1.00 27.13 ? 17  THR A CB  1 
ATOM   112  O OG1 . THR A 1 17  ? -14.128 -4.222  -3.932  1.00 31.30 ? 17  THR A OG1 1 
ATOM   113  C CG2 . THR A 1 17  ? -14.043 -2.536  -5.708  1.00 22.70 ? 17  THR A CG2 1 
ATOM   114  N N   . LYS A 1 18  ? -11.267 -4.444  -2.453  1.00 29.24 ? 18  LYS A N   1 
ATOM   115  C CA  . LYS A 1 18  ? -10.802 -4.864  -1.134  1.00 30.97 ? 18  LYS A CA  1 
ATOM   116  C C   . LYS A 1 18  ? -9.413  -4.236  -0.850  1.00 32.29 ? 18  LYS A C   1 
ATOM   117  O O   . LYS A 1 18  ? -9.090  -3.914  0.300   1.00 31.49 ? 18  LYS A O   1 
ATOM   118  C CB  . LYS A 1 18  ? -10.729 -6.382  -1.049  1.00 37.17 ? 18  LYS A CB  1 
ATOM   119  C CG  . LYS A 1 18  ? -10.617 -6.905  0.370   1.00 44.16 ? 18  LYS A CG  1 
ATOM   120  C CD  . LYS A 1 18  ? -10.279 -8.399  0.421   1.00 49.62 ? 18  LYS A CD  1 
ATOM   121  C CE  . LYS A 1 18  ? -10.115 -8.863  1.863   1.00 51.34 ? 18  LYS A CE  1 
ATOM   122  N NZ  . LYS A 1 18  ? -9.497  -10.206 1.950   1.00 53.98 ? 18  LYS A NZ  1 
ATOM   123  N N   . GLU A 1 19  ? -8.589  -4.070  -1.887  1.00 32.72 ? 19  GLU A N   1 
ATOM   124  C CA  . GLU A 1 19  ? -7.266  -3.440  -1.741  1.00 33.39 ? 19  GLU A CA  1 
ATOM   125  C C   . GLU A 1 19  ? -7.422  -1.963  -1.311  1.00 34.66 ? 19  GLU A C   1 
ATOM   126  O O   . GLU A 1 19  ? -6.726  -1.487  -0.409  1.00 34.62 ? 19  GLU A O   1 
ATOM   127  C CB  . GLU A 1 19  ? -6.490  -3.534  -3.058  1.00 34.40 ? 19  GLU A CB  1 
ATOM   128  C CG  . GLU A 1 19  ? -5.248  -2.660  -3.121  1.00 40.63 ? 19  GLU A CG  1 
ATOM   129  C CD  . GLU A 1 19  ? -4.376  -2.908  -4.358  1.00 43.01 ? 19  GLU A CD  1 
ATOM   130  O OE1 . GLU A 1 19  ? -3.374  -2.172  -4.530  1.00 44.50 ? 19  GLU A OE1 1 
ATOM   131  O OE2 . GLU A 1 19  ? -4.672  -3.839  -5.144  1.00 45.52 ? 19  GLU A OE2 1 
ATOM   132  N N   . GLU A 1 20  ? -8.353  -1.251  -1.943  1.00 33.82 ? 20  GLU A N   1 
ATOM   133  C CA  . GLU A 1 20  ? -8.638  0.150   -1.628  1.00 33.24 ? 20  GLU A CA  1 
ATOM   134  C C   . GLU A 1 20  ? -8.972  0.294   -0.148  1.00 32.94 ? 20  GLU A C   1 
ATOM   135  O O   . GLU A 1 20  ? -8.576  1.267   0.494   1.00 32.45 ? 20  GLU A O   1 
ATOM   136  C CB  . GLU A 1 20  ? -9.827  0.634   -2.465  1.00 33.83 ? 20  GLU A CB  1 
ATOM   137  C CG  . GLU A 1 20  ? -10.139 2.113   -2.363  1.00 34.29 ? 20  GLU A CG  1 
ATOM   138  C CD  . GLU A 1 20  ? -11.180 2.453   -1.298  1.00 36.95 ? 20  GLU A CD  1 
ATOM   139  O OE1 . GLU A 1 20  ? -11.762 1.546   -0.665  1.00 33.68 ? 20  GLU A OE1 1 
ATOM   140  O OE2 . GLU A 1 20  ? -11.433 3.657   -1.104  1.00 40.40 ? 20  GLU A OE2 1 
ATOM   141  N N   . GLY A 1 21  ? -9.749  -0.649  0.374   1.00 32.21 ? 21  GLY A N   1 
ATOM   142  C CA  . GLY A 1 21  ? -10.124 -0.624  1.776   1.00 34.26 ? 21  GLY A CA  1 
ATOM   143  C C   . GLY A 1 21  ? -8.921  -0.822  2.670   1.00 36.83 ? 21  GLY A C   1 
ATOM   144  O O   . GLY A 1 21  ? -8.831  -0.234  3.737   1.00 35.36 ? 21  GLY A O   1 
ATOM   145  N N   . TYR A 1 22  ? -8.001  -1.674  2.237   1.00 42.45 ? 22  TYR A N   1 
ATOM   146  C CA  . TYR A 1 22  ? -6.771  -1.933  2.974   1.00 48.01 ? 22  TYR A CA  1 
ATOM   147  C C   . TYR A 1 22  ? -5.928  -0.673  3.019   1.00 49.42 ? 22  TYR A C   1 
ATOM   148  O O   . TYR A 1 22  ? -5.498  -0.245  4.086   1.00 48.90 ? 22  TYR A O   1 
ATOM   149  C CB  . TYR A 1 22  ? -5.987  -3.066  2.306   1.00 52.56 ? 22  TYR A CB  1 
ATOM   150  C CG  . TYR A 1 22  ? -6.505  -4.436  2.676   1.00 59.58 ? 22  TYR A CG  1 
ATOM   151  C CD1 . TYR A 1 22  ? -7.574  -4.575  3.577   1.00 61.44 ? 22  TYR A CD1 1 
ATOM   152  C CD2 . TYR A 1 22  ? -5.900  -5.597  2.181   1.00 61.23 ? 22  TYR A CD2 1 
ATOM   153  C CE1 . TYR A 1 22  ? -8.026  -5.829  3.978   1.00 63.62 ? 22  TYR A CE1 1 
ATOM   154  C CE2 . TYR A 1 22  ? -6.346  -6.865  2.576   1.00 64.37 ? 22  TYR A CE2 1 
ATOM   155  C CZ  . TYR A 1 22  ? -7.410  -6.973  3.479   1.00 64.38 ? 22  TYR A CZ  1 
ATOM   156  O OH  . TYR A 1 22  ? -7.855  -8.218  3.880   1.00 64.80 ? 22  TYR A OH  1 
ATOM   157  N N   . TYR A 1 23  ? -5.720  -0.064  1.857   1.00 51.39 ? 23  TYR A N   1 
ATOM   158  C CA  . TYR A 1 23  ? -4.936  1.159   1.753   1.00 53.27 ? 23  TYR A CA  1 
ATOM   159  C C   . TYR A 1 23  ? -5.603  2.322   2.500   1.00 52.97 ? 23  TYR A C   1 
ATOM   160  O O   . TYR A 1 23  ? -4.921  3.196   3.040   1.00 53.32 ? 23  TYR A O   1 
ATOM   161  C CB  . TYR A 1 23  ? -4.712  1.516   0.280   1.00 56.90 ? 23  TYR A CB  1 
ATOM   162  C CG  . TYR A 1 23  ? -3.676  0.667   -0.448  1.00 62.33 ? 23  TYR A CG  1 
ATOM   163  C CD1 . TYR A 1 23  ? -3.454  -0.679  -0.113  1.00 64.42 ? 23  TYR A CD1 1 
ATOM   164  C CD2 . TYR A 1 23  ? -2.915  1.215   -1.480  1.00 65.30 ? 23  TYR A CD2 1 
ATOM   165  C CE1 . TYR A 1 23  ? -2.483  -1.457  -0.799  1.00 66.02 ? 23  TYR A CE1 1 
ATOM   166  C CE2 . TYR A 1 23  ? -1.955  0.454   -2.163  1.00 66.84 ? 23  TYR A CE2 1 
ATOM   167  C CZ  . TYR A 1 23  ? -1.738  -0.872  -1.828  1.00 67.19 ? 23  TYR A CZ  1 
ATOM   168  O OH  . TYR A 1 23  ? -0.769  -1.546  -2.554  1.00 67.56 ? 23  TYR A OH  1 
ATOM   169  N N   . GLN A 1 24  ? -6.930  2.315   2.559   1.00 52.17 ? 24  GLN A N   1 
ATOM   170  C CA  . GLN A 1 24  ? -7.661  3.366   3.251   1.00 52.45 ? 24  GLN A CA  1 
ATOM   171  C C   . GLN A 1 24  ? -7.473  3.266   4.768   1.00 53.95 ? 24  GLN A C   1 
ATOM   172  O O   . GLN A 1 24  ? -7.632  4.255   5.477   1.00 53.83 ? 24  GLN A O   1 
ATOM   173  C CB  . GLN A 1 24  ? -9.148  3.319   2.892   1.00 51.98 ? 24  GLN A CB  1 
ATOM   174  C CG  . GLN A 1 24  ? -9.826  4.700   2.762   1.00 52.63 ? 24  GLN A CG  1 
ATOM   175  C CD  . GLN A 1 24  ? -9.471  5.454   1.476   1.00 53.32 ? 24  GLN A CD  1 
ATOM   176  O OE1 . GLN A 1 24  ? -9.447  6.685   1.453   1.00 53.48 ? 24  GLN A OE1 1 
ATOM   177  N NE2 . GLN A 1 24  ? -9.221  4.719   0.401   1.00 55.71 ? 24  GLN A NE2 1 
ATOM   178  N N   . GLN A 1 25  ? -7.146  2.073   5.264   1.00 56.37 ? 25  GLN A N   1 
ATOM   179  C CA  . GLN A 1 25  ? -6.896  1.859   6.702   1.00 57.64 ? 25  GLN A CA  1 
ATOM   180  C C   . GLN A 1 25  ? -5.529  2.455   7.056   1.00 56.30 ? 25  GLN A C   1 
ATOM   181  O O   . GLN A 1 25  ? -5.371  3.111   8.087   1.00 54.88 ? 25  GLN A O   1 
ATOM   182  C CB  . GLN A 1 25  ? -6.836  0.365   7.046   1.00 62.40 ? 25  GLN A CB  1 
ATOM   183  C CG  . GLN A 1 25  ? -8.042  -0.477  6.640   1.00 69.30 ? 25  GLN A CG  1 
ATOM   184  C CD  . GLN A 1 25  ? -7.783  -1.988  6.758   1.00 72.11 ? 25  GLN A CD  1 
ATOM   185  O OE1 . GLN A 1 25  ? -8.691  -2.758  7.089   1.00 74.68 ? 25  GLN A OE1 1 
ATOM   186  N NE2 . GLN A 1 25  ? -6.550  -2.415  6.470   1.00 70.20 ? 25  GLN A NE2 1 
ATOM   187  N N   . GLU A 1 26  ? -4.538  2.167   6.210   1.00 55.20 ? 26  GLU A N   1 
ATOM   188  C CA  . GLU A 1 26  ? -3.173  2.657   6.375   1.00 52.94 ? 26  GLU A CA  1 
ATOM   189  C C   . GLU A 1 26  ? -3.191  4.178   6.423   1.00 50.75 ? 26  GLU A C   1 
ATOM   190  O O   . GLU A 1 26  ? -2.642  4.779   7.341   1.00 48.34 ? 26  GLU A O   1 
ATOM   191  C CB  . GLU A 1 26  ? -2.306  2.192   5.200   1.00 55.45 ? 26  GLU A CB  1 
ATOM   192  C CG  . GLU A 1 26  ? -1.079  1.367   5.592   1.00 61.75 ? 26  GLU A CG  1 
ATOM   193  C CD  . GLU A 1 26  ? 0.181   2.204   5.815   1.00 64.21 ? 26  GLU A CD  1 
ATOM   194  O OE1 . GLU A 1 26  ? 0.592   2.377   6.988   1.00 64.84 ? 26  GLU A OE1 1 
ATOM   195  O OE2 . GLU A 1 26  ? 0.772   2.673   4.812   1.00 64.99 ? 26  GLU A OE2 1 
ATOM   196  N N   . LEU A 1 27  ? -3.854  4.785   5.441   1.00 49.38 ? 27  LEU A N   1 
ATOM   197  C CA  . LEU A 1 27  ? -3.970  6.232   5.333   1.00 48.87 ? 27  LEU A CA  1 
ATOM   198  C C   . LEU A 1 27  ? -4.574  6.865   6.585   1.00 48.88 ? 27  LEU A C   1 
ATOM   199  O O   . LEU A 1 27  ? -4.056  7.858   7.100   1.00 48.75 ? 27  LEU A O   1 
ATOM   200  C CB  . LEU A 1 27  ? -4.819  6.596   4.116   1.00 50.14 ? 27  LEU A CB  1 
ATOM   201  C CG  . LEU A 1 27  ? -4.833  8.075   3.723   1.00 52.81 ? 27  LEU A CG  1 
ATOM   202  C CD1 . LEU A 1 27  ? -3.428  8.514   3.295   1.00 53.99 ? 27  LEU A CD1 1 
ATOM   203  C CD2 . LEU A 1 27  ? -5.812  8.298   2.590   1.00 53.65 ? 27  LEU A CD2 1 
ATOM   204  N N   . LYS A 1 28  ? -5.659  6.280   7.080   1.00 48.62 ? 28  LYS A N   1 
ATOM   205  C CA  . LYS A 1 28  ? -6.341  6.793   8.264   1.00 47.57 ? 28  LYS A CA  1 
ATOM   206  C C   . LYS A 1 28  ? -5.461  6.743   9.505   1.00 47.06 ? 28  LYS A C   1 
ATOM   207  O O   . LYS A 1 28  ? -5.465  7.663   10.323  1.00 45.30 ? 28  LYS A O   1 
ATOM   208  C CB  . LYS A 1 28  ? -7.633  6.019   8.506   1.00 49.44 ? 28  LYS A CB  1 
ATOM   209  C CG  . LYS A 1 28  ? -8.460  6.587   9.629   1.00 54.33 ? 28  LYS A CG  1 
ATOM   210  C CD  . LYS A 1 28  ? -9.920  6.146   9.588   1.00 57.59 ? 28  LYS A CD  1 
ATOM   211  C CE  . LYS A 1 28  ? -10.715 6.905   10.662  1.00 60.41 ? 28  LYS A CE  1 
ATOM   212  N NZ  . LYS A 1 28  ? -12.176 6.608   10.670  1.00 60.82 ? 28  LYS A NZ  1 
ATOM   213  N N   . ASP A 1 29  ? -4.704  5.661   9.633   1.00 47.65 ? 29  ASP A N   1 
ATOM   214  C CA  . ASP A 1 29  ? -3.796  5.459   10.752  1.00 46.80 ? 29  ASP A CA  1 
ATOM   215  C C   . ASP A 1 29  ? -2.605  6.452   10.718  1.00 45.59 ? 29  ASP A C   1 
ATOM   216  O O   . ASP A 1 29  ? -2.114  6.877   11.764  1.00 43.88 ? 29  ASP A O   1 
ATOM   217  C CB  . ASP A 1 29  ? -3.297  4.014   10.735  1.00 51.02 ? 29  ASP A CB  1 
ATOM   218  C CG  . ASP A 1 29  ? -2.506  3.651   11.969  1.00 56.44 ? 29  ASP A CG  1 
ATOM   219  O OD1 . ASP A 1 29  ? -1.296  3.361   11.831  1.00 59.26 ? 29  ASP A OD1 1 
ATOM   220  O OD2 . ASP A 1 29  ? -3.089  3.654   13.081  1.00 60.81 ? 29  ASP A OD2 1 
ATOM   221  N N   . GLN A 1 30  ? -2.151  6.814   9.518   1.00 43.61 ? 30  GLN A N   1 
ATOM   222  C CA  . GLN A 1 30  ? -1.045  7.752   9.347   1.00 42.37 ? 30  GLN A CA  1 
ATOM   223  C C   . GLN A 1 30  ? -1.451  9.197   9.669   1.00 42.26 ? 30  GLN A C   1 
ATOM   224  O O   . GLN A 1 30  ? -0.657  9.958   10.230  1.00 41.68 ? 30  GLN A O   1 
ATOM   225  C CB  . GLN A 1 30  ? -0.460  7.662   7.935   1.00 41.62 ? 30  GLN A CB  1 
ATOM   226  C CG  . GLN A 1 30  ? 0.420   6.437   7.702   1.00 43.66 ? 30  GLN A CG  1 
ATOM   227  C CD  . GLN A 1 30  ? 1.021   6.399   6.306   1.00 43.42 ? 30  GLN A CD  1 
ATOM   228  O OE1 . GLN A 1 30  ? 1.675   7.346   5.872   1.00 43.76 ? 30  GLN A OE1 1 
ATOM   229  N NE2 . GLN A 1 30  ? 0.797   5.309   5.599   1.00 45.50 ? 30  GLN A NE2 1 
ATOM   230  N N   . GLU A 1 31  ? -2.667  9.579   9.301   1.00 40.86 ? 31  GLU A N   1 
ATOM   231  C CA  . GLU A 1 31  ? -3.163  10.923  9.583   1.00 40.72 ? 31  GLU A CA  1 
ATOM   232  C C   . GLU A 1 31  ? -3.343  11.126  11.091  1.00 38.87 ? 31  GLU A C   1 
ATOM   233  O O   . GLU A 1 31  ? -3.193  12.236  11.607  1.00 35.31 ? 31  GLU A O   1 
ATOM   234  C CB  . GLU A 1 31  ? -4.494  11.159  8.873   1.00 42.36 ? 31  GLU A CB  1 
ATOM   235  C CG  . GLU A 1 31  ? -4.360  11.436  7.396   1.00 47.12 ? 31  GLU A CG  1 
ATOM   236  C CD  . GLU A 1 31  ? -5.651  11.206  6.656   1.00 49.51 ? 31  GLU A CD  1 
ATOM   237  O OE1 . GLU A 1 31  ? -6.716  11.486  7.238   1.00 52.20 ? 31  GLU A OE1 1 
ATOM   238  O OE2 . GLU A 1 31  ? -5.608  10.716  5.503   1.00 51.73 ? 31  GLU A OE2 1 
ATOM   239  N N   . ALA A 1 32  ? -3.693  10.052  11.792  1.00 38.43 ? 32  ALA A N   1 
ATOM   240  C CA  . ALA A 1 32  ? -3.885  10.121  13.237  1.00 39.85 ? 32  ALA A CA  1 
ATOM   241  C C   . ALA A 1 32  ? -2.535  10.451  13.856  1.00 41.12 ? 32  ALA A C   1 
ATOM   242  O O   . ALA A 1 32  ? -2.417  11.338  14.711  1.00 41.05 ? 32  ALA A O   1 
ATOM   243  C CB  . ALA A 1 32  ? -4.410  8.780   13.778  1.00 36.48 ? 32  ALA A CB  1 
ATOM   244  N N   . HIS A 1 33  ? -1.509  9.771   13.353  1.00 42.15 ? 33  HIS A N   1 
ATOM   245  C CA  . HIS A 1 33  ? -0.149  9.953   13.819  1.00 43.52 ? 33  HIS A CA  1 
ATOM   246  C C   . HIS A 1 33  ? 0.386   11.356  13.554  1.00 41.33 ? 33  HIS A C   1 
ATOM   247  O O   . HIS A 1 33  ? 0.978   11.969  14.443  1.00 42.02 ? 33  HIS A O   1 
ATOM   248  C CB  . HIS A 1 33  ? 0.775   8.911   13.197  1.00 48.35 ? 33  HIS A CB  1 
ATOM   249  C CG  . HIS A 1 33  ? 2.160   8.925   13.772  1.00 56.60 ? 33  HIS A CG  1 
ATOM   250  N ND1 . HIS A 1 33  ? 2.425   9.335   15.062  1.00 59.53 ? 33  HIS A ND1 1 
ATOM   251  C CD2 . HIS A 1 33  ? 3.347   8.557   13.238  1.00 58.90 ? 33  HIS A CD2 1 
ATOM   252  C CE1 . HIS A 1 33  ? 3.721   9.211   15.303  1.00 60.59 ? 33  HIS A CE1 1 
ATOM   253  N NE2 . HIS A 1 33  ? 4.304   8.745   14.210  1.00 60.17 ? 33  HIS A NE2 1 
ATOM   254  N N   . VAL A 1 34  ? 0.203   11.845  12.331  1.00 39.52 ? 34  VAL A N   1 
ATOM   255  C CA  . VAL A 1 34  ? 0.652   13.183  11.955  1.00 36.83 ? 34  VAL A CA  1 
ATOM   256  C C   . VAL A 1 34  ? -0.093  14.229  12.782  1.00 36.46 ? 34  VAL A C   1 
ATOM   257  O O   . VAL A 1 34  ? 0.496   15.238  13.192  1.00 33.98 ? 34  VAL A O   1 
ATOM   258  C CB  . VAL A 1 34  ? 0.413   13.461  10.449  1.00 35.57 ? 34  VAL A CB  1 
ATOM   259  C CG1 . VAL A 1 34  ? 0.652   14.929  10.131  1.00 35.57 ? 34  VAL A CG1 1 
ATOM   260  C CG2 . VAL A 1 34  ? 1.344   12.603  9.611   1.00 37.12 ? 34  VAL A CG2 1 
ATOM   261  N N   . ALA A 1 35  ? -1.383  13.968  13.030  1.00 36.79 ? 35  ALA A N   1 
ATOM   262  C CA  . ALA A 1 35  ? -2.242  14.863  13.810  1.00 35.64 ? 35  ALA A CA  1 
ATOM   263  C C   . ALA A 1 35  ? -1.657  15.105  15.202  1.00 34.19 ? 35  ALA A C   1 
ATOM   264  O O   . ALA A 1 35  ? -1.547  16.257  15.643  1.00 32.20 ? 35  ALA A O   1 
ATOM   265  C CB  . ALA A 1 35  ? -3.646  14.292  13.914  1.00 35.52 ? 35  ALA A CB  1 
ATOM   266  N N   . LYS A 1 36  ? -1.257  14.020  15.865  1.00 32.58 ? 36  LYS A N   1 
ATOM   267  C CA  . LYS A 1 36  ? -0.656  14.083  17.188  1.00 31.14 ? 36  LYS A CA  1 
ATOM   268  C C   . LYS A 1 36  ? 0.639   14.873  17.214  1.00 29.97 ? 36  LYS A C   1 
ATOM   269  O O   . LYS A 1 36  ? 0.862   15.651  18.136  1.00 30.84 ? 36  LYS A O   1 
ATOM   270  C CB  . LYS A 1 36  ? -0.433  12.687  17.757  1.00 35.11 ? 36  LYS A CB  1 
ATOM   271  C CG  . LYS A 1 36  ? -1.644  12.167  18.499  1.00 42.73 ? 36  LYS A CG  1 
ATOM   272  C CD  . LYS A 1 36  ? -1.339  10.888  19.247  1.00 49.43 ? 36  LYS A CD  1 
ATOM   273  C CE  . LYS A 1 36  ? -2.487  10.486  20.161  1.00 52.10 ? 36  LYS A CE  1 
ATOM   274  N NZ  . LYS A 1 36  ? -2.245  9.131   20.751  1.00 55.09 ? 36  LYS A NZ  1 
ATOM   275  N N   . LEU A 1 37  ? 1.497   14.691  16.219  1.00 26.76 ? 37  LEU A N   1 
ATOM   276  C CA  . LEU A 1 37  ? 2.747   15.453  16.176  1.00 24.00 ? 37  LEU A CA  1 
ATOM   277  C C   . LEU A 1 37  ? 2.518   16.926  15.834  1.00 24.28 ? 37  LEU A C   1 
ATOM   278  O O   . LEU A 1 37  ? 3.323   17.792  16.190  1.00 23.95 ? 37  LEU A O   1 
ATOM   279  C CB  . LEU A 1 37  ? 3.702   14.882  15.139  1.00 20.45 ? 37  LEU A CB  1 
ATOM   280  C CG  . LEU A 1 37  ? 4.231   13.494  15.406  1.00 19.67 ? 37  LEU A CG  1 
ATOM   281  C CD1 . LEU A 1 37  ? 5.184   13.103  14.305  1.00 20.58 ? 37  LEU A CD1 1 
ATOM   282  C CD2 . LEU A 1 37  ? 4.911   13.492  16.735  1.00 20.57 ? 37  LEU A CD2 1 
ATOM   283  N N   . LYS A 1 38  ? 1.470   17.201  15.065  1.00 25.15 ? 38  LYS A N   1 
ATOM   284  C CA  . LYS A 1 38  ? 1.157   18.568  14.663  1.00 26.14 ? 38  LYS A CA  1 
ATOM   285  C C   . LYS A 1 38  ? 0.590   19.417  15.810  1.00 24.94 ? 38  LYS A C   1 
ATOM   286  O O   . LYS A 1 38  ? 0.839   20.611  15.874  1.00 23.78 ? 38  LYS A O   1 
ATOM   287  C CB  . LYS A 1 38  ? 0.213   18.549  13.474  1.00 26.97 ? 38  LYS A CB  1 
ATOM   288  C CG  . LYS A 1 38  ? 0.428   19.688  12.545  1.00 30.49 ? 38  LYS A CG  1 
ATOM   289  C CD  . LYS A 1 38  ? -0.138  19.331  11.198  1.00 36.62 ? 38  LYS A CD  1 
ATOM   290  C CE  . LYS A 1 38  ? -0.088  20.526  10.260  1.00 44.67 ? 38  LYS A CE  1 
ATOM   291  N NZ  . LYS A 1 38  ? -0.470  20.146  8.862   1.00 46.09 ? 38  LYS A NZ  1 
ATOM   292  N N   . GLU A 1 39  ? -0.163  18.796  16.710  1.00 23.50 ? 39  GLU A N   1 
ATOM   293  C CA  . GLU A 1 39  ? -0.732  19.492  17.863  1.00 27.47 ? 39  GLU A CA  1 
ATOM   294  C C   . GLU A 1 39  ? 0.351   19.843  18.897  1.00 26.43 ? 39  GLU A C   1 
ATOM   295  O O   . GLU A 1 39  ? 0.329   20.908  19.508  1.00 27.99 ? 39  GLU A O   1 
ATOM   296  C CB  . GLU A 1 39  ? -1.824  18.639  18.504  1.00 29.46 ? 39  GLU A CB  1 
ATOM   297  C CG  . GLU A 1 39  ? -3.019  18.393  17.581  1.00 40.61 ? 39  GLU A CG  1 
ATOM   298  C CD  . GLU A 1 39  ? -4.096  17.537  18.235  1.00 46.86 ? 39  GLU A CD  1 
ATOM   299  O OE1 . GLU A 1 39  ? -4.606  16.604  17.568  1.00 52.08 ? 39  GLU A OE1 1 
ATOM   300  O OE2 . GLU A 1 39  ? -4.430  17.800  19.418  1.00 50.26 ? 39  GLU A OE2 1 
ATOM   301  N N   . ASP A 1 40  ? 1.314   18.948  19.067  1.00 23.87 ? 40  ASP A N   1 
ATOM   302  C CA  . ASP A 1 40  ? 2.402   19.156  19.998  1.00 18.53 ? 40  ASP A CA  1 
ATOM   303  C C   . ASP A 1 40  ? 3.404   20.171  19.407  1.00 17.54 ? 40  ASP A C   1 
ATOM   304  O O   . ASP A 1 40  ? 4.203   19.874  18.524  1.00 12.89 ? 40  ASP A O   1 
ATOM   305  C CB  . ASP A 1 40  ? 3.073   17.811  20.312  1.00 19.41 ? 40  ASP A CB  1 
ATOM   306  C CG  . ASP A 1 40  ? 4.027   17.888  21.472  1.00 20.54 ? 40  ASP A CG  1 
ATOM   307  O OD1 . ASP A 1 40  ? 4.355   16.842  22.060  1.00 27.58 ? 40  ASP A OD1 1 
ATOM   308  O OD2 . ASP A 1 40  ? 4.446   19.002  21.820  1.00 23.11 ? 40  ASP A OD2 1 
ATOM   309  N N   . LYS A 1 41  ? 3.378   21.383  19.919  1.00 17.30 ? 41  LYS A N   1 
ATOM   310  C CA  . LYS A 1 41  ? 4.287   22.403  19.429  1.00 17.03 ? 41  LYS A CA  1 
ATOM   311  C C   . LYS A 1 41  ? 5.727   22.208  19.896  1.00 17.42 ? 41  LYS A C   1 
ATOM   312  O O   . LYS A 1 41  ? 6.610   22.931  19.463  1.00 17.91 ? 41  LYS A O   1 
ATOM   313  C CB  . LYS A 1 41  ? 3.798   23.808  19.812  1.00 20.50 ? 41  LYS A CB  1 
ATOM   314  C CG  . LYS A 1 41  ? 2.840   24.410  18.823  1.00 25.77 ? 41  LYS A CG  1 
ATOM   315  C CD  . LYS A 1 41  ? 1.613   23.557  18.705  1.00 32.14 ? 41  LYS A CD  1 
ATOM   316  C CE  . LYS A 1 41  ? 0.734   24.029  17.565  1.00 37.68 ? 41  LYS A CE  1 
ATOM   317  N NZ  . LYS A 1 41  ? -0.531  23.230  17.532  1.00 42.67 ? 41  LYS A NZ  1 
ATOM   318  N N   . SER A 1 42  ? 5.967   21.289  20.824  1.00 20.53 ? 42  SER A N   1 
ATOM   319  C CA  . SER A 1 42  ? 7.345   21.057  21.272  1.00 20.29 ? 42  SER A CA  1 
ATOM   320  C C   . SER A 1 42  ? 8.129   20.250  20.208  1.00 22.10 ? 42  SER A C   1 
ATOM   321  O O   . SER A 1 42  ? 9.367   20.216  20.225  1.00 21.84 ? 42  SER A O   1 
ATOM   322  C CB  . SER A 1 42  ? 7.366   20.301  22.610  1.00 20.21 ? 42  SER A CB  1 
ATOM   323  O OG  . SER A 1 42  ? 7.125   18.902  22.445  1.00 23.32 ? 42  SER A OG  1 
ATOM   324  N N   . VAL A 1 43  ? 7.403   19.615  19.282  1.00 19.78 ? 43  VAL A N   1 
ATOM   325  C CA  . VAL A 1 43  ? 8.010   18.791  18.229  1.00 18.78 ? 43  VAL A CA  1 
ATOM   326  C C   . VAL A 1 43  ? 8.802   19.542  17.158  1.00 20.91 ? 43  VAL A C   1 
ATOM   327  O O   . VAL A 1 43  ? 8.364   20.525  16.556  1.00 20.05 ? 43  VAL A O   1 
ATOM   328  C CB  . VAL A 1 43  ? 6.984   17.834  17.571  1.00 16.87 ? 43  VAL A CB  1 
ATOM   329  C CG1 . VAL A 1 43  ? 7.600   17.098  16.413  1.00 15.85 ? 43  VAL A CG1 1 
ATOM   330  C CG2 . VAL A 1 43  ? 6.466   16.840  18.605  1.00 15.33 ? 43  VAL A CG2 1 
ATOM   331  N N   . ASP A 1 44  ? 9.997   19.017  16.918  1.00 23.73 ? 44  ASP A N   1 
ATOM   332  C CA  . ASP A 1 44  ? 10.940  19.558  15.950  1.00 22.72 ? 44  ASP A CA  1 
ATOM   333  C C   . ASP A 1 44  ? 10.358  19.508  14.534  1.00 19.37 ? 44  ASP A C   1 
ATOM   334  O O   . ASP A 1 44  ? 9.958   18.451  14.060  1.00 22.10 ? 44  ASP A O   1 
ATOM   335  C CB  . ASP A 1 44  ? 12.229  18.747  16.020  1.00 24.34 ? 44  ASP A CB  1 
ATOM   336  C CG  . ASP A 1 44  ? 13.262  19.211  15.009  1.00 28.77 ? 44  ASP A CG  1 
ATOM   337  O OD1 . ASP A 1 44  ? 13.464  18.517  13.998  1.00 31.59 ? 44  ASP A OD1 1 
ATOM   338  O OD2 . ASP A 1 44  ? 13.858  20.286  15.213  1.00 31.41 ? 44  ASP A OD2 1 
ATOM   339  N N   . PRO A 1 45  ? 10.354  20.638  13.824  1.00 19.52 ? 45  PRO A N   1 
ATOM   340  C CA  . PRO A 1 45  ? 9.816   20.702  12.454  1.00 19.88 ? 45  PRO A CA  1 
ATOM   341  C C   . PRO A 1 45  ? 10.232  19.557  11.502  1.00 20.15 ? 45  PRO A C   1 
ATOM   342  O O   . PRO A 1 45  ? 9.432   19.059  10.706  1.00 20.02 ? 45  PRO A O   1 
ATOM   343  C CB  . PRO A 1 45  ? 10.283  22.079  11.956  1.00 20.22 ? 45  PRO A CB  1 
ATOM   344  C CG  . PRO A 1 45  ? 11.163  22.631  13.041  1.00 21.70 ? 45  PRO A CG  1 
ATOM   345  C CD  . PRO A 1 45  ? 10.711  21.975  14.304  1.00 20.95 ? 45  PRO A CD  1 
ATOM   346  N N   . TYR A 1 46  ? 11.465  19.108  11.640  1.00 17.30 ? 46  TYR A N   1 
ATOM   347  C CA  . TYR A 1 46  ? 11.969  18.033  10.827  1.00 15.66 ? 46  TYR A CA  1 
ATOM   348  C C   . TYR A 1 46  ? 11.299  16.684  11.166  1.00 12.55 ? 46  TYR A C   1 
ATOM   349  O O   . TYR A 1 46  ? 10.973  15.915  10.277  1.00 12.40 ? 46  TYR A O   1 
ATOM   350  C CB  . TYR A 1 46  ? 13.496  17.963  10.953  1.00 17.13 ? 46  TYR A CB  1 
ATOM   351  C CG  . TYR A 1 46  ? 14.112  16.858  10.137  1.00 18.81 ? 46  TYR A CG  1 
ATOM   352  C CD1 . TYR A 1 46  ? 13.965  16.828  8.747   1.00 20.03 ? 46  TYR A CD1 1 
ATOM   353  C CD2 . TYR A 1 46  ? 14.755  15.782  10.764  1.00 19.28 ? 46  TYR A CD2 1 
ATOM   354  C CE1 . TYR A 1 46  ? 14.431  15.752  8.002   1.00 19.94 ? 46  TYR A CE1 1 
ATOM   355  C CE2 . TYR A 1 46  ? 15.223  14.710  10.038  1.00 17.46 ? 46  TYR A CE2 1 
ATOM   356  C CZ  . TYR A 1 46  ? 15.059  14.694  8.666   1.00 20.97 ? 46  TYR A CZ  1 
ATOM   357  O OH  . TYR A 1 46  ? 15.525  13.614  7.969   1.00 22.36 ? 46  TYR A OH  1 
ATOM   358  N N   . ASP A 1 47  ? 11.032  16.402  12.427  1.00 14.05 ? 47  ASP A N   1 
ATOM   359  C CA  . ASP A 1 47  ? 10.385  15.128  12.736  1.00 17.98 ? 47  ASP A CA  1 
ATOM   360  C C   . ASP A 1 47  ? 8.958   15.114  12.217  1.00 20.61 ? 47  ASP A C   1 
ATOM   361  O O   . ASP A 1 47  ? 8.460   14.079  11.772  1.00 20.96 ? 47  ASP A O   1 
ATOM   362  C CB  . ASP A 1 47  ? 10.390  14.843  14.232  1.00 17.77 ? 47  ASP A CB  1 
ATOM   363  C CG  . ASP A 1 47  ? 11.780  14.561  14.761  1.00 19.46 ? 47  ASP A CG  1 
ATOM   364  O OD1 . ASP A 1 47  ? 12.126  15.063  15.863  1.00 21.48 ? 47  ASP A OD1 1 
ATOM   365  O OD2 . ASP A 1 47  ? 12.527  13.839  14.078  1.00 16.32 ? 47  ASP A OD2 1 
ATOM   366  N N   . LEU A 1 48  ? 8.280   16.253  12.317  1.00 19.60 ? 48  LEU A N   1 
ATOM   367  C CA  . LEU A 1 48  ? 6.913   16.338  11.821  1.00 20.37 ? 48  LEU A CA  1 
ATOM   368  C C   . LEU A 1 48  ? 6.964   16.152  10.291  1.00 18.62 ? 48  LEU A C   1 
ATOM   369  O O   . LEU A 1 48  ? 6.217   15.364  9.717   1.00 16.60 ? 48  LEU A O   1 
ATOM   370  C CB  . LEU A 1 48  ? 6.299   17.704  12.185  1.00 18.72 ? 48  LEU A CB  1 
ATOM   371  C CG  . LEU A 1 48  ? 5.031   18.128  11.448  1.00 18.46 ? 48  LEU A CG  1 
ATOM   372  C CD1 . LEU A 1 48  ? 3.869   17.218  11.776  1.00 16.58 ? 48  LEU A CD1 1 
ATOM   373  C CD2 . LEU A 1 48  ? 4.719   19.560  11.818  1.00 22.18 ? 48  LEU A CD2 1 
ATOM   374  N N   . LYS A 1 49  ? 7.890   16.854  9.653   1.00 20.13 ? 49  LYS A N   1 
ATOM   375  C CA  . LYS A 1 49  ? 8.046   16.806  8.202   1.00 22.98 ? 49  LYS A CA  1 
ATOM   376  C C   . LYS A 1 49  ? 8.311   15.375  7.672   1.00 23.62 ? 49  LYS A C   1 
ATOM   377  O O   . LYS A 1 49  ? 7.737   14.966  6.660   1.00 23.58 ? 49  LYS A O   1 
ATOM   378  C CB  . LYS A 1 49  ? 9.136   17.785  7.784   1.00 21.36 ? 49  LYS A CB  1 
ATOM   379  C CG  . LYS A 1 49  ? 9.207   18.068  6.336   1.00 29.77 ? 49  LYS A CG  1 
ATOM   380  C CD  . LYS A 1 49  ? 7.957   18.714  5.822   1.00 36.39 ? 49  LYS A CD  1 
ATOM   381  C CE  . LYS A 1 49  ? 6.891   17.695  5.434   1.00 41.26 ? 49  LYS A CE  1 
ATOM   382  N NZ  . LYS A 1 49  ? 5.641   18.354  4.959   1.00 43.87 ? 49  LYS A NZ  1 
ATOM   383  N N   . LYS A 1 50  ? 9.127   14.598  8.386   1.00 24.22 ? 50  LYS A N   1 
ATOM   384  C CA  . LYS A 1 50  ? 9.403   13.212  7.990   1.00 23.06 ? 50  LYS A CA  1 
ATOM   385  C C   . LYS A 1 50  ? 8.080   12.462  7.839   1.00 22.21 ? 50  LYS A C   1 
ATOM   386  O O   . LYS A 1 50  ? 7.838   11.798  6.841   1.00 23.61 ? 50  LYS A O   1 
ATOM   387  C CB  . LYS A 1 50  ? 10.276  12.520  9.039   1.00 18.64 ? 50  LYS A CB  1 
ATOM   388  C CG  . LYS A 1 50  ? 11.727  12.931  8.976   1.00 18.96 ? 50  LYS A CG  1 
ATOM   389  C CD  . LYS A 1 50  ? 12.509  12.498  10.229  1.00 20.40 ? 50  LYS A CD  1 
ATOM   390  C CE  . LYS A 1 50  ? 12.546  10.997  10.373  1.00 11.96 ? 50  LYS A CE  1 
ATOM   391  N NZ  . LYS A 1 50  ? 13.419  10.578  11.473  1.00 11.38 ? 50  LYS A NZ  1 
ATOM   392  N N   . GLN A 1 51  ? 7.197   12.666  8.799   1.00 22.59 ? 51  GLN A N   1 
ATOM   393  C CA  . GLN A 1 51  ? 5.903   12.024  8.822   1.00 23.78 ? 51  GLN A CA  1 
ATOM   394  C C   . GLN A 1 51  ? 4.924   12.545  7.800   1.00 24.24 ? 51  GLN A C   1 
ATOM   395  O O   . GLN A 1 51  ? 4.134   11.778  7.265   1.00 25.51 ? 51  GLN A O   1 
ATOM   396  C CB  . GLN A 1 51  ? 5.284   12.152  10.203  1.00 24.77 ? 51  GLN A CB  1 
ATOM   397  C CG  . GLN A 1 51  ? 4.762   10.851  10.729  1.00 30.01 ? 51  GLN A CG  1 
ATOM   398  C CD  . GLN A 1 51  ? 5.869   9.970   11.264  1.00 34.25 ? 51  GLN A CD  1 
ATOM   399  O OE1 . GLN A 1 51  ? 5.796   9.484   12.399  1.00 35.30 ? 51  GLN A OE1 1 
ATOM   400  N NE2 . GLN A 1 51  ? 6.905   9.756   10.460  1.00 32.31 ? 51  GLN A NE2 1 
ATOM   401  N N   . GLU A 1 52  ? 4.945   13.845  7.547   1.00 26.45 ? 52  GLU A N   1 
ATOM   402  C CA  . GLU A 1 52  ? 4.023   14.426  6.582   1.00 30.56 ? 52  GLU A CA  1 
ATOM   403  C C   . GLU A 1 52  ? 4.343   13.918  5.187   1.00 31.62 ? 52  GLU A C   1 
ATOM   404  O O   . GLU A 1 52  ? 3.443   13.484  4.462   1.00 32.28 ? 52  GLU A O   1 
ATOM   405  C CB  . GLU A 1 52  ? 4.066   15.963  6.616   1.00 33.95 ? 52  GLU A CB  1 
ATOM   406  C CG  . GLU A 1 52  ? 3.501   16.562  7.903   1.00 39.27 ? 52  GLU A CG  1 
ATOM   407  C CD  . GLU A 1 52  ? 3.383   18.079  7.880   1.00 40.53 ? 52  GLU A CD  1 
ATOM   408  O OE1 . GLU A 1 52  ? 2.249   18.572  8.059   1.00 44.03 ? 52  GLU A OE1 1 
ATOM   409  O OE2 . GLU A 1 52  ? 4.413   18.774  7.707   1.00 42.09 ? 52  GLU A OE2 1 
ATOM   410  N N   . GLU A 1 53  ? 5.628   13.955  4.841   1.00 31.22 ? 53  GLU A N   1 
ATOM   411  C CA  . GLU A 1 53  ? 6.127   13.497  3.560   1.00 31.07 ? 53  GLU A CA  1 
ATOM   412  C C   . GLU A 1 53  ? 5.662   12.059  3.307   1.00 32.50 ? 53  GLU A C   1 
ATOM   413  O O   . GLU A 1 53  ? 5.219   11.736  2.204   1.00 33.05 ? 53  GLU A O   1 
ATOM   414  C CB  . GLU A 1 53  ? 7.653   13.574  3.565   1.00 34.84 ? 53  GLU A CB  1 
ATOM   415  C CG  . GLU A 1 53  ? 8.378   12.228  3.353   1.00 40.91 ? 53  GLU A CG  1 
ATOM   416  C CD  . GLU A 1 53  ? 9.744   12.153  4.029   1.00 44.81 ? 53  GLU A CD  1 
ATOM   417  O OE1 . GLU A 1 53  ? 10.776  12.450  3.381   1.00 48.46 ? 53  GLU A OE1 1 
ATOM   418  O OE2 . GLU A 1 53  ? 9.789   11.773  5.211   1.00 44.85 ? 53  GLU A OE2 1 
ATOM   419  N N   . VAL A 1 54  ? 5.746   11.199  4.326   1.00 32.45 ? 54  VAL A N   1 
ATOM   420  C CA  . VAL A 1 54  ? 5.328   9.805   4.175   1.00 32.99 ? 54  VAL A CA  1 
ATOM   421  C C   . VAL A 1 54  ? 3.833   9.753   3.908   1.00 36.65 ? 54  VAL A C   1 
ATOM   422  O O   . VAL A 1 54  ? 3.378   9.033   3.008   1.00 38.72 ? 54  VAL A O   1 
ATOM   423  C CB  . VAL A 1 54  ? 5.685   8.932   5.410   1.00 32.00 ? 54  VAL A CB  1 
ATOM   424  C CG1 . VAL A 1 54  ? 4.971   7.581   5.342   1.00 30.42 ? 54  VAL A CG1 1 
ATOM   425  C CG2 . VAL A 1 54  ? 7.189   8.695   5.467   1.00 33.04 ? 54  VAL A CG2 1 
ATOM   426  N N   . LEU A 1 55  ? 3.064   10.545  4.651   1.00 36.18 ? 55  LEU A N   1 
ATOM   427  C CA  . LEU A 1 55  ? 1.625   10.560  4.446   1.00 37.05 ? 55  LEU A CA  1 
ATOM   428  C C   . LEU A 1 55  ? 1.311   10.908  2.988   1.00 37.25 ? 55  LEU A C   1 
ATOM   429  O O   . LEU A 1 55  ? 0.546   10.201  2.339   1.00 34.94 ? 55  LEU A O   1 
ATOM   430  C CB  . LEU A 1 55  ? 0.933   11.549  5.403   1.00 37.64 ? 55  LEU A CB  1 
ATOM   431  C CG  . LEU A 1 55  ? -0.602  11.611  5.286   1.00 38.36 ? 55  LEU A CG  1 
ATOM   432  C CD1 . LEU A 1 55  ? -1.202  10.280  5.671   1.00 37.40 ? 55  LEU A CD1 1 
ATOM   433  C CD2 . LEU A 1 55  ? -1.180  12.707  6.150   1.00 37.05 ? 55  LEU A CD2 1 
ATOM   434  N N   . ASP A 1 56  ? 1.961   11.954  2.472   1.00 39.34 ? 56  ASP A N   1 
ATOM   435  C CA  . ASP A 1 56  ? 1.753   12.422  1.095   1.00 42.26 ? 56  ASP A CA  1 
ATOM   436  C C   . ASP A 1 56  ? 1.987   11.316  0.083   1.00 42.97 ? 56  ASP A C   1 
ATOM   437  O O   . ASP A 1 56  ? 1.309   11.259  -0.937  1.00 44.22 ? 56  ASP A O   1 
ATOM   438  C CB  . ASP A 1 56  ? 2.672   13.612  0.754   1.00 43.91 ? 56  ASP A CB  1 
ATOM   439  C CG  . ASP A 1 56  ? 2.347   14.885  1.542   1.00 44.50 ? 56  ASP A CG  1 
ATOM   440  O OD1 . ASP A 1 56  ? 3.116   15.855  1.427   1.00 44.95 ? 56  ASP A OD1 1 
ATOM   441  O OD2 . ASP A 1 56  ? 1.336   14.931  2.276   1.00 47.25 ? 56  ASP A OD2 1 
ATOM   442  N N   . ASP A 1 57  ? 2.974   10.469  0.342   1.00 44.50 ? 57  ASP A N   1 
ATOM   443  C CA  . ASP A 1 57  ? 3.276   9.368   -0.553  1.00 48.48 ? 57  ASP A CA  1 
ATOM   444  C C   . ASP A 1 57  ? 2.118   8.386   -0.560  1.00 49.23 ? 57  ASP A C   1 
ATOM   445  O O   . ASP A 1 57  ? 1.591   8.042   -1.620  1.00 51.21 ? 57  ASP A O   1 
ATOM   446  C CB  . ASP A 1 57  ? 4.578   8.682   -0.140  1.00 50.96 ? 57  ASP A CB  1 
ATOM   447  C CG  . ASP A 1 57  ? 5.796   9.431   -0.620  1.00 52.94 ? 57  ASP A CG  1 
ATOM   448  O OD1 . ASP A 1 57  ? 6.795   8.773   -0.991  1.00 56.57 ? 57  ASP A OD1 1 
ATOM   449  O OD2 . ASP A 1 57  ? 5.750   10.681  -0.648  1.00 54.75 ? 57  ASP A OD2 1 
ATOM   450  N N   . THR A 1 58  ? 1.707   7.962   0.631   1.00 49.12 ? 58  THR A N   1 
ATOM   451  C CA  . THR A 1 58  ? 0.589   7.046   0.784   1.00 49.05 ? 58  THR A CA  1 
ATOM   452  C C   . THR A 1 58  ? -0.599  7.573   -0.026  1.00 48.09 ? 58  THR A C   1 
ATOM   453  O O   . THR A 1 58  ? -1.162  6.858   -0.840  1.00 49.67 ? 58  THR A O   1 
ATOM   454  C CB  . THR A 1 58  ? 0.200   6.935   2.263   1.00 50.04 ? 58  THR A CB  1 
ATOM   455  O OG1 . THR A 1 58  ? 1.347   6.527   3.020   1.00 52.41 ? 58  THR A OG1 1 
ATOM   456  C CG2 . THR A 1 58  ? -0.912  5.922   2.456   1.00 50.03 ? 58  THR A CG2 1 
ATOM   457  N N   . LYS A 1 59  ? -0.939  8.839   0.156   1.00 46.16 ? 59  LYS A N   1 
ATOM   458  C CA  . LYS A 1 59  ? -2.042  9.441   -0.578  1.00 47.59 ? 59  LYS A CA  1 
ATOM   459  C C   . LYS A 1 59  ? -1.926  9.349   -2.107  1.00 48.91 ? 59  LYS A C   1 
ATOM   460  O O   . LYS A 1 59  ? -2.919  9.079   -2.783  1.00 51.20 ? 59  LYS A O   1 
ATOM   461  C CB  . LYS A 1 59  ? -2.215  10.910  -0.179  1.00 46.80 ? 59  LYS A CB  1 
ATOM   462  C CG  . LYS A 1 59  ? -2.807  11.141  1.193   1.00 47.42 ? 59  LYS A CG  1 
ATOM   463  C CD  . LYS A 1 59  ? -2.901  12.628  1.492   1.00 48.47 ? 59  LYS A CD  1 
ATOM   464  C CE  . LYS A 1 59  ? -3.649  12.885  2.793   1.00 51.36 ? 59  LYS A CE  1 
ATOM   465  N NZ  . LYS A 1 59  ? -3.763  14.347  3.101   1.00 52.51 ? 59  LYS A NZ  1 
ATOM   466  N N   . ARG A 1 60  ? -0.730  9.548   -2.654  1.00 49.42 ? 60  ARG A N   1 
ATOM   467  C CA  . ARG A 1 60  ? -0.529  9.520   -4.107  1.00 50.65 ? 60  ARG A CA  1 
ATOM   468  C C   . ARG A 1 60  ? -0.974  8.188   -4.750  1.00 49.57 ? 60  ARG A C   1 
ATOM   469  O O   . ARG A 1 60  ? -1.362  8.128   -5.923  1.00 49.88 ? 60  ARG A O   1 
ATOM   470  C CB  . ARG A 1 60  ? 0.942   9.867   -4.433  1.00 52.97 ? 60  ARG A CB  1 
ATOM   471  C CG  . ARG A 1 60  ? 1.863   8.678   -4.775  1.00 58.61 ? 60  ARG A CG  1 
ATOM   472  C CD  . ARG A 1 60  ? 3.354   8.933   -4.480  1.00 60.24 ? 60  ARG A CD  1 
ATOM   473  N NE  . ARG A 1 60  ? 3.818   10.263  -4.872  1.00 63.09 ? 60  ARG A NE  1 
ATOM   474  C CZ  . ARG A 1 60  ? 4.848   10.884  -4.308  1.00 64.97 ? 60  ARG A CZ  1 
ATOM   475  N NH1 . ARG A 1 60  ? 5.523   10.292  -3.332  1.00 66.06 ? 60  ARG A NH1 1 
ATOM   476  N NH2 . ARG A 1 60  ? 5.176   12.118  -4.674  1.00 66.81 ? 60  ARG A NH2 1 
ATOM   477  N N   . LEU A 1 61  ? -0.989  7.147   -3.927  1.00 48.75 ? 61  LEU A N   1 
ATOM   478  C CA  . LEU A 1 61  ? -1.373  5.792   -4.321  1.00 47.34 ? 61  LEU A CA  1 
ATOM   479  C C   . LEU A 1 61  ? -2.864  5.608   -4.611  1.00 45.81 ? 61  LEU A C   1 
ATOM   480  O O   . LEU A 1 61  ? -3.255  4.727   -5.381  1.00 44.40 ? 61  LEU A O   1 
ATOM   481  C CB  . LEU A 1 61  ? -1.012  4.847   -3.184  1.00 48.35 ? 61  LEU A CB  1 
ATOM   482  C CG  . LEU A 1 61  ? -0.211  3.582   -3.408  1.00 50.25 ? 61  LEU A CG  1 
ATOM   483  C CD1 . LEU A 1 61  ? 0.015   2.988   -2.042  1.00 54.24 ? 61  LEU A CD1 1 
ATOM   484  C CD2 . LEU A 1 61  ? -0.946  2.611   -4.312  1.00 53.31 ? 61  LEU A CD2 1 
ATOM   485  N N   . LEU A 1 62  ? -3.701  6.390   -3.939  1.00 43.71 ? 62  LEU A N   1 
ATOM   486  C CA  . LEU A 1 62  ? -5.141  6.280   -4.109  1.00 40.65 ? 62  LEU A CA  1 
ATOM   487  C C   . LEU A 1 62  ? -5.717  6.662   -5.453  1.00 38.28 ? 62  LEU A C   1 
ATOM   488  O O   . LEU A 1 62  ? -6.520  5.911   -6.003  1.00 37.69 ? 62  LEU A O   1 
ATOM   489  C CB  . LEU A 1 62  ? -5.877  7.015   -2.999  1.00 41.88 ? 62  LEU A CB  1 
ATOM   490  C CG  . LEU A 1 62  ? -5.751  6.312   -1.651  1.00 43.47 ? 62  LEU A CG  1 
ATOM   491  C CD1 . LEU A 1 62  ? -6.679  6.962   -0.658  1.00 45.36 ? 62  LEU A CD1 1 
ATOM   492  C CD2 . LEU A 1 62  ? -6.098  4.835   -1.801  1.00 46.33 ? 62  LEU A CD2 1 
ATOM   493  N N   . PRO A 1 63  ? -5.307  7.814   -6.016  1.00 36.59 ? 63  PRO A N   1 
ATOM   494  C CA  . PRO A 1 63  ? -5.849  8.208   -7.316  1.00 35.45 ? 63  PRO A CA  1 
ATOM   495  C C   . PRO A 1 63  ? -5.716  7.120   -8.379  1.00 34.20 ? 63  PRO A C   1 
ATOM   496  O O   . PRO A 1 63  ? -6.712  6.712   -8.964  1.00 32.63 ? 63  PRO A O   1 
ATOM   497  C CB  . PRO A 1 63  ? -5.025  9.445   -7.671  1.00 35.49 ? 63  PRO A CB  1 
ATOM   498  C CG  . PRO A 1 63  ? -4.704  10.023  -6.353  1.00 36.40 ? 63  PRO A CG  1 
ATOM   499  C CD  . PRO A 1 63  ? -4.326  8.809   -5.549  1.00 36.63 ? 63  PRO A CD  1 
ATOM   500  N N   . THR A 1 64  ? -4.505  6.605   -8.576  1.00 34.38 ? 64  THR A N   1 
ATOM   501  C CA  . THR A 1 64  ? -4.277  5.589   -9.598  1.00 35.27 ? 64  THR A CA  1 
ATOM   502  C C   . THR A 1 64  ? -5.079  4.339   -9.336  1.00 32.08 ? 64  THR A C   1 
ATOM   503  O O   . THR A 1 64  ? -5.482  3.636   -10.272 1.00 31.70 ? 64  THR A O   1 
ATOM   504  C CB  . THR A 1 64  ? -2.782  5.244   -9.738  1.00 38.58 ? 64  THR A CB  1 
ATOM   505  O OG1 . THR A 1 64  ? -2.200  5.119   -8.435  1.00 40.96 ? 64  THR A OG1 1 
ATOM   506  C CG2 . THR A 1 64  ? -2.048  6.339   -10.550 1.00 40.03 ? 64  THR A CG2 1 
ATOM   507  N N   . LEU A 1 65  ? -5.341  4.103   -8.054  1.00 29.51 ? 65  LEU A N   1 
ATOM   508  C CA  . LEU A 1 65  ? -6.115  2.952   -7.605  1.00 27.40 ? 65  LEU A CA  1 
ATOM   509  C C   . LEU A 1 65  ? -7.589  3.119   -7.979  1.00 28.43 ? 65  LEU A C   1 
ATOM   510  O O   . LEU A 1 65  ? -8.249  2.137   -8.354  1.00 26.82 ? 65  LEU A O   1 
ATOM   511  C CB  . LEU A 1 65  ? -5.961  2.770   -6.099  1.00 26.66 ? 65  LEU A CB  1 
ATOM   512  C CG  . LEU A 1 65  ? -6.618  1.551   -5.475  1.00 24.22 ? 65  LEU A CG  1 
ATOM   513  C CD1 . LEU A 1 65  ? -6.215  0.279   -6.223  1.00 29.73 ? 65  LEU A CD1 1 
ATOM   514  C CD2 . LEU A 1 65  ? -6.216  1.476   -4.048  1.00 25.08 ? 65  LEU A CD2 1 
ATOM   515  N N   . TYR A 1 66  ? -8.100  4.355   -7.900  1.00 27.14 ? 66  TYR A N   1 
ATOM   516  C CA  . TYR A 1 66  ? -9.490  4.623   -8.276  1.00 26.17 ? 66  TYR A CA  1 
ATOM   517  C C   . TYR A 1 66  ? -9.656  4.534   -9.774  1.00 24.79 ? 66  TYR A C   1 
ATOM   518  O O   . TYR A 1 66  ? -10.694 4.077   -10.237 1.00 22.90 ? 66  TYR A O   1 
ATOM   519  C CB  . TYR A 1 66  ? -9.959  5.981   -7.798  1.00 27.29 ? 66  TYR A CB  1 
ATOM   520  C CG  . TYR A 1 66  ? -10.092 6.052   -6.306  1.00 30.99 ? 66  TYR A CG  1 
ATOM   521  C CD1 . TYR A 1 66  ? -10.942 5.181   -5.610  1.00 31.73 ? 66  TYR A CD1 1 
ATOM   522  C CD2 . TYR A 1 66  ? -9.367  6.987   -5.577  1.00 32.37 ? 66  TYR A CD2 1 
ATOM   523  C CE1 . TYR A 1 66  ? -11.064 5.246   -4.218  1.00 30.53 ? 66  TYR A CE1 1 
ATOM   524  C CE2 . TYR A 1 66  ? -9.482  7.061   -4.186  1.00 34.00 ? 66  TYR A CE2 1 
ATOM   525  C CZ  . TYR A 1 66  ? -10.327 6.194   -3.514  1.00 33.23 ? 66  TYR A CZ  1 
ATOM   526  O OH  . TYR A 1 66  ? -10.430 6.340   -2.144  1.00 36.01 ? 66  TYR A OH  1 
ATOM   527  N N   . GLU A 1 67  ? -8.630  4.956   -10.519 1.00 22.88 ? 67  GLU A N   1 
ATOM   528  C CA  . GLU A 1 67  ? -8.641  4.884   -11.972 1.00 25.11 ? 67  GLU A CA  1 
ATOM   529  C C   . GLU A 1 67  ? -8.826  3.415   -12.397 1.00 22.27 ? 67  GLU A C   1 
ATOM   530  O O   . GLU A 1 67  ? -9.676  3.112   -13.221 1.00 19.92 ? 67  GLU A O   1 
ATOM   531  C CB  . GLU A 1 67  ? -7.326  5.447   -12.545 1.00 31.80 ? 67  GLU A CB  1 
ATOM   532  C CG  . GLU A 1 67  ? -7.210  6.980   -12.480 1.00 42.76 ? 67  GLU A CG  1 
ATOM   533  C CD  . GLU A 1 67  ? -5.781  7.510   -12.713 1.00 50.13 ? 67  GLU A CD  1 
ATOM   534  O OE1 . GLU A 1 67  ? -5.288  8.340   -11.895 1.00 51.28 ? 67  GLU A OE1 1 
ATOM   535  O OE2 . GLU A 1 67  ? -5.149  7.099   -13.716 1.00 55.37 ? 67  GLU A OE2 1 
ATOM   536  N N   . LYS A 1 68  ? -8.076  2.507   -11.773 1.00 19.96 ? 68  LYS A N   1 
ATOM   537  C CA  . LYS A 1 68  ? -8.156  1.080   -12.087 1.00 19.91 ? 68  LYS A CA  1 
ATOM   538  C C   . LYS A 1 68  ? -9.445  0.431   -11.663 1.00 16.45 ? 68  LYS A C   1 
ATOM   539  O O   . LYS A 1 68  ? -9.905  -0.500  -12.303 1.00 18.47 ? 68  LYS A O   1 
ATOM   540  C CB  . LYS A 1 68  ? -6.948  0.320   -11.550 1.00 24.04 ? 68  LYS A CB  1 
ATOM   541  C CG  . LYS A 1 68  ? -5.710  0.629   -12.354 1.00 28.32 ? 68  LYS A CG  1 
ATOM   542  C CD  . LYS A 1 68  ? -4.550  -0.192  -11.941 1.00 36.65 ? 68  LYS A CD  1 
ATOM   543  C CE  . LYS A 1 68  ? -3.314  0.235   -12.703 1.00 42.16 ? 68  LYS A CE  1 
ATOM   544  N NZ  . LYS A 1 68  ? -2.112  -0.498  -12.195 1.00 47.30 ? 68  LYS A NZ  1 
ATOM   545  N N   . ILE A 1 69  ? -10.035 0.908   -10.585 1.00 14.03 ? 69  ILE A N   1 
ATOM   546  C CA  . ILE A 1 69  ? -11.323 0.382   -10.164 1.00 14.96 ? 69  ILE A CA  1 
ATOM   547  C C   . ILE A 1 69  ? -12.371 0.760   -11.234 1.00 16.23 ? 69  ILE A C   1 
ATOM   548  O O   . ILE A 1 69  ? -13.192 -0.073  -11.637 1.00 15.03 ? 69  ILE A O   1 
ATOM   549  C CB  . ILE A 1 69  ? -11.716 0.917   -8.764  1.00 17.07 ? 69  ILE A CB  1 
ATOM   550  C CG1 . ILE A 1 69  ? -10.854 0.228   -7.707  1.00 19.65 ? 69  ILE A CG1 1 
ATOM   551  C CG2 . ILE A 1 69  ? -13.187 0.660   -8.462  1.00 16.24 ? 69  ILE A CG2 1 
ATOM   552  C CD1 . ILE A 1 69  ? -11.206 0.605   -6.283  1.00 22.89 ? 69  ILE A CD1 1 
ATOM   553  N N   . ARG A 1 70  ? -12.284 1.978   -11.763 1.00 16.01 ? 70  ARG A N   1 
ATOM   554  C CA  . ARG A 1 70  ? -13.217 2.396   -12.793 1.00 18.15 ? 70  ARG A CA  1 
ATOM   555  C C   . ARG A 1 70  ? -13.024 1.550   -14.059 1.00 20.59 ? 70  ARG A C   1 
ATOM   556  O O   . ARG A 1 70  ? -13.997 1.029   -14.595 1.00 23.06 ? 70  ARG A O   1 
ATOM   557  C CB  . ARG A 1 70  ? -13.030 3.874   -13.108 1.00 23.24 ? 70  ARG A CB  1 
ATOM   558  C CG  . ARG A 1 70  ? -13.988 4.385   -14.144 1.00 25.98 ? 70  ARG A CG  1 
ATOM   559  C CD  . ARG A 1 70  ? -13.471 5.663   -14.729 1.00 34.43 ? 70  ARG A CD  1 
ATOM   560  N NE  . ARG A 1 70  ? -14.586 6.470   -15.201 1.00 43.16 ? 70  ARG A NE  1 
ATOM   561  C CZ  . ARG A 1 70  ? -15.208 7.385   -14.461 1.00 45.44 ? 70  ARG A CZ  1 
ATOM   562  N NH1 . ARG A 1 70  ? -14.812 7.613   -13.211 1.00 45.53 ? 70  ARG A NH1 1 
ATOM   563  N NH2 . ARG A 1 70  ? -16.215 8.084   -14.981 1.00 45.56 ? 70  ARG A NH2 1 
ATOM   564  N N   . GLU A 1 71  ? -11.782 1.404   -14.533 1.00 20.01 ? 71  GLU A N   1 
ATOM   565  C CA  . GLU A 1 71  ? -11.484 0.587   -15.724 1.00 21.74 ? 71  GLU A CA  1 
ATOM   566  C C   . GLU A 1 71  ? -11.989 -0.841  -15.544 1.00 18.85 ? 71  GLU A C   1 
ATOM   567  O O   . GLU A 1 71  ? -12.624 -1.398  -16.431 1.00 20.59 ? 71  GLU A O   1 
ATOM   568  C CB  . GLU A 1 71  ? -9.968  0.490   -15.974 1.00 24.26 ? 71  GLU A CB  1 
ATOM   569  C CG  . GLU A 1 71  ? -9.274  1.789   -16.273 1.00 27.25 ? 71  GLU A CG  1 
ATOM   570  C CD  . GLU A 1 71  ? -7.761  1.649   -16.336 1.00 29.51 ? 71  GLU A CD  1 
ATOM   571  O OE1 . GLU A 1 71  ? -7.093  2.698   -16.364 1.00 27.81 ? 71  GLU A OE1 1 
ATOM   572  O OE2 . GLU A 1 71  ? -7.244  0.506   -16.342 1.00 33.27 ? 71  GLU A OE2 1 
ATOM   573  N N   . PHE A 1 72  ? -11.681 -1.440  -14.402 1.00 15.63 ? 72  PHE A N   1 
ATOM   574  C CA  . PHE A 1 72  ? -12.116 -2.797  -14.153 1.00 16.64 ? 72  PHE A CA  1 
ATOM   575  C C   . PHE A 1 72  ? -13.633 -2.864  -14.101 1.00 19.06 ? 72  PHE A C   1 
ATOM   576  O O   . PHE A 1 72  ? -14.244 -3.849  -14.562 1.00 22.22 ? 72  PHE A O   1 
ATOM   577  C CB  . PHE A 1 72  ? -11.496 -3.335  -12.872 1.00 16.51 ? 72  PHE A CB  1 
ATOM   578  C CG  . PHE A 1 72  ? -10.034 -3.679  -13.004 1.00 17.73 ? 72  PHE A CG  1 
ATOM   579  C CD1 . PHE A 1 72  ? -9.199  -2.951  -13.852 1.00 17.29 ? 72  PHE A CD1 1 
ATOM   580  C CD2 . PHE A 1 72  ? -9.481  -4.710  -12.243 1.00 18.01 ? 72  PHE A CD2 1 
ATOM   581  C CE1 . PHE A 1 72  ? -7.835  -3.239  -13.939 1.00 17.66 ? 72  PHE A CE1 1 
ATOM   582  C CE2 . PHE A 1 72  ? -8.129  -5.008  -12.316 1.00 17.61 ? 72  PHE A CE2 1 
ATOM   583  C CZ  . PHE A 1 72  ? -7.299  -4.266  -13.168 1.00 19.20 ? 72  PHE A CZ  1 
ATOM   584  N N   . LYS A 1 73  ? -14.247 -1.803  -13.578 1.00 18.59 ? 73  LYS A N   1 
ATOM   585  C CA  . LYS A 1 73  ? -15.708 -1.721  -13.488 1.00 17.60 ? 73  LYS A CA  1 
ATOM   586  C C   . LYS A 1 73  ? -16.307 -1.664  -14.887 1.00 15.59 ? 73  LYS A C   1 
ATOM   587  O O   . LYS A 1 73  ? -17.223 -2.415  -15.215 1.00 15.41 ? 73  LYS A O   1 
ATOM   588  C CB  . LYS A 1 73  ? -16.152 -0.466  -12.718 1.00 17.70 ? 73  LYS A CB  1 
ATOM   589  C CG  . LYS A 1 73  ? -17.643 -0.449  -12.430 1.00 17.22 ? 73  LYS A CG  1 
ATOM   590  C CD  . LYS A 1 73  ? -18.074 0.858   -11.826 1.00 19.26 ? 73  LYS A CD  1 
ATOM   591  C CE  . LYS A 1 73  ? -18.633 1.768   -12.888 1.00 23.71 ? 73  LYS A CE  1 
ATOM   592  N NZ  . LYS A 1 73  ? -17.560 2.268   -13.755 1.00 28.31 ? 73  LYS A NZ  1 
ATOM   593  N N   . GLU A 1 74  ? -15.739 -0.806  -15.721 1.00 12.54 ? 74  GLU A N   1 
ATOM   594  C CA  . GLU A 1 74  ? -16.229 -0.634  -17.069 1.00 15.64 ? 74  GLU A CA  1 
ATOM   595  C C   . GLU A 1 74  ? -16.049 -1.871  -17.935 1.00 16.35 ? 74  GLU A C   1 
ATOM   596  O O   . GLU A 1 74  ? -16.858 -2.146  -18.826 1.00 17.05 ? 74  GLU A O   1 
ATOM   597  C CB  . GLU A 1 74  ? -15.576 0.582   -17.709 1.00 16.96 ? 74  GLU A CB  1 
ATOM   598  C CG  . GLU A 1 74  ? -15.930 1.864   -16.978 1.00 26.85 ? 74  GLU A CG  1 
ATOM   599  C CD  . GLU A 1 74  ? -15.509 3.127   -17.706 1.00 28.83 ? 74  GLU A CD  1 
ATOM   600  O OE1 . GLU A 1 74  ? -16.207 4.149   -17.544 1.00 29.06 ? 74  GLU A OE1 1 
ATOM   601  O OE2 . GLU A 1 74  ? -14.488 3.101   -18.437 1.00 30.82 ? 74  GLU A OE2 1 
ATOM   602  N N   . ASP A 1 75  ? -14.981 -2.608  -17.668 1.00 17.03 ? 75  ASP A N   1 
ATOM   603  C CA  . ASP A 1 75  ? -14.701 -3.824  -18.396 1.00 17.89 ? 75  ASP A CA  1 
ATOM   604  C C   . ASP A 1 75  ? -15.768 -4.855  -18.051 1.00 15.12 ? 75  ASP A C   1 
ATOM   605  O O   . ASP A 1 75  ? -16.310 -5.504  -18.945 1.00 16.42 ? 75  ASP A O   1 
ATOM   606  C CB  . ASP A 1 75  ? -13.320 -4.357  -18.021 1.00 18.97 ? 75  ASP A CB  1 
ATOM   607  C CG  . ASP A 1 75  ? -12.910 -5.560  -18.865 1.00 18.28 ? 75  ASP A CG  1 
ATOM   608  O OD1 . ASP A 1 75  ? -12.476 -6.572  -18.276 1.00 18.20 ? 75  ASP A OD1 1 
ATOM   609  O OD2 . ASP A 1 75  ? -13.037 -5.495  -20.115 1.00 14.84 ? 75  ASP A OD2 1 
ATOM   610  N N   . LEU A 1 76  ? -16.090 -4.965  -16.768 1.00 11.68 ? 76  LEU A N   1 
ATOM   611  C CA  . LEU A 1 76  ? -17.100 -5.910  -16.319 1.00 14.73 ? 76  LEU A CA  1 
ATOM   612  C C   . LEU A 1 76  ? -18.490 -5.517  -16.841 1.00 17.10 ? 76  LEU A C   1 
ATOM   613  O O   . LEU A 1 76  ? -19.248 -6.370  -17.302 1.00 19.49 ? 76  LEU A O   1 
ATOM   614  C CB  . LEU A 1 76  ? -17.064 -6.038  -14.786 1.00 11.52 ? 76  LEU A CB  1 
ATOM   615  C CG  . LEU A 1 76  ? -17.984 -7.032  -14.061 1.00 12.43 ? 76  LEU A CG  1 
ATOM   616  C CD1 . LEU A 1 76  ? -17.961 -8.390  -14.746 1.00 14.02 ? 76  LEU A CD1 1 
ATOM   617  C CD2 . LEU A 1 76  ? -17.591 -7.150  -12.585 1.00 8.00  ? 76  LEU A CD2 1 
ATOM   618  N N   . GLU A 1 77  ? -18.816 -4.228  -16.778 1.00 20.27 ? 77  GLU A N   1 
ATOM   619  C CA  . GLU A 1 77  ? -20.095 -3.723  -17.264 1.00 21.89 ? 77  GLU A CA  1 
ATOM   620  C C   . GLU A 1 77  ? -20.229 -4.014  -18.760 1.00 22.95 ? 77  GLU A C   1 
ATOM   621  O O   . GLU A 1 77  ? -21.270 -4.468  -19.214 1.00 22.64 ? 77  GLU A O   1 
ATOM   622  C CB  . GLU A 1 77  ? -20.201 -2.213  -17.033 1.00 24.81 ? 77  GLU A CB  1 
ATOM   623  C CG  . GLU A 1 77  ? -20.227 -1.780  -15.559 1.00 32.11 ? 77  GLU A CG  1 
ATOM   624  C CD  . GLU A 1 77  ? -20.411 -0.260  -15.366 1.00 34.71 ? 77  GLU A CD  1 
ATOM   625  O OE1 . GLU A 1 77  ? -19.510 0.519   -15.766 1.00 37.55 ? 77  GLU A OE1 1 
ATOM   626  O OE2 . GLU A 1 77  ? -21.450 0.154   -14.803 1.00 34.58 ? 77  GLU A OE2 1 
ATOM   627  N N   . GLN A 1 78  ? -19.187 -3.741  -19.531 1.00 21.61 ? 78  GLN A N   1 
ATOM   628  C CA  . GLN A 1 78  ? -19.240 -4.006  -20.967 1.00 24.56 ? 78  GLN A CA  1 
ATOM   629  C C   . GLN A 1 78  ? -19.395 -5.507  -21.285 1.00 22.93 ? 78  GLN A C   1 
ATOM   630  O O   . GLN A 1 78  ? -20.166 -5.898  -22.167 1.00 22.93 ? 78  GLN A O   1 
ATOM   631  C CB  . GLN A 1 78  ? -17.998 -3.434  -21.657 1.00 27.08 ? 78  GLN A CB  1 
ATOM   632  C CG  . GLN A 1 78  ? -18.140 -3.296  -23.175 1.00 40.35 ? 78  GLN A CG  1 
ATOM   633  C CD  . GLN A 1 78  ? -19.128 -2.179  -23.657 1.00 47.66 ? 78  GLN A CD  1 
ATOM   634  O OE1 . GLN A 1 78  ? -19.104 -1.794  -24.839 1.00 51.28 ? 78  GLN A OE1 1 
ATOM   635  N NE2 . GLN A 1 78  ? -19.966 -1.657  -22.755 1.00 49.30 ? 78  GLN A NE2 1 
ATOM   636  N N   . PHE A 1 79  ? -18.697 -6.348  -20.531 1.00 21.30 ? 79  PHE A N   1 
ATOM   637  C CA  . PHE A 1 79  ? -18.770 -7.791  -20.730 1.00 17.91 ? 79  PHE A CA  1 
ATOM   638  C C   . PHE A 1 79  ? -20.218 -8.269  -20.517 1.00 17.36 ? 79  PHE A C   1 
ATOM   639  O O   . PHE A 1 79  ? -20.746 -9.025  -21.315 1.00 16.82 ? 79  PHE A O   1 
ATOM   640  C CB  . PHE A 1 79  ? -17.805 -8.473  -19.752 1.00 16.09 ? 79  PHE A CB  1 
ATOM   641  C CG  . PHE A 1 79  ? -17.844 -9.983  -19.791 1.00 14.18 ? 79  PHE A CG  1 
ATOM   642  C CD1 . PHE A 1 79  ? -17.110 -10.691 -20.740 1.00 12.09 ? 79  PHE A CD1 1 
ATOM   643  C CD2 . PHE A 1 79  ? -18.593 -10.698 -18.856 1.00 15.73 ? 79  PHE A CD2 1 
ATOM   644  C CE1 . PHE A 1 79  ? -17.120 -12.100 -20.753 1.00 12.22 ? 79  PHE A CE1 1 
ATOM   645  C CE2 . PHE A 1 79  ? -18.609 -12.117 -18.867 1.00 16.50 ? 79  PHE A CE2 1 
ATOM   646  C CZ  . PHE A 1 79  ? -17.873 -12.805 -19.810 1.00 8.39  ? 79  PHE A CZ  1 
ATOM   647  N N   . LEU A 1 80  ? -20.872 -7.757  -19.479 1.00 18.47 ? 80  LEU A N   1 
ATOM   648  C CA  . LEU A 1 80  ? -22.229 -8.140  -19.158 1.00 19.38 ? 80  LEU A CA  1 
ATOM   649  C C   . LEU A 1 80  ? -23.276 -7.747  -20.195 1.00 21.55 ? 80  LEU A C   1 
ATOM   650  O O   . LEU A 1 80  ? -24.267 -8.448  -20.348 1.00 25.49 ? 80  LEU A O   1 
ATOM   651  C CB  . LEU A 1 80  ? -22.622 -7.605  -17.781 1.00 19.53 ? 80  LEU A CB  1 
ATOM   652  C CG  . LEU A 1 80  ? -21.982 -8.277  -16.568 1.00 21.86 ? 80  LEU A CG  1 
ATOM   653  C CD1 . LEU A 1 80  ? -22.321 -7.480  -15.298 1.00 19.69 ? 80  LEU A CD1 1 
ATOM   654  C CD2 . LEU A 1 80  ? -22.473 -9.733  -16.460 1.00 19.56 ? 80  LEU A CD2 1 
ATOM   655  N N   . LYS A 1 81  ? -23.077 -6.649  -20.915 1.00 23.10 ? 81  LYS A N   1 
ATOM   656  C CA  . LYS A 1 81  ? -24.047 -6.221  -21.929 1.00 26.47 ? 81  LYS A CA  1 
ATOM   657  C C   . LYS A 1 81  ? -24.313 -7.231  -23.027 1.00 27.49 ? 81  LYS A C   1 
ATOM   658  O O   . LYS A 1 81  ? -25.346 -7.164  -23.684 1.00 30.06 ? 81  LYS A O   1 
ATOM   659  C CB  . LYS A 1 81  ? -23.622 -4.928  -22.612 1.00 28.58 ? 81  LYS A CB  1 
ATOM   660  C CG  . LYS A 1 81  ? -23.761 -3.714  -21.764 1.00 35.54 ? 81  LYS A CG  1 
ATOM   661  C CD  . LYS A 1 81  ? -23.299 -2.499  -22.534 1.00 40.07 ? 81  LYS A CD  1 
ATOM   662  C CE  . LYS A 1 81  ? -22.997 -1.345  -21.600 1.00 42.91 ? 81  LYS A CE  1 
ATOM   663  N NZ  . LYS A 1 81  ? -22.396 -0.206  -22.337 1.00 46.00 ? 81  LYS A NZ  1 
ATOM   664  N N   . THR A 1 82  ? -23.360 -8.128  -23.262 1.00 28.17 ? 82  THR A N   1 
ATOM   665  C CA  . THR A 1 82  ? -23.496 -9.124  -24.315 1.00 27.37 ? 82  THR A CA  1 
ATOM   666  C C   . THR A 1 82  ? -23.348 -10.546 -23.803 1.00 26.95 ? 82  THR A C   1 
ATOM   667  O O   . THR A 1 82  ? -23.142 -11.465 -24.598 1.00 24.32 ? 82  THR A O   1 
ATOM   668  C CB  . THR A 1 82  ? -22.450 -8.910  -25.434 1.00 29.42 ? 82  THR A CB  1 
ATOM   669  O OG1 . THR A 1 82  ? -21.135 -8.864  -24.854 1.00 34.26 ? 82  THR A OG1 1 
ATOM   670  C CG2 . THR A 1 82  ? -22.719 -7.609  -26.205 1.00 27.11 ? 82  THR A CG2 1 
ATOM   671  N N   . TYR A 1 83  ? -23.483 -10.730 -22.492 1.00 25.50 ? 83  TYR A N   1 
ATOM   672  C CA  . TYR A 1 83  ? -23.349 -12.047 -21.903 1.00 27.32 ? 83  TYR A CA  1 
ATOM   673  C C   . TYR A 1 83  ? -24.544 -12.953 -22.202 1.00 30.10 ? 83  TYR A C   1 
ATOM   674  O O   . TYR A 1 83  ? -25.698 -12.562 -22.016 1.00 30.72 ? 83  TYR A O   1 
ATOM   675  C CB  . TYR A 1 83  ? -23.158 -11.935 -20.393 1.00 25.41 ? 83  TYR A CB  1 
ATOM   676  C CG  . TYR A 1 83  ? -22.870 -13.249 -19.709 1.00 22.15 ? 83  TYR A CG  1 
ATOM   677  C CD1 . TYR A 1 83  ? -21.682 -13.930 -19.949 1.00 23.16 ? 83  TYR A CD1 1 
ATOM   678  C CD2 . TYR A 1 83  ? -23.776 -13.796 -18.815 1.00 22.32 ? 83  TYR A CD2 1 
ATOM   679  C CE1 . TYR A 1 83  ? -21.400 -15.129 -19.304 1.00 23.32 ? 83  TYR A CE1 1 
ATOM   680  C CE2 . TYR A 1 83  ? -23.508 -14.980 -18.164 1.00 24.48 ? 83  TYR A CE2 1 
ATOM   681  C CZ  . TYR A 1 83  ? -22.316 -15.644 -18.414 1.00 25.67 ? 83  TYR A CZ  1 
ATOM   682  O OH  . TYR A 1 83  ? -22.043 -16.816 -17.762 1.00 28.41 ? 83  TYR A OH  1 
ATOM   683  N N   . GLN A 1 84  ? -24.255 -14.170 -22.670 1.00 31.94 ? 84  GLN A N   1 
ATOM   684  C CA  . GLN A 1 84  ? -25.288 -15.149 -22.987 1.00 32.12 ? 84  GLN A CA  1 
ATOM   685  C C   . GLN A 1 84  ? -25.094 -16.451 -22.252 1.00 32.31 ? 84  GLN A C   1 
ATOM   686  O O   . GLN A 1 84  ? -25.797 -17.413 -22.502 1.00 33.45 ? 84  GLN A O   1 
ATOM   687  C CB  . GLN A 1 84  ? -25.311 -15.440 -24.476 1.00 36.45 ? 84  GLN A CB  1 
ATOM   688  C CG  . GLN A 1 84  ? -25.834 -14.299 -25.300 1.00 45.12 ? 84  GLN A CG  1 
ATOM   689  C CD  . GLN A 1 84  ? -26.249 -14.744 -26.677 1.00 49.55 ? 84  GLN A CD  1 
ATOM   690  O OE1 . GLN A 1 84  ? -27.365 -15.246 -26.877 1.00 52.20 ? 84  GLN A OE1 1 
ATOM   691  N NE2 . GLN A 1 84  ? -25.344 -14.605 -27.637 1.00 50.44 ? 84  GLN A NE2 1 
ATOM   692  N N   . GLY A 1 85  ? -24.150 -16.489 -21.327 1.00 31.20 ? 85  GLY A N   1 
ATOM   693  C CA  . GLY A 1 85  ? -23.907 -17.714 -20.600 1.00 30.15 ? 85  GLY A CA  1 
ATOM   694  C C   . GLY A 1 85  ? -25.015 -18.142 -19.659 1.00 32.85 ? 85  GLY A C   1 
ATOM   695  O O   . GLY A 1 85  ? -26.072 -17.519 -19.531 1.00 33.55 ? 85  GLY A O   1 
ATOM   696  N N   . THR A 1 86  ? -24.722 -19.186 -18.913 1.00 32.35 ? 86  THR A N   1 
ATOM   697  C CA  . THR A 1 86  ? -25.682 -19.724 -17.990 1.00 34.57 ? 86  THR A CA  1 
ATOM   698  C C   . THR A 1 86  ? -25.334 -19.406 -16.525 1.00 33.31 ? 86  THR A C   1 
ATOM   699  O O   . THR A 1 86  ? -26.036 -19.835 -15.612 1.00 33.56 ? 86  THR A O   1 
ATOM   700  C CB  . THR A 1 86  ? -25.808 -21.256 -18.237 1.00 36.39 ? 86  THR A CB  1 
ATOM   701  O OG1 . THR A 1 86  ? -26.854 -21.804 -17.427 1.00 41.08 ? 86  THR A OG1 1 
ATOM   702  C CG2 . THR A 1 86  ? -24.468 -21.971 -17.966 1.00 33.92 ? 86  THR A CG2 1 
ATOM   703  N N   . GLU A 1 87  ? -24.251 -18.676 -16.284 1.00 31.79 ? 87  GLU A N   1 
ATOM   704  C CA  . GLU A 1 87  ? -23.895 -18.363 -14.906 1.00 30.21 ? 87  GLU A CA  1 
ATOM   705  C C   . GLU A 1 87  ? -24.804 -17.290 -14.333 1.00 26.79 ? 87  GLU A C   1 
ATOM   706  O O   . GLU A 1 87  ? -25.358 -16.457 -15.063 1.00 25.41 ? 87  GLU A O   1 
ATOM   707  C CB  . GLU A 1 87  ? -22.443 -17.894 -14.780 1.00 31.85 ? 87  GLU A CB  1 
ATOM   708  C CG  . GLU A 1 87  ? -21.389 -18.945 -15.075 1.00 35.60 ? 87  GLU A CG  1 
ATOM   709  C CD  . GLU A 1 87  ? -19.998 -18.513 -14.599 1.00 37.72 ? 87  GLU A CD  1 
ATOM   710  O OE1 . GLU A 1 87  ? -19.160 -18.137 -15.434 1.00 31.83 ? 87  GLU A OE1 1 
ATOM   711  O OE2 . GLU A 1 87  ? -19.752 -18.533 -13.375 1.00 41.09 ? 87  GLU A OE2 1 
ATOM   712  N N   . ASP A 1 88  ? -24.947 -17.336 -13.018 1.00 24.52 ? 88  ASP A N   1 
ATOM   713  C CA  . ASP A 1 88  ? -25.747 -16.389 -12.268 1.00 23.50 ? 88  ASP A CA  1 
ATOM   714  C C   . ASP A 1 88  ? -24.869 -15.130 -12.219 1.00 22.02 ? 88  ASP A C   1 
ATOM   715  O O   . ASP A 1 88  ? -23.722 -15.213 -11.787 1.00 25.02 ? 88  ASP A O   1 
ATOM   716  C CB  . ASP A 1 88  ? -25.961 -16.996 -10.870 1.00 22.91 ? 88  ASP A CB  1 
ATOM   717  C CG  . ASP A 1 88  ? -26.651 -16.063 -9.917  1.00 24.36 ? 88  ASP A CG  1 
ATOM   718  O OD1 . ASP A 1 88  ? -27.098 -14.977 -10.350 1.00 24.11 ? 88  ASP A OD1 1 
ATOM   719  O OD2 . ASP A 1 88  ? -26.745 -16.434 -8.725  1.00 25.53 ? 88  ASP A OD2 1 
ATOM   720  N N   . VAL A 1 89  ? -25.355 -13.999 -12.724 1.00 18.84 ? 89  VAL A N   1 
ATOM   721  C CA  . VAL A 1 89  ? -24.567 -12.764 -12.706 1.00 18.89 ? 89  VAL A CA  1 
ATOM   722  C C   . VAL A 1 89  ? -24.842 -11.805 -11.523 1.00 19.34 ? 89  VAL A C   1 
ATOM   723  O O   . VAL A 1 89  ? -24.411 -10.643 -11.542 1.00 17.68 ? 89  VAL A O   1 
ATOM   724  C CB  . VAL A 1 89  ? -24.707 -11.985 -14.030 1.00 20.27 ? 89  VAL A CB  1 
ATOM   725  C CG1 . VAL A 1 89  ? -24.341 -12.882 -15.194 1.00 22.33 ? 89  VAL A CG1 1 
ATOM   726  C CG2 . VAL A 1 89  ? -26.125 -11.465 -14.198 1.00 19.65 ? 89  VAL A CG2 1 
ATOM   727  N N   . SER A 1 90  ? -25.485 -12.302 -10.469 1.00 17.94 ? 90  SER A N   1 
ATOM   728  C CA  . SER A 1 90  ? -25.788 -11.469 -9.323  1.00 20.47 ? 90  SER A CA  1 
ATOM   729  C C   . SER A 1 90  ? -24.527 -10.979 -8.640  1.00 22.15 ? 90  SER A C   1 
ATOM   730  O O   . SER A 1 90  ? -24.453 -9.813  -8.240  1.00 21.19 ? 90  SER A O   1 
ATOM   731  C CB  . SER A 1 90  ? -26.670 -12.222 -8.337  1.00 23.43 ? 90  SER A CB  1 
ATOM   732  O OG  . SER A 1 90  ? -27.812 -12.733 -9.002  1.00 28.31 ? 90  SER A OG  1 
ATOM   733  N N   . ASP A 1 91  ? -23.535 -11.857 -8.504  1.00 23.62 ? 91  ASP A N   1 
ATOM   734  C CA  . ASP A 1 91  ? -22.273 -11.455 -7.891  1.00 25.55 ? 91  ASP A CA  1 
ATOM   735  C C   . ASP A 1 91  ? -21.590 -10.355 -8.671  1.00 22.58 ? 91  ASP A C   1 
ATOM   736  O O   . ASP A 1 91  ? -20.978 -9.470  -8.079  1.00 24.28 ? 91  ASP A O   1 
ATOM   737  C CB  . ASP A 1 91  ? -21.320 -12.628 -7.748  1.00 29.11 ? 91  ASP A CB  1 
ATOM   738  C CG  . ASP A 1 91  ? -21.563 -13.403 -6.496  1.00 34.65 ? 91  ASP A CG  1 
ATOM   739  O OD1 . ASP A 1 91  ? -21.276 -14.616 -6.494  1.00 39.24 ? 91  ASP A OD1 1 
ATOM   740  O OD2 . ASP A 1 91  ? -22.047 -12.795 -5.510  1.00 40.48 ? 91  ASP A OD2 1 
ATOM   741  N N   . ALA A 1 92  ? -21.692 -10.424 -9.997  1.00 22.12 ? 92  ALA A N   1 
ATOM   742  C CA  . ALA A 1 92  ? -21.079 -9.427  -10.884 1.00 21.07 ? 92  ALA A CA  1 
ATOM   743  C C   . ALA A 1 92  ? -21.748 -8.062  -10.691 1.00 20.62 ? 92  ALA A C   1 
ATOM   744  O O   . ALA A 1 92  ? -21.075 -7.054  -10.516 1.00 18.27 ? 92  ALA A O   1 
ATOM   745  C CB  . ALA A 1 92  ? -21.189 -9.875  -12.346 1.00 20.49 ? 92  ALA A CB  1 
ATOM   746  N N   . ARG A 1 93  ? -23.081 -8.047  -10.728 1.00 22.57 ? 93  ARG A N   1 
ATOM   747  C CA  . ARG A 1 93  ? -23.859 -6.819  -10.512 1.00 22.73 ? 93  ARG A CA  1 
ATOM   748  C C   . ARG A 1 93  ? -23.546 -6.218  -9.136  1.00 19.16 ? 93  ARG A C   1 
ATOM   749  O O   . ARG A 1 93  ? -23.396 -5.013  -9.004  1.00 18.04 ? 93  ARG A O   1 
ATOM   750  C CB  . ARG A 1 93  ? -25.361 -7.125  -10.587 1.00 25.12 ? 93  ARG A CB  1 
ATOM   751  C CG  . ARG A 1 93  ? -25.981 -6.954  -11.976 1.00 28.79 ? 93  ARG A CG  1 
ATOM   752  C CD  . ARG A 1 93  ? -27.526 -6.975  -11.909 1.00 29.77 ? 93  ARG A CD  1 
ATOM   753  N NE  . ARG A 1 93  ? -28.061 -8.308  -12.178 1.00 31.16 ? 93  ARG A NE  1 
ATOM   754  C CZ  . ARG A 1 93  ? -28.539 -9.139  -11.256 1.00 30.93 ? 93  ARG A CZ  1 
ATOM   755  N NH1 . ARG A 1 93  ? -28.577 -8.785  -9.968  1.00 32.42 ? 93  ARG A NH1 1 
ATOM   756  N NH2 . ARG A 1 93  ? -28.930 -10.357 -11.625 1.00 29.51 ? 93  ARG A NH2 1 
ATOM   757  N N   . SER A 1 94  ? -23.414 -7.083  -8.137  1.00 17.66 ? 94  SER A N   1 
ATOM   758  C CA  . SER A 1 94  ? -23.115 -6.682  -6.780  1.00 20.52 ? 94  SER A CA  1 
ATOM   759  C C   . SER A 1 94  ? -21.717 -6.075  -6.727  1.00 22.36 ? 94  SER A C   1 
ATOM   760  O O   . SER A 1 94  ? -21.498 -5.065  -6.048  1.00 26.65 ? 94  SER A O   1 
ATOM   761  C CB  . SER A 1 94  ? -23.196 -7.903  -5.863  1.00 22.35 ? 94  SER A CB  1 
ATOM   762  O OG  . SER A 1 94  ? -23.250 -7.528  -4.504  1.00 30.05 ? 94  SER A OG  1 
ATOM   763  N N   . ALA A 1 95  ? -20.773 -6.668  -7.451  1.00 20.61 ? 95  ALA A N   1 
ATOM   764  C CA  . ALA A 1 95  ? -19.415 -6.158  -7.470  1.00 17.42 ? 95  ALA A CA  1 
ATOM   765  C C   . ALA A 1 95  ? -19.420 -4.768  -8.082  1.00 17.43 ? 95  ALA A C   1 
ATOM   766  O O   . ALA A 1 95  ? -18.758 -3.867  -7.565  1.00 17.57 ? 95  ALA A O   1 
ATOM   767  C CB  . ALA A 1 95  ? -18.519 -7.083  -8.282  1.00 20.22 ? 95  ALA A CB  1 
ATOM   768  N N   . ILE A 1 96  ? -20.176 -4.602  -9.176  1.00 17.57 ? 96  ILE A N   1 
ATOM   769  C CA  . ILE A 1 96  ? -20.284 -3.310  -9.913  1.00 17.96 ? 96  ILE A CA  1 
ATOM   770  C C   . ILE A 1 96  ? -20.851 -2.172  -9.061  1.00 18.03 ? 96  ILE A C   1 
ATOM   771  O O   . ILE A 1 96  ? -20.374 -1.039  -9.120  1.00 19.65 ? 96  ILE A O   1 
ATOM   772  C CB  . ILE A 1 96  ? -21.155 -3.450  -11.191 1.00 15.24 ? 96  ILE A CB  1 
ATOM   773  C CG1 . ILE A 1 96  ? -20.438 -4.347  -12.203 1.00 15.14 ? 96  ILE A CG1 1 
ATOM   774  C CG2 . ILE A 1 96  ? -21.441 -2.056  -11.803 1.00 15.34 ? 96  ILE A CG2 1 
ATOM   775  C CD1 . ILE A 1 96  ? -21.226 -4.655  -13.456 1.00 13.32 ? 96  ILE A CD1 1 
ATOM   776  N N   . THR A 1 97  ? -21.868 -2.502  -8.275  1.00 20.25 ? 97  THR A N   1 
ATOM   777  C CA  . THR A 1 97  ? -22.524 -1.576  -7.369  1.00 21.34 ? 97  THR A CA  1 
ATOM   778  C C   . THR A 1 97  ? -21.579 -1.103  -6.274  1.00 21.03 ? 97  THR A C   1 
ATOM   779  O O   . THR A 1 97  ? -21.477 0.101   -6.042  1.00 25.17 ? 97  THR A O   1 
ATOM   780  C CB  . THR A 1 97  ? -23.783 -2.220  -6.774  1.00 22.81 ? 97  THR A CB  1 
ATOM   781  O OG1 . THR A 1 97  ? -24.748 -2.371  -7.819  1.00 24.26 ? 97  THR A OG1 1 
ATOM   782  C CG2 . THR A 1 97  ? -24.378 -1.359  -5.645  1.00 24.10 ? 97  THR A CG2 1 
ATOM   783  N N   . SER A 1 98  ? -20.849 -2.019  -5.643  1.00 19.37 ? 98  SER A N   1 
ATOM   784  C CA  . SER A 1 98  ? -19.906 -1.628  -4.607  1.00 19.68 ? 98  SER A CA  1 
ATOM   785  C C   . SER A 1 98  ? -18.805 -0.729  -5.154  1.00 19.96 ? 98  SER A C   1 
ATOM   786  O O   . SER A 1 98  ? -18.404 0.251   -4.513  1.00 21.93 ? 98  SER A O   1 
ATOM   787  C CB  . SER A 1 98  ? -19.283 -2.855  -3.964  1.00 22.00 ? 98  SER A CB  1 
ATOM   788  O OG  . SER A 1 98  ? -20.251 -3.548  -3.203  1.00 26.93 ? 98  SER A OG  1 
ATOM   789  N N   . ALA A 1 99  ? -18.319 -1.057  -6.345  1.00 19.12 ? 99  ALA A N   1 
ATOM   790  C CA  . ALA A 1 99  ? -17.272 -0.262  -6.968  1.00 21.75 ? 99  ALA A CA  1 
ATOM   791  C C   . ALA A 1 99  ? -17.776 1.149   -7.279  1.00 21.31 ? 99  ALA A C   1 
ATOM   792  O O   . ALA A 1 99  ? -17.040 2.130   -7.110  1.00 22.35 ? 99  ALA A O   1 
ATOM   793  C CB  . ALA A 1 99  ? -16.786 -0.943  -8.255  1.00 16.35 ? 99  ALA A CB  1 
ATOM   794  N N   . GLN A 1 100 ? -19.014 1.229   -7.774  1.00 22.10 ? 100 GLN A N   1 
ATOM   795  C CA  . GLN A 1 100 ? -19.636 2.493   -8.141  1.00 21.46 ? 100 GLN A CA  1 
ATOM   796  C C   . GLN A 1 100 ? -19.843 3.359   -6.894  1.00 22.53 ? 100 GLN A C   1 
ATOM   797  O O   . GLN A 1 100 ? -19.570 4.559   -6.907  1.00 22.27 ? 100 GLN A O   1 
ATOM   798  C CB  . GLN A 1 100 ? -20.958 2.229   -8.861  1.00 21.59 ? 100 GLN A CB  1 
ATOM   799  C CG  . GLN A 1 100 ? -21.612 3.472   -9.450  1.00 24.88 ? 100 GLN A CG  1 
ATOM   800  C CD  . GLN A 1 100 ? -20.796 4.080   -10.561 1.00 28.41 ? 100 GLN A CD  1 
ATOM   801  O OE1 . GLN A 1 100 ? -20.139 5.103   -10.381 1.00 31.67 ? 100 GLN A OE1 1 
ATOM   802  N NE2 . GLN A 1 100 ? -20.825 3.450   -11.723 1.00 30.58 ? 100 GLN A NE2 1 
ATOM   803  N N   . GLU A 1 101 ? -20.287 2.742   -5.805  1.00 26.48 ? 101 GLU A N   1 
ATOM   804  C CA  . GLU A 1 101 ? -20.490 3.467   -4.553  1.00 30.28 ? 101 GLU A CA  1 
ATOM   805  C C   . GLU A 1 101 ? -19.186 4.139   -4.180  1.00 30.58 ? 101 GLU A C   1 
ATOM   806  O O   . GLU A 1 101 ? -19.167 5.343   -3.935  1.00 33.06 ? 101 GLU A O   1 
ATOM   807  C CB  . GLU A 1 101 ? -20.886 2.522   -3.429  1.00 33.19 ? 101 GLU A CB  1 
ATOM   808  C CG  . GLU A 1 101 ? -22.286 1.975   -3.537  1.00 41.23 ? 101 GLU A CG  1 
ATOM   809  C CD  . GLU A 1 101 ? -22.605 0.937   -2.458  1.00 46.77 ? 101 GLU A CD  1 
ATOM   810  O OE1 . GLU A 1 101 ? -23.691 0.318   -2.552  1.00 49.68 ? 101 GLU A OE1 1 
ATOM   811  O OE2 . GLU A 1 101 ? -21.783 0.738   -1.525  1.00 46.68 ? 101 GLU A OE2 1 
ATOM   812  N N   . LEU A 1 102 ? -18.103 3.357   -4.184  1.00 29.15 ? 102 LEU A N   1 
ATOM   813  C CA  . LEU A 1 102 ? -16.766 3.850   -3.862  1.00 29.32 ? 102 LEU A CA  1 
ATOM   814  C C   . LEU A 1 102 ? -16.369 5.082   -4.657  1.00 27.76 ? 102 LEU A C   1 
ATOM   815  O O   . LEU A 1 102 ? -15.924 6.068   -4.073  1.00 27.81 ? 102 LEU A O   1 
ATOM   816  C CB  . LEU A 1 102 ? -15.709 2.771   -4.109  1.00 31.19 ? 102 LEU A CB  1 
ATOM   817  C CG  . LEU A 1 102 ? -15.485 1.727   -3.042  1.00 31.37 ? 102 LEU A CG  1 
ATOM   818  C CD1 . LEU A 1 102 ? -14.407 0.796   -3.502  1.00 34.15 ? 102 LEU A CD1 1 
ATOM   819  C CD2 . LEU A 1 102 ? -15.080 2.404   -1.766  1.00 34.08 ? 102 LEU A CD2 1 
ATOM   820  N N   . LEU A 1 103 ? -16.476 4.982   -5.981  1.00 25.31 ? 103 LEU A N   1 
ATOM   821  C CA  . LEU A 1 103 ? -16.126 6.058   -6.893  1.00 25.30 ? 103 LEU A CA  1 
ATOM   822  C C   . LEU A 1 103 ? -16.990 7.311   -6.694  1.00 27.09 ? 103 LEU A C   1 
ATOM   823  O O   . LEU A 1 103 ? -16.557 8.431   -6.966  1.00 23.70 ? 103 LEU A O   1 
ATOM   824  C CB  . LEU A 1 103 ? -16.249 5.554   -8.332  1.00 23.10 ? 103 LEU A CB  1 
ATOM   825  C CG  . LEU A 1 103 ? -15.365 4.355   -8.679  1.00 25.73 ? 103 LEU A CG  1 
ATOM   826  C CD1 . LEU A 1 103 ? -15.796 3.771   -10.019 1.00 24.82 ? 103 LEU A CD1 1 
ATOM   827  C CD2 . LEU A 1 103 ? -13.902 4.786   -8.724  1.00 24.32 ? 103 LEU A CD2 1 
ATOM   828  N N   . ASP A 1 104 ? -18.235 7.111   -6.271  1.00 31.62 ? 104 ASP A N   1 
ATOM   829  C CA  . ASP A 1 104 ? -19.148 8.236   -6.032  1.00 34.05 ? 104 ASP A CA  1 
ATOM   830  C C   . ASP A 1 104 ? -18.934 8.942   -4.701  1.00 33.63 ? 104 ASP A C   1 
ATOM   831  O O   . ASP A 1 104 ? -19.190 10.129  -4.588  1.00 33.52 ? 104 ASP A O   1 
ATOM   832  C CB  . ASP A 1 104 ? -20.591 7.782   -6.130  1.00 31.51 ? 104 ASP A CB  1 
ATOM   833  C CG  . ASP A 1 104 ? -20.986 7.395   -7.537  1.00 30.83 ? 104 ASP A CG  1 
ATOM   834  O OD1 . ASP A 1 104 ? -21.949 6.607   -7.636  1.00 33.63 ? 104 ASP A OD1 1 
ATOM   835  O OD2 . ASP A 1 104 ? -20.358 7.868   -8.521  1.00 26.74 ? 104 ASP A OD2 1 
ATOM   836  N N   . SER A 1 105 ? -18.464 8.206   -3.701  1.00 35.84 ? 105 SER A N   1 
ATOM   837  C CA  . SER A 1 105 ? -18.204 8.766   -2.376  1.00 38.48 ? 105 SER A CA  1 
ATOM   838  C C   . SER A 1 105 ? -17.117 9.846   -2.393  1.00 38.33 ? 105 SER A C   1 
ATOM   839  O O   . SER A 1 105 ? -15.922 9.551   -2.389  1.00 40.33 ? 105 SER A O   1 
ATOM   840  C CB  . SER A 1 105 ? -17.831 7.641   -1.408  1.00 40.04 ? 105 SER A CB  1 
ATOM   841  O OG  . SER A 1 105 ? -18.934 6.766   -1.234  1.00 38.39 ? 105 SER A OG  1 
ATOM   842  N N   . THR B 1 4   ? 9.628   12.210  23.893  1.00 19.66 ? 4   THR B N   1 
ATOM   843  C CA  . THR B 1 4   ? 11.069  12.611  23.720  1.00 20.09 ? 4   THR B CA  1 
ATOM   844  C C   . THR B 1 4   ? 11.451  12.503  22.241  1.00 16.84 ? 4   THR B C   1 
ATOM   845  O O   . THR B 1 4   ? 10.857  11.709  21.503  1.00 15.58 ? 4   THR B O   1 
ATOM   846  C CB  . THR B 1 4   ? 12.009  11.712  24.558  1.00 22.32 ? 4   THR B CB  1 
ATOM   847  O OG1 . THR B 1 4   ? 11.993  10.373  24.036  1.00 22.96 ? 4   THR B OG1 1 
ATOM   848  C CG2 . THR B 1 4   ? 11.517  11.640  25.997  1.00 23.82 ? 4   THR B CG2 1 
ATOM   849  N N   . GLN B 1 5   ? 12.423  13.301  21.808  1.00 17.21 ? 5   GLN B N   1 
ATOM   850  C CA  . GLN B 1 5   ? 12.859  13.281  20.412  1.00 16.87 ? 5   GLN B CA  1 
ATOM   851  C C   . GLN B 1 5   ? 13.336  11.874  20.005  1.00 15.94 ? 5   GLN B C   1 
ATOM   852  O O   . GLN B 1 5   ? 12.982  11.401  18.931  1.00 16.47 ? 5   GLN B O   1 
ATOM   853  C CB  . GLN B 1 5   ? 13.936  14.335  20.164  1.00 15.90 ? 5   GLN B CB  1 
ATOM   854  C CG  . GLN B 1 5   ? 14.123  14.631  18.701  1.00 19.08 ? 5   GLN B CG  1 
ATOM   855  C CD  . GLN B 1 5   ? 15.061  15.776  18.422  1.00 21.57 ? 5   GLN B CD  1 
ATOM   856  O OE1 . GLN B 1 5   ? 15.144  16.256  17.284  1.00 26.52 ? 5   GLN B OE1 1 
ATOM   857  N NE2 . GLN B 1 5   ? 15.794  16.216  19.437  1.00 22.70 ? 5   GLN B NE2 1 
ATOM   858  N N   . LEU B 1 6   ? 14.050  11.188  20.905  1.00 17.70 ? 6   LEU B N   1 
ATOM   859  C CA  . LEU B 1 6   ? 14.541  9.809   20.671  1.00 17.42 ? 6   LEU B CA  1 
ATOM   860  C C   . LEU B 1 6   ? 13.382  8.902   20.308  1.00 18.12 ? 6   LEU B C   1 
ATOM   861  O O   . LEU B 1 6   ? 13.396  8.226   19.259  1.00 13.82 ? 6   LEU B O   1 
ATOM   862  C CB  . LEU B 1 6   ? 15.211  9.238   21.925  1.00 18.11 ? 6   LEU B CB  1 
ATOM   863  C CG  . LEU B 1 6   ? 15.691  7.777   21.819  1.00 18.44 ? 6   LEU B CG  1 
ATOM   864  C CD1 . LEU B 1 6   ? 16.746  7.691   20.719  1.00 20.69 ? 6   LEU B CD1 1 
ATOM   865  C CD2 . LEU B 1 6   ? 16.281  7.290   23.155  1.00 18.64 ? 6   LEU B CD2 1 
ATOM   866  N N   . ASP B 1 7   ? 12.371  8.920   21.180  1.00 19.32 ? 7   ASP B N   1 
ATOM   867  C CA  . ASP B 1 7   ? 11.161  8.129   21.000  1.00 21.25 ? 7   ASP B CA  1 
ATOM   868  C C   . ASP B 1 7   ? 10.468  8.394   19.656  1.00 19.43 ? 7   ASP B C   1 
ATOM   869  O O   . ASP B 1 7   ? 10.004  7.456   18.993  1.00 16.86 ? 7   ASP B O   1 
ATOM   870  C CB  . ASP B 1 7   ? 10.199  8.380   22.165  1.00 24.81 ? 7   ASP B CB  1 
ATOM   871  C CG  . ASP B 1 7   ? 10.726  7.832   23.494  1.00 30.81 ? 7   ASP B CG  1 
ATOM   872  O OD1 . ASP B 1 7   ? 10.179  8.221   24.551  1.00 35.78 ? 7   ASP B OD1 1 
ATOM   873  O OD2 . ASP B 1 7   ? 11.687  7.015   23.498  1.00 33.14 ? 7   ASP B OD2 1 
ATOM   874  N N   . ILE B 1 8   ? 10.435  9.660   19.242  1.00 17.98 ? 8   ILE B N   1 
ATOM   875  C CA  . ILE B 1 8   ? 9.799   10.025  17.987  1.00 18.18 ? 8   ILE B CA  1 
ATOM   876  C C   . ILE B 1 8   ? 10.600  9.438   16.822  1.00 18.74 ? 8   ILE B C   1 
ATOM   877  O O   . ILE B 1 8   ? 10.023  8.829   15.911  1.00 20.56 ? 8   ILE B O   1 
ATOM   878  C CB  . ILE B 1 8   ? 9.640   11.591  17.861  1.00 21.02 ? 8   ILE B CB  1 
ATOM   879  C CG1 . ILE B 1 8   ? 8.621   12.104  18.888  1.00 21.56 ? 8   ILE B CG1 1 
ATOM   880  C CG2 . ILE B 1 8   ? 9.112   12.002  16.480  1.00 20.03 ? 8   ILE B CG2 1 
ATOM   881  C CD1 . ILE B 1 8   ? 8.533   13.624  18.925  1.00 26.80 ? 8   ILE B CD1 1 
ATOM   882  N N   . LYS B 1 9   ? 11.922  9.594   16.855  1.00 17.33 ? 9   LYS B N   1 
ATOM   883  C CA  . LYS B 1 9   ? 12.774  9.071   15.777  1.00 14.46 ? 9   LYS B CA  1 
ATOM   884  C C   . LYS B 1 9   ? 12.742  7.548   15.704  1.00 12.15 ? 9   LYS B C   1 
ATOM   885  O O   . LYS B 1 9   ? 12.747  6.998   14.629  1.00 11.12 ? 9   LYS B O   1 
ATOM   886  C CB  . LYS B 1 9   ? 14.213  9.567   15.920  1.00 14.74 ? 9   LYS B CB  1 
ATOM   887  C CG  . LYS B 1 9   ? 14.370  11.049  15.635  1.00 14.60 ? 9   LYS B CG  1 
ATOM   888  C CD  . LYS B 1 9   ? 15.813  11.462  15.602  1.00 13.99 ? 9   LYS B CD  1 
ATOM   889  C CE  . LYS B 1 9   ? 15.926  12.977  15.515  1.00 13.37 ? 9   LYS B CE  1 
ATOM   890  N NZ  . LYS B 1 9   ? 15.289  13.517  14.298  1.00 10.18 ? 9   LYS B NZ  1 
ATOM   891  N N   . VAL B 1 10  ? 12.657  6.875   16.846  1.00 11.25 ? 10  VAL B N   1 
ATOM   892  C CA  . VAL B 1 10  ? 12.582  5.416   16.850  1.00 13.70 ? 10  VAL B CA  1 
ATOM   893  C C   . VAL B 1 10  ? 11.263  4.952   16.265  1.00 17.30 ? 10  VAL B C   1 
ATOM   894  O O   . VAL B 1 10  ? 11.249  4.053   15.428  1.00 20.50 ? 10  VAL B O   1 
ATOM   895  C CB  . VAL B 1 10  ? 12.689  4.817   18.264  1.00 12.85 ? 10  VAL B CB  1 
ATOM   896  C CG1 . VAL B 1 10  ? 12.470  3.308   18.197  1.00 11.46 ? 10  VAL B CG1 1 
ATOM   897  C CG2 . VAL B 1 10  ? 14.053  5.137   18.892  1.00 12.12 ? 10  VAL B CG2 1 
ATOM   898  N N   . LYS B 1 11  ? 10.145  5.515   16.737  1.00 19.41 ? 11  LYS B N   1 
ATOM   899  C CA  . LYS B 1 11  ? 8.825   5.132   16.212  1.00 18.85 ? 11  LYS B CA  1 
ATOM   900  C C   . LYS B 1 11  ? 8.668   5.459   14.734  1.00 18.05 ? 11  LYS B C   1 
ATOM   901  O O   . LYS B 1 11  ? 8.010   4.724   14.008  1.00 20.25 ? 11  LYS B O   1 
ATOM   902  C CB  . LYS B 1 11  ? 7.687   5.773   17.008  1.00 20.92 ? 11  LYS B CB  1 
ATOM   903  C CG  . LYS B 1 11  ? 7.530   5.188   18.399  1.00 27.90 ? 11  LYS B CG  1 
ATOM   904  C CD  . LYS B 1 11  ? 6.551   5.984   19.264  1.00 35.40 ? 11  LYS B CD  1 
ATOM   905  C CE  . LYS B 1 11  ? 6.397   5.325   20.652  1.00 41.76 ? 11  LYS B CE  1 
ATOM   906  N NZ  . LYS B 1 11  ? 5.547   6.087   21.641  1.00 43.02 ? 11  LYS B NZ  1 
ATOM   907  N N   . ALA B 1 12  ? 9.272   6.549   14.276  1.00 16.13 ? 12  ALA B N   1 
ATOM   908  C CA  . ALA B 1 12  ? 9.167   6.897   12.876  1.00 14.65 ? 12  ALA B CA  1 
ATOM   909  C C   . ALA B 1 12  ? 9.744   5.755   12.047  1.00 17.60 ? 12  ALA B C   1 
ATOM   910  O O   . ALA B 1 12  ? 9.120   5.315   11.095  1.00 21.24 ? 12  ALA B O   1 
ATOM   911  C CB  . ALA B 1 12  ? 9.899   8.169   12.594  1.00 12.23 ? 12  ALA B CB  1 
ATOM   912  N N   . LEU B 1 13  ? 10.907  5.236   12.443  1.00 18.00 ? 13  LEU B N   1 
ATOM   913  C CA  . LEU B 1 13  ? 11.555  4.144   11.720  1.00 15.07 ? 13  LEU B CA  1 
ATOM   914  C C   . LEU B 1 13  ? 10.838  2.834   11.900  1.00 15.84 ? 13  LEU B C   1 
ATOM   915  O O   . LEU B 1 13  ? 10.616  2.130   10.932  1.00 15.79 ? 13  LEU B O   1 
ATOM   916  C CB  . LEU B 1 13  ? 13.015  3.976   12.149  1.00 18.16 ? 13  LEU B CB  1 
ATOM   917  C CG  . LEU B 1 13  ? 13.923  2.963   11.405  1.00 16.76 ? 13  LEU B CG  1 
ATOM   918  C CD1 . LEU B 1 13  ? 14.041  3.340   9.913   1.00 8.73  ? 13  LEU B CD1 1 
ATOM   919  C CD2 . LEU B 1 13  ? 15.324  2.907   12.063  1.00 13.91 ? 13  LEU B CD2 1 
ATOM   920  N N   . LYS B 1 14  ? 10.463  2.495   13.126  1.00 18.11 ? 14  LYS B N   1 
ATOM   921  C CA  . LYS B 1 14  ? 9.756   1.223   13.351  1.00 25.03 ? 14  LYS B CA  1 
ATOM   922  C C   . LYS B 1 14  ? 8.467   1.144   12.543  1.00 24.63 ? 14  LYS B C   1 
ATOM   923  O O   . LYS B 1 14  ? 8.111   0.091   12.018  1.00 23.91 ? 14  LYS B O   1 
ATOM   924  C CB  . LYS B 1 14  ? 9.473   0.961   14.847  1.00 26.28 ? 14  LYS B CB  1 
ATOM   925  C CG  . LYS B 1 14  ? 10.742  0.813   15.684  1.00 33.89 ? 14  LYS B CG  1 
ATOM   926  C CD  . LYS B 1 14  ? 10.552  0.040   16.986  1.00 42.19 ? 14  LYS B CD  1 
ATOM   927  C CE  . LYS B 1 14  ? 11.938  -0.343  17.564  1.00 48.63 ? 14  LYS B CE  1 
ATOM   928  N NZ  . LYS B 1 14  ? 11.943  -1.248  18.770  1.00 52.33 ? 14  LYS B NZ  1 
ATOM   929  N N   . ARG B 1 15  ? 7.786   2.269   12.404  1.00 26.49 ? 15  ARG B N   1 
ATOM   930  C CA  . ARG B 1 15  ? 6.554   2.274   11.642  1.00 29.57 ? 15  ARG B CA  1 
ATOM   931  C C   . ARG B 1 15  ? 6.776   2.193   10.135  1.00 29.92 ? 15  ARG B C   1 
ATOM   932  O O   . ARG B 1 15  ? 5.970   1.594   9.422   1.00 31.08 ? 15  ARG B O   1 
ATOM   933  C CB  . ARG B 1 15  ? 5.655   3.430   12.080  1.00 34.45 ? 15  ARG B CB  1 
ATOM   934  C CG  . ARG B 1 15  ? 5.221   3.259   13.556  1.00 42.84 ? 15  ARG B CG  1 
ATOM   935  C CD  . ARG B 1 15  ? 5.230   1.753   13.984  1.00 50.93 ? 15  ARG B CD  1 
ATOM   936  N NE  . ARG B 1 15  ? 5.045   1.484   15.419  1.00 56.50 ? 15  ARG B NE  1 
ATOM   937  C CZ  . ARG B 1 15  ? 5.861   1.892   16.395  1.00 57.40 ? 15  ARG B CZ  1 
ATOM   938  N NH1 . ARG B 1 15  ? 6.939   2.612   16.115  1.00 60.38 ? 15  ARG B NH1 1 
ATOM   939  N NH2 . ARG B 1 15  ? 5.605   1.562   17.657  1.00 57.07 ? 15  ARG B NH2 1 
ATOM   940  N N   . LEU B 1 16  ? 7.901   2.715   9.659   1.00 27.74 ? 16  LEU B N   1 
ATOM   941  C CA  . LEU B 1 16  ? 8.226   2.619   8.239   1.00 27.05 ? 16  LEU B CA  1 
ATOM   942  C C   . LEU B 1 16  ? 8.573   1.169   7.853   1.00 25.40 ? 16  LEU B C   1 
ATOM   943  O O   . LEU B 1 16  ? 8.199   0.718   6.780   1.00 27.04 ? 16  LEU B O   1 
ATOM   944  C CB  . LEU B 1 16  ? 9.416   3.515   7.889   1.00 25.31 ? 16  LEU B CB  1 
ATOM   945  C CG  . LEU B 1 16  ? 9.186   4.812   7.134   1.00 25.13 ? 16  LEU B CG  1 
ATOM   946  C CD1 . LEU B 1 16  ? 10.519  5.248   6.549   1.00 19.89 ? 16  LEU B CD1 1 
ATOM   947  C CD2 . LEU B 1 16  ? 8.188   4.606   6.019   1.00 25.32 ? 16  LEU B CD2 1 
ATOM   948  N N   . THR B 1 17  ? 9.315   0.457   8.699   1.00 25.15 ? 17  THR B N   1 
ATOM   949  C CA  . THR B 1 17  ? 9.682   -0.920  8.395   1.00 25.24 ? 17  THR B CA  1 
ATOM   950  C C   . THR B 1 17  ? 8.460   -1.822  8.510   1.00 24.80 ? 17  THR B C   1 
ATOM   951  O O   . THR B 1 17  ? 8.331   -2.783  7.756   1.00 27.38 ? 17  THR B O   1 
ATOM   952  C CB  . THR B 1 17  ? 10.876  -1.449  9.251   1.00 24.07 ? 17  THR B CB  1 
ATOM   953  O OG1 . THR B 1 17  ? 10.514  -1.509  10.633  1.00 32.22 ? 17  THR B OG1 1 
ATOM   954  C CG2 . THR B 1 17  ? 12.083  -0.557  9.089   1.00 18.53 ? 17  THR B CG2 1 
ATOM   955  N N   . LYS B 1 18  ? 7.536   -1.497  9.409   1.00 28.56 ? 18  LYS B N   1 
ATOM   956  C CA  . LYS B 1 18  ? 6.314   -2.293  9.531   1.00 30.85 ? 18  LYS B CA  1 
ATOM   957  C C   . LYS B 1 18  ? 5.447   -2.139  8.274   1.00 30.18 ? 18  LYS B C   1 
ATOM   958  O O   . LYS B 1 18  ? 4.804   -3.083  7.831   1.00 28.50 ? 18  LYS B O   1 
ATOM   959  C CB  . LYS B 1 18  ? 5.500   -1.911  10.768  1.00 34.34 ? 18  LYS B CB  1 
ATOM   960  C CG  . LYS B 1 18  ? 4.455   -2.979  11.107  1.00 41.80 ? 18  LYS B CG  1 
ATOM   961  C CD  . LYS B 1 18  ? 3.585   -2.602  12.301  1.00 47.22 ? 18  LYS B CD  1 
ATOM   962  C CE  . LYS B 1 18  ? 2.642   -3.748  12.674  1.00 47.29 ? 18  LYS B CE  1 
ATOM   963  N NZ  . LYS B 1 18  ? 1.515   -3.250  13.507  1.00 50.39 ? 18  LYS B NZ  1 
ATOM   964  N N   . GLU B 1 19  ? 5.454   -0.951  7.687   1.00 29.58 ? 19  GLU B N   1 
ATOM   965  C CA  . GLU B 1 19  ? 4.690   -0.692  6.475   1.00 30.77 ? 19  GLU B CA  1 
ATOM   966  C C   . GLU B 1 19  ? 5.289   -1.442  5.275   1.00 32.34 ? 19  GLU B C   1 
ATOM   967  O O   . GLU B 1 19  ? 4.566   -1.935  4.408   1.00 32.45 ? 19  GLU B O   1 
ATOM   968  C CB  . GLU B 1 19  ? 4.645   0.803   6.205   1.00 33.32 ? 19  GLU B CB  1 
ATOM   969  C CG  . GLU B 1 19  ? 4.410   1.169   4.757   1.00 40.25 ? 19  GLU B CG  1 
ATOM   970  C CD  . GLU B 1 19  ? 4.251   2.658   4.540   1.00 44.97 ? 19  GLU B CD  1 
ATOM   971  O OE1 . GLU B 1 19  ? 3.995   3.067   3.382   1.00 46.78 ? 19  GLU B OE1 1 
ATOM   972  O OE2 . GLU B 1 19  ? 4.379   3.426   5.523   1.00 49.44 ? 19  GLU B OE2 1 
ATOM   973  N N   . GLU B 1 20  ? 6.614   -1.509  5.210   1.00 32.39 ? 20  GLU B N   1 
ATOM   974  C CA  . GLU B 1 20  ? 7.278   -2.237  4.146   1.00 32.57 ? 20  GLU B CA  1 
ATOM   975  C C   . GLU B 1 20  ? 6.830   -3.699  4.198   1.00 30.54 ? 20  GLU B C   1 
ATOM   976  O O   . GLU B 1 20  ? 6.600   -4.304  3.161   1.00 31.10 ? 20  GLU B O   1 
ATOM   977  C CB  . GLU B 1 20  ? 8.798   -2.132  4.303   1.00 34.16 ? 20  GLU B CB  1 
ATOM   978  C CG  . GLU B 1 20  ? 9.609   -2.772  3.175   1.00 35.23 ? 20  GLU B CG  1 
ATOM   979  C CD  . GLU B 1 20  ? 10.057  -4.190  3.485   1.00 36.34 ? 20  GLU B CD  1 
ATOM   980  O OE1 . GLU B 1 20  ? 9.790   -4.693  4.591   1.00 36.93 ? 20  GLU B OE1 1 
ATOM   981  O OE2 . GLU B 1 20  ? 10.702  -4.803  2.617   1.00 38.84 ? 20  GLU B OE2 1 
ATOM   982  N N   . GLY B 1 21  ? 6.728   -4.261  5.401   1.00 30.79 ? 21  GLY B N   1 
ATOM   983  C CA  . GLY B 1 21  ? 6.294   -5.638  5.559   1.00 32.40 ? 21  GLY B CA  1 
ATOM   984  C C   . GLY B 1 21  ? 4.875   -5.775  5.048   1.00 36.08 ? 21  GLY B C   1 
ATOM   985  O O   . GLY B 1 21  ? 4.541   -6.703  4.318   1.00 34.64 ? 21  GLY B O   1 
ATOM   986  N N   . TYR B 1 22  ? 4.040   -4.813  5.405   1.00 41.39 ? 22  TYR B N   1 
ATOM   987  C CA  . TYR B 1 22  ? 2.650   -4.804  4.970   1.00 47.49 ? 22  TYR B CA  1 
ATOM   988  C C   . TYR B 1 22  ? 2.534   -4.777  3.453   1.00 49.48 ? 22  TYR B C   1 
ATOM   989  O O   . TYR B 1 22  ? 1.803   -5.577  2.872   1.00 51.51 ? 22  TYR B O   1 
ATOM   990  C CB  . TYR B 1 22  ? 1.912   -3.622  5.595   1.00 51.34 ? 22  TYR B CB  1 
ATOM   991  C CG  . TYR B 1 22  ? 1.516   -3.866  7.038   1.00 56.54 ? 22  TYR B CG  1 
ATOM   992  C CD1 . TYR B 1 22  ? 1.704   -5.124  7.635   1.00 58.13 ? 22  TYR B CD1 1 
ATOM   993  C CD2 . TYR B 1 22  ? 0.897   -2.868  7.794   1.00 57.59 ? 22  TYR B CD2 1 
ATOM   994  C CE1 . TYR B 1 22  ? 1.280   -5.387  8.939   1.00 59.24 ? 22  TYR B CE1 1 
ATOM   995  C CE2 . TYR B 1 22  ? 0.465   -3.123  9.110   1.00 60.23 ? 22  TYR B CE2 1 
ATOM   996  C CZ  . TYR B 1 22  ? 0.658   -4.389  9.671   1.00 60.57 ? 22  TYR B CZ  1 
ATOM   997  O OH  . TYR B 1 22  ? 0.207   -4.670  10.948  1.00 61.45 ? 22  TYR B OH  1 
ATOM   998  N N   . TYR B 1 23  ? 3.295   -3.897  2.811   1.00 50.28 ? 23  TYR B N   1 
ATOM   999  C CA  . TYR B 1 23  ? 3.276   -3.799  1.357   1.00 53.05 ? 23  TYR B CA  1 
ATOM   1000 C C   . TYR B 1 23  ? 3.899   -5.028  0.689   1.00 53.86 ? 23  TYR B C   1 
ATOM   1001 O O   . TYR B 1 23  ? 3.493   -5.411  -0.416  1.00 54.10 ? 23  TYR B O   1 
ATOM   1002 C CB  . TYR B 1 23  ? 3.987   -2.527  0.876   1.00 56.25 ? 23  TYR B CB  1 
ATOM   1003 C CG  . TYR B 1 23  ? 3.234   -1.242  1.169   1.00 61.22 ? 23  TYR B CG  1 
ATOM   1004 C CD1 . TYR B 1 23  ? 2.368   -1.148  2.262   1.00 64.49 ? 23  TYR B CD1 1 
ATOM   1005 C CD2 . TYR B 1 23  ? 3.382   -0.116  0.355   1.00 63.52 ? 23  TYR B CD2 1 
ATOM   1006 C CE1 . TYR B 1 23  ? 1.671   0.037   2.542   1.00 64.61 ? 23  TYR B CE1 1 
ATOM   1007 C CE2 . TYR B 1 23  ? 2.681   1.084   0.628   1.00 62.98 ? 23  TYR B CE2 1 
ATOM   1008 C CZ  . TYR B 1 23  ? 1.829   1.145   1.720   1.00 63.58 ? 23  TYR B CZ  1 
ATOM   1009 O OH  . TYR B 1 23  ? 1.115   2.283   2.033   1.00 64.82 ? 23  TYR B OH  1 
ATOM   1010 N N   . GLN B 1 24  ? 4.855   -5.668  1.358   1.00 52.78 ? 24  GLN B N   1 
ATOM   1011 C CA  . GLN B 1 24  ? 5.502   -6.842  0.781   1.00 51.88 ? 24  GLN B CA  1 
ATOM   1012 C C   . GLN B 1 24  ? 4.534   -8.030  0.752   1.00 51.94 ? 24  GLN B C   1 
ATOM   1013 O O   . GLN B 1 24  ? 4.646   -8.898  -0.111  1.00 50.70 ? 24  GLN B O   1 
ATOM   1014 C CB  . GLN B 1 24  ? 6.784   -7.188  1.543   1.00 50.82 ? 24  GLN B CB  1 
ATOM   1015 C CG  . GLN B 1 24  ? 7.915   -7.716  0.656   1.00 50.51 ? 24  GLN B CG  1 
ATOM   1016 C CD  . GLN B 1 24  ? 8.682   -6.622  -0.086  1.00 50.37 ? 24  GLN B CD  1 
ATOM   1017 O OE1 . GLN B 1 24  ? 9.234   -6.848  -1.158  1.00 48.61 ? 24  GLN B OE1 1 
ATOM   1018 N NE2 . GLN B 1 24  ? 8.750   -5.446  0.504   1.00 53.12 ? 24  GLN B NE2 1 
ATOM   1019 N N   . GLN B 1 25  ? 3.575   -8.046  1.676   1.00 52.25 ? 25  GLN B N   1 
ATOM   1020 C CA  . GLN B 1 25  ? 2.561   -9.104  1.739   1.00 55.20 ? 25  GLN B CA  1 
ATOM   1021 C C   . GLN B 1 25  ? 1.668   -8.983  0.488   1.00 54.39 ? 25  GLN B C   1 
ATOM   1022 O O   . GLN B 1 25  ? 1.416   -9.959  -0.232  1.00 52.78 ? 25  GLN B O   1 
ATOM   1023 C CB  . GLN B 1 25  ? 1.677   -8.936  2.996   1.00 58.01 ? 25  GLN B CB  1 
ATOM   1024 C CG  . GLN B 1 25  ? 2.400   -8.987  4.347   1.00 63.15 ? 25  GLN B CG  1 
ATOM   1025 C CD  . GLN B 1 25  ? 1.502   -8.602  5.535   1.00 66.47 ? 25  GLN B CD  1 
ATOM   1026 O OE1 . GLN B 1 25  ? 1.698   -9.085  6.659   1.00 66.17 ? 25  GLN B OE1 1 
ATOM   1027 N NE2 . GLN B 1 25  ? 0.534   -7.717  5.294   1.00 67.72 ? 25  GLN B NE2 1 
ATOM   1028 N N   . GLU B 1 26  ? 1.191   -7.761  0.257   1.00 54.12 ? 26  GLU B N   1 
ATOM   1029 C CA  . GLU B 1 26  ? 0.329   -7.438  -0.870  1.00 53.50 ? 26  GLU B CA  1 
ATOM   1030 C C   . GLU B 1 26  ? 1.013   -7.862  -2.168  1.00 52.52 ? 26  GLU B C   1 
ATOM   1031 O O   . GLU B 1 26  ? 0.454   -8.629  -2.956  1.00 52.56 ? 26  GLU B O   1 
ATOM   1032 C CB  . GLU B 1 26  ? 0.039   -5.932  -0.878  1.00 53.22 ? 26  GLU B CB  1 
ATOM   1033 C CG  . GLU B 1 26  ? -1.445  -5.567  -0.811  1.00 57.80 ? 26  GLU B CG  1 
ATOM   1034 C CD  . GLU B 1 26  ? -2.092  -5.376  -2.185  1.00 60.38 ? 26  GLU B CD  1 
ATOM   1035 O OE1 . GLU B 1 26  ? -2.948  -6.207  -2.584  1.00 59.73 ? 26  GLU B OE1 1 
ATOM   1036 O OE2 . GLU B 1 26  ? -1.752  -4.378  -2.862  1.00 61.77 ? 26  GLU B OE2 1 
ATOM   1037 N N   . LEU B 1 27  ? 2.249   -7.412  -2.342  1.00 51.56 ? 27  LEU B N   1 
ATOM   1038 C CA  . LEU B 1 27  ? 3.047   -7.721  -3.522  1.00 49.76 ? 27  LEU B CA  1 
ATOM   1039 C C   . LEU B 1 27  ? 3.199   -9.223  -3.752  1.00 48.76 ? 27  LEU B C   1 
ATOM   1040 O O   . LEU B 1 27  ? 3.174   -9.676  -4.895  1.00 48.85 ? 27  LEU B O   1 
ATOM   1041 C CB  . LEU B 1 27  ? 4.427   -7.091  -3.388  1.00 49.82 ? 27  LEU B CB  1 
ATOM   1042 C CG  . LEU B 1 27  ? 5.290   -7.166  -4.641  1.00 51.15 ? 27  LEU B CG  1 
ATOM   1043 C CD1 . LEU B 1 27  ? 4.657   -6.297  -5.692  1.00 51.39 ? 27  LEU B CD1 1 
ATOM   1044 C CD2 . LEU B 1 27  ? 6.710   -6.702  -4.352  1.00 50.89 ? 27  LEU B CD2 1 
ATOM   1045 N N   . LYS B 1 28  ? 3.367   -9.988  -2.677  1.00 47.63 ? 28  LYS B N   1 
ATOM   1046 C CA  . LYS B 1 28  ? 3.523   -11.428 -2.802  1.00 47.67 ? 28  LYS B CA  1 
ATOM   1047 C C   . LYS B 1 28  ? 2.195   -12.076 -3.183  1.00 48.16 ? 28  LYS B C   1 
ATOM   1048 O O   . LYS B 1 28  ? 2.154   -13.015 -3.985  1.00 47.04 ? 28  LYS B O   1 
ATOM   1049 C CB  . LYS B 1 28  ? 4.064   -12.038 -1.504  1.00 49.16 ? 28  LYS B CB  1 
ATOM   1050 C CG  . LYS B 1 28  ? 4.379   -13.524 -1.637  1.00 53.91 ? 28  LYS B CG  1 
ATOM   1051 C CD  . LYS B 1 28  ? 5.228   -14.077 -0.495  1.00 55.25 ? 28  LYS B CD  1 
ATOM   1052 C CE  . LYS B 1 28  ? 5.625   -15.516 -0.793  1.00 55.59 ? 28  LYS B CE  1 
ATOM   1053 N NZ  . LYS B 1 28  ? 6.454   -16.100 0.286   1.00 58.82 ? 28  LYS B NZ  1 
ATOM   1054 N N   . ASP B 1 29  ? 1.107   -11.555 -2.625  1.00 47.67 ? 29  ASP B N   1 
ATOM   1055 C CA  . ASP B 1 29  ? -0.218  -12.081 -2.918  1.00 47.39 ? 29  ASP B CA  1 
ATOM   1056 C C   . ASP B 1 29  ? -0.645  -11.803 -4.373  1.00 46.32 ? 29  ASP B C   1 
ATOM   1057 O O   . ASP B 1 29  ? -1.350  -12.603 -4.996  1.00 44.79 ? 29  ASP B O   1 
ATOM   1058 C CB  . ASP B 1 29  ? -1.233  -11.499 -1.943  1.00 51.18 ? 29  ASP B CB  1 
ATOM   1059 C CG  . ASP B 1 29  ? -2.603  -12.101 -2.115  1.00 56.83 ? 29  ASP B CG  1 
ATOM   1060 O OD1 . ASP B 1 29  ? -3.524  -11.374 -2.553  1.00 59.47 ? 29  ASP B OD1 1 
ATOM   1061 O OD2 . ASP B 1 29  ? -2.752  -13.314 -1.840  1.00 61.39 ? 29  ASP B OD2 1 
ATOM   1062 N N   . GLN B 1 30  ? -0.221  -10.660 -4.908  1.00 43.57 ? 30  GLN B N   1 
ATOM   1063 C CA  . GLN B 1 30  ? -0.547  -10.282 -6.271  1.00 42.03 ? 30  GLN B CA  1 
ATOM   1064 C C   . GLN B 1 30  ? 0.227   -11.110 -7.280  1.00 42.72 ? 30  GLN B C   1 
ATOM   1065 O O   . GLN B 1 30  ? -0.301  -11.432 -8.344  1.00 41.73 ? 30  GLN B O   1 
ATOM   1066 C CB  . GLN B 1 30  ? -0.290  -8.795  -6.494  1.00 44.20 ? 30  GLN B CB  1 
ATOM   1067 C CG  . GLN B 1 30  ? -1.429  -7.882  -6.039  1.00 46.49 ? 30  GLN B CG  1 
ATOM   1068 C CD  . GLN B 1 30  ? -1.095  -6.412  -6.191  1.00 46.80 ? 30  GLN B CD  1 
ATOM   1069 O OE1 . GLN B 1 30  ? -0.869  -5.931  -7.297  1.00 48.74 ? 30  GLN B OE1 1 
ATOM   1070 N NE2 . GLN B 1 30  ? -1.029  -5.701  -5.085  1.00 48.09 ? 30  GLN B NE2 1 
ATOM   1071 N N   . GLU B 1 31  ? 1.485   -11.418 -6.969  1.00 42.87 ? 31  GLU B N   1 
ATOM   1072 C CA  . GLU B 1 31  ? 2.329   -12.232 -7.843  1.00 43.35 ? 31  GLU B CA  1 
ATOM   1073 C C   . GLU B 1 31  ? 1.791   -13.643 -7.974  1.00 41.36 ? 31  GLU B C   1 
ATOM   1074 O O   . GLU B 1 31  ? 1.946   -14.261 -9.022  1.00 43.19 ? 31  GLU B O   1 
ATOM   1075 C CB  . GLU B 1 31  ? 3.751   -12.307 -7.306  1.00 45.36 ? 31  GLU B CB  1 
ATOM   1076 C CG  . GLU B 1 31  ? 4.609   -11.124 -7.664  1.00 50.14 ? 31  GLU B CG  1 
ATOM   1077 C CD  . GLU B 1 31  ? 5.824   -10.984 -6.755  1.00 53.17 ? 31  GLU B CD  1 
ATOM   1078 O OE1 . GLU B 1 31  ? 6.359   -12.013 -6.282  1.00 53.58 ? 31  GLU B OE1 1 
ATOM   1079 O OE2 . GLU B 1 31  ? 6.239   -9.830  -6.502  1.00 55.21 ? 31  GLU B OE2 1 
ATOM   1080 N N   . ALA B 1 32  ? 1.210   -14.163 -6.896  1.00 38.23 ? 32  ALA B N   1 
ATOM   1081 C CA  . ALA B 1 32  ? 0.641   -15.505 -6.895  1.00 39.00 ? 32  ALA B CA  1 
ATOM   1082 C C   . ALA B 1 32  ? -0.534  -15.519 -7.858  1.00 40.10 ? 32  ALA B C   1 
ATOM   1083 O O   . ALA B 1 32  ? -0.719  -16.453 -8.649  1.00 41.43 ? 32  ALA B O   1 
ATOM   1084 C CB  . ALA B 1 32  ? 0.164   -15.881 -5.486  1.00 37.43 ? 32  ALA B CB  1 
ATOM   1085 N N   . HIS B 1 33  ? -1.313  -14.450 -7.812  1.00 40.36 ? 33  HIS B N   1 
ATOM   1086 C CA  . HIS B 1 33  ? -2.472  -14.338 -8.669  1.00 41.40 ? 33  HIS B CA  1 
ATOM   1087 C C   . HIS B 1 33  ? -2.100  -14.248 -10.153 1.00 38.00 ? 33  HIS B C   1 
ATOM   1088 O O   . HIS B 1 33  ? -2.752  -14.871 -10.990 1.00 37.42 ? 33  HIS B O   1 
ATOM   1089 C CB  . HIS B 1 33  ? -3.352  -13.171 -8.223  1.00 44.99 ? 33  HIS B CB  1 
ATOM   1090 C CG  . HIS B 1 33  ? -4.664  -13.101 -8.940  1.00 53.42 ? 33  HIS B CG  1 
ATOM   1091 N ND1 . HIS B 1 33  ? -5.278  -14.204 -9.506  1.00 55.82 ? 33  HIS B ND1 1 
ATOM   1092 C CD2 . HIS B 1 33  ? -5.463  -12.046 -9.215  1.00 55.19 ? 33  HIS B CD2 1 
ATOM   1093 C CE1 . HIS B 1 33  ? -6.396  -13.825 -10.099 1.00 56.52 ? 33  HIS B CE1 1 
ATOM   1094 N NE2 . HIS B 1 33  ? -6.532  -12.524 -9.943  1.00 57.60 ? 33  HIS B NE2 1 
ATOM   1095 N N   . VAL B 1 34  ? -1.048  -13.492 -10.464 1.00 36.06 ? 34  VAL B N   1 
ATOM   1096 C CA  . VAL B 1 34  ? -0.571  -13.334 -11.843 1.00 32.90 ? 34  VAL B CA  1 
ATOM   1097 C C   . VAL B 1 34  ? 0.036   -14.631 -12.351 1.00 31.56 ? 34  VAL B C   1 
ATOM   1098 O O   . VAL B 1 34  ? -0.105  -14.973 -13.530 1.00 29.11 ? 34  VAL B O   1 
ATOM   1099 C CB  . VAL B 1 34  ? 0.459   -12.165 -11.973 1.00 33.80 ? 34  VAL B CB  1 
ATOM   1100 C CG1 . VAL B 1 34  ? 1.209   -12.223 -13.311 1.00 31.09 ? 34  VAL B CG1 1 
ATOM   1101 C CG2 . VAL B 1 34  ? -0.269  -10.832 -11.877 1.00 34.25 ? 34  VAL B CG2 1 
ATOM   1102 N N   . ALA B 1 35  ? 0.668   -15.368 -11.442 1.00 33.39 ? 35  ALA B N   1 
ATOM   1103 C CA  . ALA B 1 35  ? 1.310   -16.649 -11.767 1.00 34.04 ? 35  ALA B CA  1 
ATOM   1104 C C   . ALA B 1 35  ? 0.261   -17.652 -12.212 1.00 32.67 ? 35  ALA B C   1 
ATOM   1105 O O   . ALA B 1 35  ? 0.449   -18.357 -13.199 1.00 32.92 ? 35  ALA B O   1 
ATOM   1106 C CB  . ALA B 1 35  ? 2.081   -17.187 -10.569 1.00 33.41 ? 35  ALA B CB  1 
ATOM   1107 N N   . LYS B 1 36  ? -0.845  -17.706 -11.484 1.00 33.69 ? 36  LYS B N   1 
ATOM   1108 C CA  . LYS B 1 36  ? -1.939  -18.594 -11.835 1.00 35.39 ? 36  LYS B CA  1 
ATOM   1109 C C   . LYS B 1 36  ? -2.535  -18.258 -13.211 1.00 34.71 ? 36  LYS B C   1 
ATOM   1110 O O   . LYS B 1 36  ? -2.735  -19.153 -14.040 1.00 38.57 ? 36  LYS B O   1 
ATOM   1111 C CB  . LYS B 1 36  ? -3.025  -18.570 -10.761 1.00 38.07 ? 36  LYS B CB  1 
ATOM   1112 C CG  . LYS B 1 36  ? -2.757  -19.567 -9.653  1.00 42.79 ? 36  LYS B CG  1 
ATOM   1113 C CD  . LYS B 1 36  ? -3.957  -19.748 -8.748  1.00 47.17 ? 36  LYS B CD  1 
ATOM   1114 C CE  . LYS B 1 36  ? -3.774  -20.964 -7.831  1.00 49.46 ? 36  LYS B CE  1 
ATOM   1115 N NZ  . LYS B 1 36  ? -4.912  -21.112 -6.872  1.00 50.56 ? 36  LYS B NZ  1 
ATOM   1116 N N   . LEU B 1 37  ? -2.779  -16.979 -13.482 1.00 29.94 ? 37  LEU B N   1 
ATOM   1117 C CA  . LEU B 1 37  ? -3.329  -16.607 -14.776 1.00 27.15 ? 37  LEU B CA  1 
ATOM   1118 C C   . LEU B 1 37  ? -2.355  -16.877 -15.929 1.00 27.30 ? 37  LEU B C   1 
ATOM   1119 O O   . LEU B 1 37  ? -2.766  -17.248 -17.029 1.00 28.46 ? 37  LEU B O   1 
ATOM   1120 C CB  . LEU B 1 37  ? -3.739  -15.135 -14.787 1.00 24.26 ? 37  LEU B CB  1 
ATOM   1121 C CG  . LEU B 1 37  ? -4.896  -14.697 -13.883 1.00 28.08 ? 37  LEU B CG  1 
ATOM   1122 C CD1 . LEU B 1 37  ? -5.276  -13.277 -14.277 1.00 25.85 ? 37  LEU B CD1 1 
ATOM   1123 C CD2 . LEU B 1 37  ? -6.102  -15.631 -14.035 1.00 24.86 ? 37  LEU B CD2 1 
ATOM   1124 N N   . LYS B 1 38  ? -1.066  -16.680 -15.677 1.00 27.93 ? 38  LYS B N   1 
ATOM   1125 C CA  . LYS B 1 38  ? -0.030  -16.853 -16.693 1.00 29.41 ? 38  LYS B CA  1 
ATOM   1126 C C   . LYS B 1 38  ? 0.180   -18.324 -17.079 1.00 29.13 ? 38  LYS B C   1 
ATOM   1127 O O   . LYS B 1 38  ? 0.524   -18.655 -18.219 1.00 28.65 ? 38  LYS B O   1 
ATOM   1128 C CB  . LYS B 1 38  ? 1.259   -16.226 -16.173 1.00 31.39 ? 38  LYS B CB  1 
ATOM   1129 C CG  . LYS B 1 38  ? 2.199   -15.764 -17.239 1.00 36.82 ? 38  LYS B CG  1 
ATOM   1130 C CD  . LYS B 1 38  ? 3.107   -14.689 -16.676 1.00 42.17 ? 38  LYS B CD  1 
ATOM   1131 C CE  . LYS B 1 38  ? 3.998   -14.100 -17.773 1.00 46.78 ? 38  LYS B CE  1 
ATOM   1132 N NZ  . LYS B 1 38  ? 4.817   -12.960 -17.264 1.00 49.09 ? 38  LYS B NZ  1 
ATOM   1133 N N   . GLU B 1 39  ? -0.040  -19.195 -16.107 1.00 28.94 ? 39  GLU B N   1 
ATOM   1134 C CA  . GLU B 1 39  ? 0.101   -20.621 -16.293 1.00 30.73 ? 39  GLU B CA  1 
ATOM   1135 C C   . GLU B 1 39  ? -1.049  -21.219 -17.065 1.00 30.21 ? 39  GLU B C   1 
ATOM   1136 O O   . GLU B 1 39  ? -0.882  -22.247 -17.710 1.00 32.00 ? 39  GLU B O   1 
ATOM   1137 C CB  . GLU B 1 39  ? 0.156   -21.296 -14.955 1.00 33.10 ? 39  GLU B CB  1 
ATOM   1138 C CG  . GLU B 1 39  ? 1.367   -20.962 -14.166 1.00 40.34 ? 39  GLU B CG  1 
ATOM   1139 C CD  . GLU B 1 39  ? 1.399   -21.774 -12.903 1.00 45.59 ? 39  GLU B CD  1 
ATOM   1140 O OE1 . GLU B 1 39  ? 1.616   -21.195 -11.815 1.00 48.17 ? 39  GLU B OE1 1 
ATOM   1141 O OE2 . GLU B 1 39  ? 1.166   -23.004 -13.001 1.00 50.11 ? 39  GLU B OE2 1 
ATOM   1142 N N   . ASP B 1 40  ? -2.235  -20.635 -16.913 1.00 26.63 ? 40  ASP B N   1 
ATOM   1143 C CA  . ASP B 1 40  ? -3.415  -21.107 -17.617 1.00 22.62 ? 40  ASP B CA  1 
ATOM   1144 C C   . ASP B 1 40  ? -3.455  -20.507 -19.021 1.00 20.86 ? 40  ASP B C   1 
ATOM   1145 O O   . ASP B 1 40  ? -3.767  -19.336 -19.190 1.00 21.86 ? 40  ASP B O   1 
ATOM   1146 C CB  . ASP B 1 40  ? -4.645  -20.671 -16.842 1.00 22.00 ? 40  ASP B CB  1 
ATOM   1147 C CG  . ASP B 1 40  ? -5.893  -21.388 -17.275 1.00 20.94 ? 40  ASP B CG  1 
ATOM   1148 O OD1 . ASP B 1 40  ? -6.811  -21.459 -16.437 1.00 25.54 ? 40  ASP B OD1 1 
ATOM   1149 O OD2 . ASP B 1 40  ? -5.970  -21.880 -18.425 1.00 19.80 ? 40  ASP B OD2 1 
ATOM   1150 N N   . LYS B 1 41  ? -3.158  -21.301 -20.034 1.00 19.82 ? 41  LYS B N   1 
ATOM   1151 C CA  . LYS B 1 41  ? -3.176  -20.812 -21.394 1.00 19.01 ? 41  LYS B CA  1 
ATOM   1152 C C   . LYS B 1 41  ? -4.575  -20.543 -21.942 1.00 17.71 ? 41  LYS B C   1 
ATOM   1153 O O   . LYS B 1 41  ? -4.722  -19.978 -23.025 1.00 19.23 ? 41  LYS B O   1 
ATOM   1154 C CB  . LYS B 1 41  ? -2.409  -21.764 -22.297 1.00 21.37 ? 41  LYS B CB  1 
ATOM   1155 C CG  . LYS B 1 41  ? -0.953  -21.433 -22.374 1.00 26.94 ? 41  LYS B CG  1 
ATOM   1156 C CD  . LYS B 1 41  ? -0.347  -21.387 -21.011 1.00 31.12 ? 41  LYS B CD  1 
ATOM   1157 C CE  . LYS B 1 41  ? 1.102   -21.008 -21.084 1.00 34.95 ? 41  LYS B CE  1 
ATOM   1158 N NZ  . LYS B 1 41  ? 1.754   -21.296 -19.788 1.00 38.27 ? 41  LYS B NZ  1 
ATOM   1159 N N   . SER B 1 42  ? -5.611  -20.953 -21.217 1.00 16.46 ? 42  SER B N   1 
ATOM   1160 C CA  . SER B 1 42  ? -6.975  -20.674 -21.679 1.00 18.68 ? 42  SER B CA  1 
ATOM   1161 C C   . SER B 1 42  ? -7.393  -19.233 -21.343 1.00 18.72 ? 42  SER B C   1 
ATOM   1162 O O   . SER B 1 42  ? -8.422  -18.765 -21.821 1.00 21.65 ? 42  SER B O   1 
ATOM   1163 C CB  . SER B 1 42  ? -7.982  -21.659 -21.085 1.00 16.72 ? 42  SER B CB  1 
ATOM   1164 O OG  . SER B 1 42  ? -8.189  -21.427 -19.705 1.00 16.97 ? 42  SER B OG  1 
ATOM   1165 N N   . VAL B 1 43  ? -6.583  -18.539 -20.532 1.00 18.06 ? 43  VAL B N   1 
ATOM   1166 C CA  . VAL B 1 43  ? -6.852  -17.166 -20.130 1.00 16.36 ? 43  VAL B CA  1 
ATOM   1167 C C   . VAL B 1 43  ? -6.538  -16.167 -21.240 1.00 17.35 ? 43  VAL B C   1 
ATOM   1168 O O   . VAL B 1 43  ? -5.526  -16.273 -21.924 1.00 18.36 ? 43  VAL B O   1 
ATOM   1169 C CB  . VAL B 1 43  ? -6.068  -16.803 -18.854 1.00 17.71 ? 43  VAL B CB  1 
ATOM   1170 C CG1 . VAL B 1 43  ? -6.190  -15.317 -18.527 1.00 18.25 ? 43  VAL B CG1 1 
ATOM   1171 C CG2 . VAL B 1 43  ? -6.603  -17.626 -17.676 1.00 17.12 ? 43  VAL B CG2 1 
ATOM   1172 N N   . ASP B 1 44  ? -7.449  -15.219 -21.418 1.00 18.61 ? 44  ASP B N   1 
ATOM   1173 C CA  . ASP B 1 44  ? -7.328  -14.181 -22.413 1.00 21.04 ? 44  ASP B CA  1 
ATOM   1174 C C   . ASP B 1 44  ? -6.188  -13.231 -22.047 1.00 19.68 ? 44  ASP B C   1 
ATOM   1175 O O   . ASP B 1 44  ? -6.048  -12.827 -20.900 1.00 19.18 ? 44  ASP B O   1 
ATOM   1176 C CB  . ASP B 1 44  ? -8.663  -13.433 -22.501 1.00 25.95 ? 44  ASP B CB  1 
ATOM   1177 C CG  . ASP B 1 44  ? -8.625  -12.289 -23.472 1.00 29.21 ? 44  ASP B CG  1 
ATOM   1178 O OD1 . ASP B 1 44  ? -8.583  -11.134 -23.016 1.00 37.27 ? 44  ASP B OD1 1 
ATOM   1179 O OD2 . ASP B 1 44  ? -8.646  -12.535 -24.686 1.00 34.07 ? 44  ASP B OD2 1 
ATOM   1180 N N   . PRO B 1 45  ? -5.309  -12.926 -23.010 1.00 21.88 ? 45  PRO B N   1 
ATOM   1181 C CA  . PRO B 1 45  ? -4.206  -12.009 -22.709 1.00 20.66 ? 45  PRO B CA  1 
ATOM   1182 C C   . PRO B 1 45  ? -4.614  -10.666 -22.056 1.00 19.49 ? 45  PRO B C   1 
ATOM   1183 O O   . PRO B 1 45  ? -3.840  -10.124 -21.267 1.00 20.78 ? 45  PRO B O   1 
ATOM   1184 C CB  . PRO B 1 45  ? -3.518  -11.827 -24.076 1.00 21.05 ? 45  PRO B CB  1 
ATOM   1185 C CG  . PRO B 1 45  ? -4.479  -12.380 -25.077 1.00 22.86 ? 45  PRO B CG  1 
ATOM   1186 C CD  . PRO B 1 45  ? -5.157  -13.500 -24.360 1.00 20.14 ? 45  PRO B CD  1 
ATOM   1187 N N   . TYR B 1 46  ? -5.804  -10.138 -22.361 1.00 16.80 ? 46  TYR B N   1 
ATOM   1188 C CA  . TYR B 1 46  ? -6.245  -8.877  -21.770 1.00 16.40 ? 46  TYR B CA  1 
ATOM   1189 C C   . TYR B 1 46  ? -6.473  -8.986  -20.260 1.00 14.32 ? 46  TYR B C   1 
ATOM   1190 O O   . TYR B 1 46  ? -6.117  -8.078  -19.503 1.00 12.74 ? 46  TYR B O   1 
ATOM   1191 C CB  . TYR B 1 46  ? -7.497  -8.335  -22.467 1.00 19.72 ? 46  TYR B CB  1 
ATOM   1192 C CG  . TYR B 1 46  ? -7.989  -7.023  -21.887 1.00 22.58 ? 46  TYR B CG  1 
ATOM   1193 C CD1 . TYR B 1 46  ? -7.333  -5.824  -22.170 1.00 23.80 ? 46  TYR B CD1 1 
ATOM   1194 C CD2 . TYR B 1 46  ? -9.105  -6.987  -21.041 1.00 22.43 ? 46  TYR B CD2 1 
ATOM   1195 C CE1 . TYR B 1 46  ? -7.776  -4.613  -21.617 1.00 29.91 ? 46  TYR B CE1 1 
ATOM   1196 C CE2 . TYR B 1 46  ? -9.555  -5.792  -20.495 1.00 26.53 ? 46  TYR B CE2 1 
ATOM   1197 C CZ  . TYR B 1 46  ? -8.893  -4.608  -20.780 1.00 29.87 ? 46  TYR B CZ  1 
ATOM   1198 O OH  . TYR B 1 46  ? -9.347  -3.420  -20.231 1.00 37.29 ? 46  TYR B OH  1 
ATOM   1199 N N   . ASP B 1 47  ? -7.040  -10.100 -19.811 1.00 13.59 ? 47  ASP B N   1 
ATOM   1200 C CA  . ASP B 1 47  ? -7.285  -10.292 -18.385 1.00 15.33 ? 47  ASP B CA  1 
ATOM   1201 C C   . ASP B 1 47  ? -5.983  -10.477 -17.630 1.00 18.24 ? 47  ASP B C   1 
ATOM   1202 O O   . ASP B 1 47  ? -5.910  -10.201 -16.431 1.00 18.74 ? 47  ASP B O   1 
ATOM   1203 C CB  . ASP B 1 47  ? -8.198  -11.495 -18.127 1.00 16.64 ? 47  ASP B CB  1 
ATOM   1204 C CG  . ASP B 1 47  ? -9.617  -11.280 -18.625 1.00 16.67 ? 47  ASP B CG  1 
ATOM   1205 O OD1 . ASP B 1 47  ? -10.122 -12.192 -19.298 1.00 18.03 ? 47  ASP B OD1 1 
ATOM   1206 O OD2 . ASP B 1 47  ? -10.220 -10.215 -18.349 1.00 18.09 ? 47  ASP B OD2 1 
ATOM   1207 N N   . LEU B 1 48  ? -4.982  -11.033 -18.307 1.00 18.72 ? 48  LEU B N   1 
ATOM   1208 C CA  . LEU B 1 48  ? -3.673  -11.220 -17.691 1.00 17.73 ? 48  LEU B CA  1 
ATOM   1209 C C   . LEU B 1 48  ? -3.009  -9.842  -17.600 1.00 17.67 ? 48  LEU B C   1 
ATOM   1210 O O   . LEU B 1 48  ? -2.436  -9.496  -16.580 1.00 17.65 ? 48  LEU B O   1 
ATOM   1211 C CB  . LEU B 1 48  ? -2.806  -12.181 -18.527 1.00 18.28 ? 48  LEU B CB  1 
ATOM   1212 C CG  . LEU B 1 48  ? -1.326  -12.316 -18.153 1.00 15.89 ? 48  LEU B CG  1 
ATOM   1213 C CD1 . LEU B 1 48  ? -1.198  -12.957 -16.809 1.00 16.75 ? 48  LEU B CD1 1 
ATOM   1214 C CD2 . LEU B 1 48  ? -0.575  -13.119 -19.178 1.00 16.26 ? 48  LEU B CD2 1 
ATOM   1215 N N   . LYS B 1 49  ? -3.104  -9.060  -18.672 1.00 20.57 ? 49  LYS B N   1 
ATOM   1216 C CA  . LYS B 1 49  ? -2.517  -7.717  -18.723 1.00 23.15 ? 49  LYS B CA  1 
ATOM   1217 C C   . LYS B 1 49  ? -3.085  -6.801  -17.629 1.00 25.00 ? 49  LYS B C   1 
ATOM   1218 O O   . LYS B 1 49  ? -2.322  -6.097  -16.953 1.00 25.52 ? 49  LYS B O   1 
ATOM   1219 C CB  . LYS B 1 49  ? -2.720  -7.088  -20.101 1.00 22.71 ? 49  LYS B CB  1 
ATOM   1220 C CG  . LYS B 1 49  ? -2.082  -5.717  -20.269 1.00 29.60 ? 49  LYS B CG  1 
ATOM   1221 C CD  . LYS B 1 49  ? -0.548  -5.811  -20.322 1.00 39.46 ? 49  LYS B CD  1 
ATOM   1222 C CE  . LYS B 1 49  ? 0.124   -5.847  -18.937 1.00 44.09 ? 49  LYS B CE  1 
ATOM   1223 N NZ  . LYS B 1 49  ? 1.601   -6.188  -18.949 1.00 46.26 ? 49  LYS B NZ  1 
ATOM   1224 N N   . LYS B 1 50  ? -4.408  -6.807  -17.452 1.00 23.88 ? 50  LYS B N   1 
ATOM   1225 C CA  . LYS B 1 50  ? -5.035  -5.990  -16.400 1.00 24.99 ? 50  LYS B CA  1 
ATOM   1226 C C   . LYS B 1 50  ? -4.348  -6.246  -15.054 1.00 23.63 ? 50  LYS B C   1 
ATOM   1227 O O   . LYS B 1 50  ? -4.073  -5.327  -14.301 1.00 21.97 ? 50  LYS B O   1 
ATOM   1228 C CB  . LYS B 1 50  ? -6.525  -6.325  -16.262 1.00 23.24 ? 50  LYS B CB  1 
ATOM   1229 C CG  . LYS B 1 50  ? -7.394  -5.701  -17.316 1.00 25.00 ? 50  LYS B CG  1 
ATOM   1230 C CD  . LYS B 1 50  ? -8.791  -6.339  -17.326 1.00 28.74 ? 50  LYS B CD  1 
ATOM   1231 C CE  . LYS B 1 50  ? -9.503  -6.184  -16.002 1.00 25.51 ? 50  LYS B CE  1 
ATOM   1232 N NZ  . LYS B 1 50  ? -10.931 -6.567  -16.089 1.00 21.82 ? 50  LYS B NZ  1 
ATOM   1233 N N   . GLN B 1 51  ? -4.090  -7.514  -14.765 1.00 24.84 ? 51  GLN B N   1 
ATOM   1234 C CA  . GLN B 1 51  ? -3.442  -7.927  -13.530 1.00 26.87 ? 51  GLN B CA  1 
ATOM   1235 C C   . GLN B 1 51  ? -1.950  -7.611  -13.475 1.00 26.78 ? 51  GLN B C   1 
ATOM   1236 O O   . GLN B 1 51  ? -1.415  -7.305  -12.408 1.00 26.86 ? 51  GLN B O   1 
ATOM   1237 C CB  . GLN B 1 51  ? -3.633  -9.429  -13.322 1.00 28.60 ? 51  GLN B CB  1 
ATOM   1238 C CG  . GLN B 1 51  ? -4.004  -9.784  -11.916 1.00 33.04 ? 51  GLN B CG  1 
ATOM   1239 C CD  . GLN B 1 51  ? -5.437  -9.443  -11.607 1.00 33.91 ? 51  GLN B CD  1 
ATOM   1240 O OE1 . GLN B 1 51  ? -6.147  -10.264 -11.047 1.00 37.18 ? 51  GLN B OE1 1 
ATOM   1241 N NE2 . GLN B 1 51  ? -5.885  -8.249  -11.987 1.00 32.60 ? 51  GLN B NE2 1 
ATOM   1242 N N   . GLU B 1 52  ? -1.273  -7.718  -14.610 1.00 25.68 ? 52  GLU B N   1 
ATOM   1243 C CA  . GLU B 1 52  ? 0.155   -7.439  -14.656 1.00 29.36 ? 52  GLU B CA  1 
ATOM   1244 C C   . GLU B 1 52  ? 0.400   -5.960  -14.401 1.00 29.86 ? 52  GLU B C   1 
ATOM   1245 O O   . GLU B 1 52  ? 1.310   -5.581  -13.654 1.00 30.01 ? 52  GLU B O   1 
ATOM   1246 C CB  . GLU B 1 52  ? 0.749   -7.851  -16.017 1.00 29.80 ? 52  GLU B CB  1 
ATOM   1247 C CG  . GLU B 1 52  ? 0.738   -9.359  -16.269 1.00 33.25 ? 52  GLU B CG  1 
ATOM   1248 C CD  . GLU B 1 52  ? 1.576   -9.778  -17.463 1.00 34.63 ? 52  GLU B CD  1 
ATOM   1249 O OE1 . GLU B 1 52  ? 2.516   -10.580 -17.275 1.00 36.80 ? 52  GLU B OE1 1 
ATOM   1250 O OE2 . GLU B 1 52  ? 1.296   -9.314  -18.586 1.00 33.78 ? 52  GLU B OE2 1 
ATOM   1251 N N   . GLU B 1 53  ? -0.414  -5.129  -15.040 1.00 30.29 ? 53  GLU B N   1 
ATOM   1252 C CA  . GLU B 1 53  ? -0.324  -3.689  -14.912 1.00 30.16 ? 53  GLU B CA  1 
ATOM   1253 C C   . GLU B 1 53  ? -0.570  -3.280  -13.445 1.00 28.76 ? 53  GLU B C   1 
ATOM   1254 O O   . GLU B 1 53  ? 0.070   -2.360  -12.945 1.00 25.89 ? 53  GLU B O   1 
ATOM   1255 C CB  . GLU B 1 53  ? -1.314  -3.041  -15.883 1.00 35.00 ? 53  GLU B CB  1 
ATOM   1256 C CG  . GLU B 1 53  ? -2.422  -2.243  -15.202 1.00 48.53 ? 53  GLU B CG  1 
ATOM   1257 C CD  . GLU B 1 53  ? -3.751  -2.253  -15.961 1.00 53.53 ? 53  GLU B CD  1 
ATOM   1258 O OE1 . GLU B 1 53  ? -3.844  -1.605  -17.028 1.00 57.20 ? 53  GLU B OE1 1 
ATOM   1259 O OE2 . GLU B 1 53  ? -4.711  -2.890  -15.470 1.00 56.47 ? 53  GLU B OE2 1 
ATOM   1260 N N   . VAL B 1 54  ? -1.467  -3.977  -12.743 1.00 27.17 ? 54  VAL B N   1 
ATOM   1261 C CA  . VAL B 1 54  ? -1.718  -3.665  -11.335 1.00 28.71 ? 54  VAL B CA  1 
ATOM   1262 C C   . VAL B 1 54  ? -0.484  -4.037  -10.497 1.00 32.14 ? 54  VAL B C   1 
ATOM   1263 O O   . VAL B 1 54  ? -0.080  -3.266  -9.622  1.00 33.16 ? 54  VAL B O   1 
ATOM   1264 C CB  . VAL B 1 54  ? -2.978  -4.378  -10.760 1.00 27.25 ? 54  VAL B CB  1 
ATOM   1265 C CG1 . VAL B 1 54  ? -3.024  -4.257  -9.236  1.00 26.57 ? 54  VAL B CG1 1 
ATOM   1266 C CG2 . VAL B 1 54  ? -4.217  -3.767  -11.320 1.00 26.22 ? 54  VAL B CG2 1 
ATOM   1267 N N   . LEU B 1 55  ? 0.131   -5.192  -10.771 1.00 33.03 ? 55  LEU B N   1 
ATOM   1268 C CA  . LEU B 1 55  ? 1.331   -5.599  -10.029 1.00 34.91 ? 55  LEU B CA  1 
ATOM   1269 C C   . LEU B 1 55  ? 2.427   -4.541  -10.186 1.00 36.90 ? 55  LEU B C   1 
ATOM   1270 O O   . LEU B 1 55  ? 3.035   -4.117  -9.206  1.00 32.74 ? 55  LEU B O   1 
ATOM   1271 C CB  . LEU B 1 55  ? 1.877   -6.945  -10.531 1.00 35.96 ? 55  LEU B CB  1 
ATOM   1272 C CG  . LEU B 1 55  ? 3.135   -7.460  -9.808  1.00 33.33 ? 55  LEU B CG  1 
ATOM   1273 C CD1 . LEU B 1 55  ? 2.801   -7.737  -8.356  1.00 32.48 ? 55  LEU B CD1 1 
ATOM   1274 C CD2 . LEU B 1 55  ? 3.661   -8.718  -10.461 1.00 32.45 ? 55  LEU B CD2 1 
ATOM   1275 N N   . ASP B 1 56  ? 2.671   -4.128  -11.428 1.00 39.20 ? 56  ASP B N   1 
ATOM   1276 C CA  . ASP B 1 56  ? 3.684   -3.117  -11.733 1.00 44.24 ? 56  ASP B CA  1 
ATOM   1277 C C   . ASP B 1 56  ? 3.529   -1.864  -10.875 1.00 45.72 ? 56  ASP B C   1 
ATOM   1278 O O   . ASP B 1 56  ? 4.523   -1.270  -10.442 1.00 45.70 ? 56  ASP B O   1 
ATOM   1279 C CB  . ASP B 1 56  ? 3.639   -2.730  -13.213 1.00 45.12 ? 56  ASP B CB  1 
ATOM   1280 C CG  . ASP B 1 56  ? 4.183   -3.813  -14.130 1.00 49.46 ? 56  ASP B CG  1 
ATOM   1281 O OD1 . ASP B 1 56  ? 4.232   -3.553  -15.348 1.00 51.93 ? 56  ASP B OD1 1 
ATOM   1282 O OD2 . ASP B 1 56  ? 4.556   -4.917  -13.654 1.00 53.01 ? 56  ASP B OD2 1 
ATOM   1283 N N   . ASP B 1 57  ? 2.284   -1.457  -10.646 1.00 47.29 ? 57  ASP B N   1 
ATOM   1284 C CA  . ASP B 1 57  ? 1.991   -0.286  -9.826  1.00 48.72 ? 57  ASP B CA  1 
ATOM   1285 C C   . ASP B 1 57  ? 2.430   -0.523  -8.391  1.00 48.66 ? 57  ASP B C   1 
ATOM   1286 O O   . ASP B 1 57  ? 3.177   0.268   -7.823  1.00 49.41 ? 57  ASP B O   1 
ATOM   1287 C CB  . ASP B 1 57  ? 0.506   0.041   -9.883  1.00 50.70 ? 57  ASP B CB  1 
ATOM   1288 C CG  . ASP B 1 57  ? 0.128   0.756   -11.155 1.00 53.59 ? 57  ASP B CG  1 
ATOM   1289 O OD1 . ASP B 1 57  ? -0.697  1.681   -11.090 1.00 57.05 ? 57  ASP B OD1 1 
ATOM   1290 O OD2 . ASP B 1 57  ? 0.662   0.420   -12.232 1.00 57.50 ? 57  ASP B OD2 1 
ATOM   1291 N N   . THR B 1 58  ? 1.986   -1.634  -7.824  1.00 48.50 ? 58  THR B N   1 
ATOM   1292 C CA  . THR B 1 58  ? 2.351   -1.993  -6.474  1.00 48.08 ? 58  THR B CA  1 
ATOM   1293 C C   . THR B 1 58  ? 3.885   -1.926  -6.369  1.00 48.73 ? 58  THR B C   1 
ATOM   1294 O O   . THR B 1 58  ? 4.406   -1.160  -5.570  1.00 49.98 ? 58  THR B O   1 
ATOM   1295 C CB  . THR B 1 58  ? 1.842   -3.422  -6.133  1.00 47.97 ? 58  THR B CB  1 
ATOM   1296 O OG1 . THR B 1 58  ? 0.430   -3.508  -6.370  1.00 45.69 ? 58  THR B OG1 1 
ATOM   1297 C CG2 . THR B 1 58  ? 2.120   -3.758  -4.679  1.00 47.61 ? 58  THR B CG2 1 
ATOM   1298 N N   . LYS B 1 59  ? 4.597   -2.637  -7.245  1.00 48.76 ? 59  LYS B N   1 
ATOM   1299 C CA  . LYS B 1 59  ? 6.069   -2.668  -7.233  1.00 49.46 ? 59  LYS B CA  1 
ATOM   1300 C C   . LYS B 1 59  ? 6.783   -1.316  -7.262  1.00 50.97 ? 59  LYS B C   1 
ATOM   1301 O O   . LYS B 1 59  ? 7.831   -1.158  -6.633  1.00 52.18 ? 59  LYS B O   1 
ATOM   1302 C CB  . LYS B 1 59  ? 6.611   -3.517  -8.383  1.00 47.64 ? 59  LYS B CB  1 
ATOM   1303 C CG  . LYS B 1 59  ? 6.495   -5.007  -8.213  1.00 47.20 ? 59  LYS B CG  1 
ATOM   1304 C CD  . LYS B 1 59  ? 7.049   -5.702  -9.444  1.00 51.03 ? 59  LYS B CD  1 
ATOM   1305 C CE  . LYS B 1 59  ? 7.032   -7.220  -9.297  1.00 55.17 ? 59  LYS B CE  1 
ATOM   1306 N NZ  . LYS B 1 59  ? 7.616   -7.937  -10.485 1.00 57.41 ? 59  LYS B NZ  1 
ATOM   1307 N N   . ARG B 1 60  ? 6.236   -0.349  -7.994  1.00 52.17 ? 60  ARG B N   1 
ATOM   1308 C CA  . ARG B 1 60  ? 6.850   0.977   -8.101  1.00 53.24 ? 60  ARG B CA  1 
ATOM   1309 C C   . ARG B 1 60  ? 6.860   1.729   -6.754  1.00 53.84 ? 60  ARG B C   1 
ATOM   1310 O O   . ARG B 1 60  ? 7.621   2.684   -6.557  1.00 53.83 ? 60  ARG B O   1 
ATOM   1311 C CB  . ARG B 1 60  ? 6.136   1.800   -9.177  1.00 55.06 ? 60  ARG B CB  1 
ATOM   1312 C CG  . ARG B 1 60  ? 5.124   2.805   -8.641  1.00 59.94 ? 60  ARG B CG  1 
ATOM   1313 C CD  . ARG B 1 60  ? 3.942   2.997   -9.574  1.00 64.10 ? 60  ARG B CD  1 
ATOM   1314 N NE  . ARG B 1 60  ? 4.352   3.184   -10.967 1.00 69.50 ? 60  ARG B NE  1 
ATOM   1315 C CZ  . ARG B 1 60  ? 3.536   3.051   -12.014 1.00 70.39 ? 60  ARG B CZ  1 
ATOM   1316 N NH1 . ARG B 1 60  ? 2.259   2.741   -11.832 1.00 70.09 ? 60  ARG B NH1 1 
ATOM   1317 N NH2 . ARG B 1 60  ? 4.006   3.204   -13.245 1.00 70.02 ? 60  ARG B NH2 1 
ATOM   1318 N N   . LEU B 1 61  ? 6.027   1.266   -5.829  1.00 53.08 ? 61  LEU B N   1 
ATOM   1319 C CA  . LEU B 1 61  ? 5.899   1.839   -4.495  1.00 50.40 ? 61  LEU B CA  1 
ATOM   1320 C C   . LEU B 1 61  ? 7.130   1.549   -3.611  1.00 48.46 ? 61  LEU B C   1 
ATOM   1321 O O   . LEU B 1 61  ? 7.542   2.381   -2.792  1.00 46.54 ? 61  LEU B O   1 
ATOM   1322 C CB  . LEU B 1 61  ? 4.673   1.211   -3.842  1.00 52.55 ? 61  LEU B CB  1 
ATOM   1323 C CG  . LEU B 1 61  ? 3.606   1.988   -3.086  1.00 56.29 ? 61  LEU B CG  1 
ATOM   1324 C CD1 . LEU B 1 61  ? 2.510   0.994   -2.732  1.00 57.57 ? 61  LEU B CD1 1 
ATOM   1325 C CD2 . LEU B 1 61  ? 4.173   2.649   -1.826  1.00 58.79 ? 61  LEU B CD2 1 
ATOM   1326 N N   . LEU B 1 62  ? 7.713   0.364   -3.771  1.00 44.61 ? 62  LEU B N   1 
ATOM   1327 C CA  . LEU B 1 62  ? 8.849   -0.038  -2.949  1.00 42.19 ? 62  LEU B CA  1 
ATOM   1328 C C   . LEU B 1 62  ? 10.122  0.800   -3.034  1.00 39.53 ? 62  LEU B C   1 
ATOM   1329 O O   . LEU B 1 62  ? 10.697  1.150   -2.000  1.00 40.10 ? 62  LEU B O   1 
ATOM   1330 C CB  . LEU B 1 62  ? 9.173   -1.523  -3.139  1.00 42.46 ? 62  LEU B CB  1 
ATOM   1331 C CG  . LEU B 1 62  ? 8.124   -2.501  -2.596  1.00 45.18 ? 62  LEU B CG  1 
ATOM   1332 C CD1 . LEU B 1 62  ? 8.728   -3.908  -2.580  1.00 49.47 ? 62  LEU B CD1 1 
ATOM   1333 C CD2 . LEU B 1 62  ? 7.688   -2.098  -1.185  1.00 46.94 ? 62  LEU B CD2 1 
ATOM   1334 N N   . PRO B 1 63  ? 10.563  1.172   -4.244  1.00 35.44 ? 63  PRO B N   1 
ATOM   1335 C CA  . PRO B 1 63  ? 11.785  1.971   -4.350  1.00 34.69 ? 63  PRO B CA  1 
ATOM   1336 C C   . PRO B 1 63  ? 11.809  3.203   -3.436  1.00 34.93 ? 63  PRO B C   1 
ATOM   1337 O O   . PRO B 1 63  ? 12.765  3.417   -2.695  1.00 33.42 ? 63  PRO B O   1 
ATOM   1338 C CB  . PRO B 1 63  ? 11.797  2.380   -5.826  1.00 33.78 ? 63  PRO B CB  1 
ATOM   1339 C CG  . PRO B 1 63  ? 11.143  1.268   -6.478  1.00 33.45 ? 63  PRO B CG  1 
ATOM   1340 C CD  . PRO B 1 63  ? 9.983   0.951   -5.579  1.00 34.27 ? 63  PRO B CD  1 
ATOM   1341 N N   . THR B 1 64  ? 10.756  4.009   -3.493  1.00 33.90 ? 64  THR B N   1 
ATOM   1342 C CA  . THR B 1 64  ? 10.678  5.211   -2.684  1.00 33.29 ? 64  THR B CA  1 
ATOM   1343 C C   . THR B 1 64  ? 10.547  4.868   -1.217  1.00 29.33 ? 64  THR B C   1 
ATOM   1344 O O   . THR B 1 64  ? 10.982  5.618   -0.352  1.00 28.58 ? 64  THR B O   1 
ATOM   1345 C CB  . THR B 1 64  ? 9.495   6.093   -3.102  1.00 39.01 ? 64  THR B CB  1 
ATOM   1346 O OG1 . THR B 1 64  ? 8.317   5.289   -3.202  1.00 44.81 ? 64  THR B OG1 1 
ATOM   1347 C CG2 . THR B 1 64  ? 9.769   6.749   -4.446  1.00 40.67 ? 64  THR B CG2 1 
ATOM   1348 N N   . LEU B 1 65  ? 9.923   3.745   -0.927  1.00 26.70 ? 65  LEU B N   1 
ATOM   1349 C CA  . LEU B 1 65  ? 9.800   3.350   0.450   1.00 27.80 ? 65  LEU B CA  1 
ATOM   1350 C C   . LEU B 1 65  ? 11.208  3.063   1.022   1.00 27.12 ? 65  LEU B C   1 
ATOM   1351 O O   . LEU B 1 65  ? 11.537  3.549   2.106   1.00 27.91 ? 65  LEU B O   1 
ATOM   1352 C CB  . LEU B 1 65  ? 8.845   2.158   0.565   1.00 27.27 ? 65  LEU B CB  1 
ATOM   1353 C CG  . LEU B 1 65  ? 8.438   1.632   1.935   1.00 28.31 ? 65  LEU B CG  1 
ATOM   1354 C CD1 . LEU B 1 65  ? 8.166   2.758   2.910   1.00 27.50 ? 65  LEU B CD1 1 
ATOM   1355 C CD2 . LEU B 1 65  ? 7.231   0.721   1.778   1.00 29.47 ? 65  LEU B CD2 1 
ATOM   1356 N N   . TYR B 1 66  ? 12.059  2.352   0.274   1.00 27.38 ? 66  TYR B N   1 
ATOM   1357 C CA  . TYR B 1 66  ? 13.423  2.039   0.741   1.00 28.32 ? 66  TYR B CA  1 
ATOM   1358 C C   . TYR B 1 66  ? 14.293  3.290   0.903   1.00 27.53 ? 66  TYR B C   1 
ATOM   1359 O O   . TYR B 1 66  ? 15.151  3.366   1.785   1.00 27.04 ? 66  TYR B O   1 
ATOM   1360 C CB  . TYR B 1 66  ? 14.097  1.001   -0.160  1.00 28.93 ? 66  TYR B CB  1 
ATOM   1361 C CG  . TYR B 1 66  ? 13.442  -0.353  -0.071  1.00 31.40 ? 66  TYR B CG  1 
ATOM   1362 C CD1 . TYR B 1 66  ? 13.422  -1.052  1.130   1.00 33.06 ? 66  TYR B CD1 1 
ATOM   1363 C CD2 . TYR B 1 66  ? 12.792  -0.914  -1.171  1.00 32.29 ? 66  TYR B CD2 1 
ATOM   1364 C CE1 . TYR B 1 66  ? 12.762  -2.292  1.244   1.00 35.29 ? 66  TYR B CE1 1 
ATOM   1365 C CE2 . TYR B 1 66  ? 12.127  -2.149  -1.068  1.00 35.70 ? 66  TYR B CE2 1 
ATOM   1366 C CZ  . TYR B 1 66  ? 12.116  -2.834  0.148   1.00 36.70 ? 66  TYR B CZ  1 
ATOM   1367 O OH  . TYR B 1 66  ? 11.464  -4.061  0.277   1.00 41.44 ? 66  TYR B OH  1 
ATOM   1368 N N   . GLU B 1 67  ? 14.028  4.296   0.079   1.00 28.46 ? 67  GLU B N   1 
ATOM   1369 C CA  . GLU B 1 67  ? 14.740  5.579   0.152   1.00 29.08 ? 67  GLU B CA  1 
ATOM   1370 C C   . GLU B 1 67  ? 14.464  6.262   1.512   1.00 26.28 ? 67  GLU B C   1 
ATOM   1371 O O   . GLU B 1 67  ? 15.373  6.791   2.154   1.00 21.81 ? 67  GLU B O   1 
ATOM   1372 C CB  . GLU B 1 67  ? 14.293  6.478   -1.003  1.00 33.26 ? 67  GLU B CB  1 
ATOM   1373 C CG  . GLU B 1 67  ? 14.765  5.965   -2.368  1.00 45.68 ? 67  GLU B CG  1 
ATOM   1374 C CD  . GLU B 1 67  ? 14.042  6.592   -3.576  1.00 51.25 ? 67  GLU B CD  1 
ATOM   1375 O OE1 . GLU B 1 67  ? 13.597  5.821   -4.461  1.00 53.86 ? 67  GLU B OE1 1 
ATOM   1376 O OE2 . GLU B 1 67  ? 13.934  7.842   -3.659  1.00 53.29 ? 67  GLU B OE2 1 
ATOM   1377 N N   . LYS B 1 68  ? 13.217  6.184   1.966   1.00 22.45 ? 68  LYS B N   1 
ATOM   1378 C CA  . LYS B 1 68  ? 12.835  6.764   3.237   1.00 23.16 ? 68  LYS B CA  1 
ATOM   1379 C C   . LYS B 1 68  ? 13.306  5.953   4.418   1.00 23.03 ? 68  LYS B C   1 
ATOM   1380 O O   . LYS B 1 68  ? 13.616  6.527   5.464   1.00 25.71 ? 68  LYS B O   1 
ATOM   1381 C CB  . LYS B 1 68  ? 11.336  6.993   3.311   1.00 24.43 ? 68  LYS B CB  1 
ATOM   1382 C CG  . LYS B 1 68  ? 10.930  8.185   2.487   1.00 28.58 ? 68  LYS B CG  1 
ATOM   1383 C CD  . LYS B 1 68  ? 9.450   8.333   2.417   1.00 32.36 ? 68  LYS B CD  1 
ATOM   1384 C CE  . LYS B 1 68  ? 9.103   9.242   1.266   1.00 34.67 ? 68  LYS B CE  1 
ATOM   1385 N NZ  . LYS B 1 68  ? 7.700   9.661   1.378   1.00 39.30 ? 68  LYS B NZ  1 
ATOM   1386 N N   . ILE B 1 69  ? 13.326  4.627   4.282   1.00 20.70 ? 69  ILE B N   1 
ATOM   1387 C CA  . ILE B 1 69  ? 13.811  3.753   5.352   1.00 17.38 ? 69  ILE B CA  1 
ATOM   1388 C C   . ILE B 1 69  ? 15.302  4.115   5.607   1.00 18.18 ? 69  ILE B C   1 
ATOM   1389 O O   . ILE B 1 69  ? 15.749  4.262   6.753   1.00 15.71 ? 69  ILE B O   1 
ATOM   1390 C CB  . ILE B 1 69  ? 13.639  2.249   4.954   1.00 17.15 ? 69  ILE B CB  1 
ATOM   1391 C CG1 . ILE B 1 69  ? 12.144  1.920   4.842   1.00 18.16 ? 69  ILE B CG1 1 
ATOM   1392 C CG2 . ILE B 1 69  ? 14.346  1.325   5.959   1.00 17.23 ? 69  ILE B CG2 1 
ATOM   1393 C CD1 . ILE B 1 69  ? 11.839  0.484   4.584   1.00 18.76 ? 69  ILE B CD1 1 
ATOM   1394 N N   . ARG B 1 70  ? 16.043  4.357   4.530   1.00 16.96 ? 70  ARG B N   1 
ATOM   1395 C CA  . ARG B 1 70  ? 17.437  4.728   4.660   1.00 18.50 ? 70  ARG B CA  1 
ATOM   1396 C C   . ARG B 1 70  ? 17.596  6.080   5.367   1.00 20.06 ? 70  ARG B C   1 
ATOM   1397 O O   . ARG B 1 70  ? 18.397  6.198   6.302   1.00 19.33 ? 70  ARG B O   1 
ATOM   1398 C CB  . ARG B 1 70  ? 18.098  4.778   3.294   1.00 22.27 ? 70  ARG B CB  1 
ATOM   1399 C CG  . ARG B 1 70  ? 19.596  5.034   3.371   1.00 29.77 ? 70  ARG B CG  1 
ATOM   1400 C CD  . ARG B 1 70  ? 20.142  5.556   2.060   1.00 34.53 ? 70  ARG B CD  1 
ATOM   1401 N NE  . ARG B 1 70  ? 21.549  5.222   1.931   1.00 40.49 ? 70  ARG B NE  1 
ATOM   1402 C CZ  . ARG B 1 70  ? 21.985  4.036   1.514   1.00 47.27 ? 70  ARG B CZ  1 
ATOM   1403 N NH1 . ARG B 1 70  ? 21.129  3.064   1.176   1.00 50.60 ? 70  ARG B NH1 1 
ATOM   1404 N NH2 . ARG B 1 70  ? 23.283  3.801   1.472   1.00 48.56 ? 70  ARG B NH2 1 
ATOM   1405 N N   . GLU B 1 71  ? 16.855  7.102   4.919   1.00 21.61 ? 71  GLU B N   1 
ATOM   1406 C CA  . GLU B 1 71  ? 16.911  8.445   5.531   1.00 21.69 ? 71  GLU B CA  1 
ATOM   1407 C C   . GLU B 1 71  ? 16.584  8.349   7.000   1.00 19.20 ? 71  GLU B C   1 
ATOM   1408 O O   . GLU B 1 71  ? 17.297  8.891   7.840   1.00 19.81 ? 71  GLU B O   1 
ATOM   1409 C CB  . GLU B 1 71  ? 15.864  9.397   4.949   1.00 25.35 ? 71  GLU B CB  1 
ATOM   1410 C CG  . GLU B 1 71  ? 16.026  9.768   3.493   1.00 34.65 ? 71  GLU B CG  1 
ATOM   1411 C CD  . GLU B 1 71  ? 14.744  10.385  2.915   1.00 39.12 ? 71  GLU B CD  1 
ATOM   1412 O OE1 . GLU B 1 71  ? 14.569  10.356  1.664   1.00 38.51 ? 71  GLU B OE1 1 
ATOM   1413 O OE2 . GLU B 1 71  ? 13.900  10.866  3.720   1.00 38.17 ? 71  GLU B OE2 1 
ATOM   1414 N N   . PHE B 1 72  ? 15.473  7.685   7.295   1.00 15.97 ? 72  PHE B N   1 
ATOM   1415 C CA  . PHE B 1 72  ? 15.008  7.533   8.661   1.00 16.18 ? 72  PHE B CA  1 
ATOM   1416 C C   . PHE B 1 72  ? 16.048  6.826   9.522   1.00 17.92 ? 72  PHE B C   1 
ATOM   1417 O O   . PHE B 1 72  ? 16.292  7.226   10.676  1.00 19.12 ? 72  PHE B O   1 
ATOM   1418 C CB  . PHE B 1 72  ? 13.648  6.810   8.712   1.00 12.02 ? 72  PHE B CB  1 
ATOM   1419 C CG  . PHE B 1 72  ? 12.462  7.683   8.286   1.00 12.74 ? 72  PHE B CG  1 
ATOM   1420 C CD1 . PHE B 1 72  ? 12.593  8.640   7.288   1.00 11.74 ? 72  PHE B CD1 1 
ATOM   1421 C CD2 . PHE B 1 72  ? 11.202  7.514   8.875   1.00 13.30 ? 72  PHE B CD2 1 
ATOM   1422 C CE1 . PHE B 1 72  ? 11.496  9.421   6.882   1.00 10.00 ? 72  PHE B CE1 1 
ATOM   1423 C CE2 . PHE B 1 72  ? 10.104  8.290   8.472   1.00 9.10  ? 72  PHE B CE2 1 
ATOM   1424 C CZ  . PHE B 1 72  ? 10.255  9.240   7.472   1.00 8.00  ? 72  PHE B CZ  1 
ATOM   1425 N N   . LYS B 1 73  ? 16.713  5.830   8.942   1.00 15.60 ? 73  LYS B N   1 
ATOM   1426 C CA  . LYS B 1 73  ? 17.730  5.081   9.661   1.00 14.33 ? 73  LYS B CA  1 
ATOM   1427 C C   . LYS B 1 73  ? 18.945  5.942   9.927   1.00 12.72 ? 73  LYS B C   1 
ATOM   1428 O O   . LYS B 1 73  ? 19.478  5.940   11.028  1.00 8.40  ? 73  LYS B O   1 
ATOM   1429 C CB  . LYS B 1 73  ? 18.159  3.855   8.847   1.00 19.87 ? 73  LYS B CB  1 
ATOM   1430 C CG  . LYS B 1 73  ? 19.198  2.963   9.530   1.00 17.49 ? 73  LYS B CG  1 
ATOM   1431 C CD  . LYS B 1 73  ? 19.757  1.947   8.527   1.00 15.33 ? 73  LYS B CD  1 
ATOM   1432 C CE  . LYS B 1 73  ? 21.136  2.341   8.080   1.00 13.34 ? 73  LYS B CE  1 
ATOM   1433 N NZ  . LYS B 1 73  ? 21.066  3.442   7.152   1.00 19.27 ? 73  LYS B NZ  1 
ATOM   1434 N N   . GLU B 1 74  ? 19.366  6.695   8.918   1.00 15.28 ? 74  GLU B N   1 
ATOM   1435 C CA  . GLU B 1 74  ? 20.542  7.549   9.046   1.00 17.96 ? 74  GLU B CA  1 
ATOM   1436 C C   . GLU B 1 74  ? 20.294  8.671   10.018  1.00 18.46 ? 74  GLU B C   1 
ATOM   1437 O O   . GLU B 1 74  ? 21.199  9.100   10.763  1.00 14.35 ? 74  GLU B O   1 
ATOM   1438 C CB  . GLU B 1 74  ? 20.957  8.096   7.683   1.00 21.95 ? 74  GLU B CB  1 
ATOM   1439 C CG  . GLU B 1 74  ? 21.314  6.987   6.696   1.00 23.89 ? 74  GLU B CG  1 
ATOM   1440 C CD  . GLU B 1 74  ? 21.813  7.507   5.376   1.00 24.98 ? 74  GLU B CD  1 
ATOM   1441 O OE1 . GLU B 1 74  ? 22.510  6.731   4.681   1.00 28.31 ? 74  GLU B OE1 1 
ATOM   1442 O OE2 . GLU B 1 74  ? 21.506  8.679   5.041   1.00 25.16 ? 74  GLU B OE2 1 
ATOM   1443 N N   . ASP B 1 75  ? 19.051  9.131   10.026  1.00 18.42 ? 75  ASP B N   1 
ATOM   1444 C CA  . ASP B 1 75  ? 18.668  10.186  10.929  1.00 19.84 ? 75  ASP B CA  1 
ATOM   1445 C C   . ASP B 1 75  ? 18.835  9.660   12.351  1.00 17.04 ? 75  ASP B C   1 
ATOM   1446 O O   . ASP B 1 75  ? 19.476  10.294  13.184  1.00 19.06 ? 75  ASP B O   1 
ATOM   1447 C CB  . ASP B 1 75  ? 17.209  10.599  10.682  1.00 20.31 ? 75  ASP B CB  1 
ATOM   1448 C CG  . ASP B 1 75  ? 16.781  11.752  11.571  1.00 21.98 ? 75  ASP B CG  1 
ATOM   1449 O OD1 . ASP B 1 75  ? 15.656  11.687  12.126  1.00 20.99 ? 75  ASP B OD1 1 
ATOM   1450 O OD2 . ASP B 1 75  ? 17.587  12.708  11.729  1.00 18.53 ? 75  ASP B OD2 1 
ATOM   1451 N N   . LEU B 1 76  ? 18.270  8.493   12.614  1.00 14.76 ? 76  LEU B N   1 
ATOM   1452 C CA  . LEU B 1 76  ? 18.359  7.893   13.939  1.00 15.49 ? 76  LEU B CA  1 
ATOM   1453 C C   . LEU B 1 76  ? 19.805  7.590   14.329  1.00 16.77 ? 76  LEU B C   1 
ATOM   1454 O O   . LEU B 1 76  ? 20.198  7.879   15.452  1.00 19.21 ? 76  LEU B O   1 
ATOM   1455 C CB  . LEU B 1 76  ? 17.471  6.642   14.049  1.00 11.91 ? 76  LEU B CB  1 
ATOM   1456 C CG  . LEU B 1 76  ? 17.327  5.971   15.426  1.00 14.97 ? 76  LEU B CG  1 
ATOM   1457 C CD1 . LEU B 1 76  ? 16.938  6.978   16.484  1.00 14.88 ? 76  LEU B CD1 1 
ATOM   1458 C CD2 . LEU B 1 76  ? 16.274  4.854   15.384  1.00 12.41 ? 76  LEU B CD2 1 
ATOM   1459 N N   . GLU B 1 77  ? 20.614  7.072   13.403  1.00 17.20 ? 77  GLU B N   1 
ATOM   1460 C CA  . GLU B 1 77  ? 22.013  6.772   13.716  1.00 18.11 ? 77  GLU B CA  1 
ATOM   1461 C C   . GLU B 1 77  ? 22.784  8.043   14.049  1.00 19.19 ? 77  GLU B C   1 
ATOM   1462 O O   . GLU B 1 77  ? 23.563  8.046   14.987  1.00 17.32 ? 77  GLU B O   1 
ATOM   1463 C CB  . GLU B 1 77  ? 22.723  6.039   12.578  1.00 22.09 ? 77  GLU B CB  1 
ATOM   1464 C CG  . GLU B 1 77  ? 22.155  4.691   12.200  1.00 29.20 ? 77  GLU B CG  1 
ATOM   1465 C CD  . GLU B 1 77  ? 22.797  4.122   10.922  1.00 35.52 ? 77  GLU B CD  1 
ATOM   1466 O OE1 . GLU B 1 77  ? 22.585  4.689   9.823   1.00 38.79 ? 77  GLU B OE1 1 
ATOM   1467 O OE2 . GLU B 1 77  ? 23.516  3.099   11.011  1.00 38.97 ? 77  GLU B OE2 1 
ATOM   1468 N N   . GLN B 1 78  ? 22.584  9.116   13.276  1.00 19.75 ? 78  GLN B N   1 
ATOM   1469 C CA  . GLN B 1 78  ? 23.263  10.397  13.527  1.00 20.57 ? 78  GLN B CA  1 
ATOM   1470 C C   . GLN B 1 78  ? 22.851  10.963  14.902  1.00 16.25 ? 78  GLN B C   1 
ATOM   1471 O O   . GLN B 1 78  ? 23.668  11.460  15.666  1.00 15.12 ? 78  GLN B O   1 
ATOM   1472 C CB  . GLN B 1 78  ? 22.924  11.387  12.400  1.00 26.10 ? 78  GLN B CB  1 
ATOM   1473 C CG  . GLN B 1 78  ? 23.789  12.636  12.358  1.00 37.25 ? 78  GLN B CG  1 
ATOM   1474 C CD  . GLN B 1 78  ? 25.240  12.391  11.894  1.00 45.29 ? 78  GLN B CD  1 
ATOM   1475 O OE1 . GLN B 1 78  ? 25.939  13.343  11.534  1.00 51.94 ? 78  GLN B OE1 1 
ATOM   1476 N NE2 . GLN B 1 78  ? 25.680  11.135  11.864  1.00 44.72 ? 78  GLN B NE2 1 
ATOM   1477 N N   . PHE B 1 79  ? 21.575  10.856  15.221  1.00 15.46 ? 79  PHE B N   1 
ATOM   1478 C CA  . PHE B 1 79  ? 21.078  11.345  16.496  1.00 15.66 ? 79  PHE B CA  1 
ATOM   1479 C C   . PHE B 1 79  ? 21.743  10.592  17.653  1.00 15.80 ? 79  PHE B C   1 
ATOM   1480 O O   . PHE B 1 79  ? 22.038  11.170  18.678  1.00 17.12 ? 79  PHE B O   1 
ATOM   1481 C CB  . PHE B 1 79  ? 19.557  11.177  16.558  1.00 12.09 ? 79  PHE B CB  1 
ATOM   1482 C CG  . PHE B 1 79  ? 18.945  11.594  17.867  1.00 13.67 ? 79  PHE B CG  1 
ATOM   1483 C CD1 . PHE B 1 79  ? 18.642  12.934  18.119  1.00 13.77 ? 79  PHE B CD1 1 
ATOM   1484 C CD2 . PHE B 1 79  ? 18.640  10.654  18.838  1.00 12.81 ? 79  PHE B CD2 1 
ATOM   1485 C CE1 . PHE B 1 79  ? 18.035  13.315  19.318  1.00 13.67 ? 79  PHE B CE1 1 
ATOM   1486 C CE2 . PHE B 1 79  ? 18.037  11.027  20.034  1.00 15.54 ? 79  PHE B CE2 1 
ATOM   1487 C CZ  . PHE B 1 79  ? 17.735  12.355  20.275  1.00 8.25  ? 79  PHE B CZ  1 
ATOM   1488 N N   . LEU B 1 80  ? 21.941  9.291   17.500  1.00 16.44 ? 80  LEU B N   1 
ATOM   1489 C CA  . LEU B 1 80  ? 22.558  8.501   18.555  1.00 15.85 ? 80  LEU B CA  1 
ATOM   1490 C C   . LEU B 1 80  ? 24.057  8.756   18.788  1.00 17.61 ? 80  LEU B C   1 
ATOM   1491 O O   . LEU B 1 80  ? 24.551  8.512   19.882  1.00 15.38 ? 80  LEU B O   1 
ATOM   1492 C CB  . LEU B 1 80  ? 22.322  7.013   18.313  1.00 14.98 ? 80  LEU B CB  1 
ATOM   1493 C CG  . LEU B 1 80  ? 20.925  6.420   18.541  1.00 18.47 ? 80  LEU B CG  1 
ATOM   1494 C CD1 . LEU B 1 80  ? 20.881  5.033   17.920  1.00 18.40 ? 80  LEU B CD1 1 
ATOM   1495 C CD2 . LEU B 1 80  ? 20.574  6.354   20.046  1.00 14.93 ? 80  LEU B CD2 1 
ATOM   1496 N N   . LYS B 1 81  ? 24.789  9.226   17.781  1.00 18.33 ? 81  LYS B N   1 
ATOM   1497 C CA  . LYS B 1 81  ? 26.219  9.482   17.961  1.00 22.17 ? 81  LYS B CA  1 
ATOM   1498 C C   . LYS B 1 81  ? 26.503  10.588  18.973  1.00 23.46 ? 81  LYS B C   1 
ATOM   1499 O O   . LYS B 1 81  ? 27.586  10.587  19.581  1.00 21.79 ? 81  LYS B O   1 
ATOM   1500 C CB  . LYS B 1 81  ? 26.908  9.862   16.651  1.00 24.99 ? 81  LYS B CB  1 
ATOM   1501 C CG  . LYS B 1 81  ? 26.942  8.793   15.592  1.00 31.35 ? 81  LYS B CG  1 
ATOM   1502 C CD  . LYS B 1 81  ? 27.587  9.380   14.333  1.00 38.21 ? 81  LYS B CD  1 
ATOM   1503 C CE  . LYS B 1 81  ? 27.188  8.612   13.080  1.00 40.92 ? 81  LYS B CE  1 
ATOM   1504 N NZ  . LYS B 1 81  ? 27.720  9.253   11.837  1.00 45.48 ? 81  LYS B NZ  1 
ATOM   1505 N N   . THR B 1 82  ? 25.555  11.526  19.124  1.00 22.32 ? 82  THR B N   1 
ATOM   1506 C CA  . THR B 1 82  ? 25.702  12.655  20.037  1.00 21.90 ? 82  THR B CA  1 
ATOM   1507 C C   . THR B 1 82  ? 24.686  12.661  21.183  1.00 21.83 ? 82  THR B C   1 
ATOM   1508 O O   . THR B 1 82  ? 24.550  13.646  21.914  1.00 20.98 ? 82  THR B O   1 
ATOM   1509 C CB  . THR B 1 82  ? 25.609  13.979  19.274  1.00 21.96 ? 82  THR B CB  1 
ATOM   1510 O OG1 . THR B 1 82  ? 24.433  13.969  18.464  1.00 27.28 ? 82  THR B OG1 1 
ATOM   1511 C CG2 . THR B 1 82  ? 26.823  14.172  18.370  1.00 23.95 ? 82  THR B CG2 1 
ATOM   1512 N N   . TYR B 1 83  ? 24.035  11.529  21.399  1.00 21.21 ? 83  TYR B N   1 
ATOM   1513 C CA  . TYR B 1 83  ? 23.033  11.430  22.447  1.00 23.72 ? 83  TYR B CA  1 
ATOM   1514 C C   . TYR B 1 83  ? 23.613  11.291  23.836  1.00 24.52 ? 83  TYR B C   1 
ATOM   1515 O O   . TYR B 1 83  ? 24.264  10.290  24.149  1.00 25.99 ? 83  TYR B O   1 
ATOM   1516 C CB  . TYR B 1 83  ? 22.111  10.263  22.180  1.00 24.78 ? 83  TYR B CB  1 
ATOM   1517 C CG  . TYR B 1 83  ? 20.996  10.121  23.183  1.00 25.32 ? 83  TYR B CG  1 
ATOM   1518 C CD1 . TYR B 1 83  ? 19.910  10.991  23.172  1.00 24.86 ? 83  TYR B CD1 1 
ATOM   1519 C CD2 . TYR B 1 83  ? 21.010  9.082   24.116  1.00 24.55 ? 83  TYR B CD2 1 
ATOM   1520 C CE1 . TYR B 1 83  ? 18.855  10.830  24.070  1.00 26.38 ? 83  TYR B CE1 1 
ATOM   1521 C CE2 . TYR B 1 83  ? 19.974  8.911   25.008  1.00 28.32 ? 83  TYR B CE2 1 
ATOM   1522 C CZ  . TYR B 1 83  ? 18.893  9.789   24.981  1.00 28.01 ? 83  TYR B CZ  1 
ATOM   1523 O OH  . TYR B 1 83  ? 17.875  9.600   25.880  1.00 29.54 ? 83  TYR B OH  1 
ATOM   1524 N N   . GLN B 1 84  ? 23.291  12.255  24.693  1.00 24.81 ? 84  GLN B N   1 
ATOM   1525 C CA  . GLN B 1 84  ? 23.773  12.267  26.070  1.00 26.01 ? 84  GLN B CA  1 
ATOM   1526 C C   . GLN B 1 84  ? 22.652  12.095  27.077  1.00 25.09 ? 84  GLN B C   1 
ATOM   1527 O O   . GLN B 1 84  ? 22.850  12.305  28.264  1.00 24.98 ? 84  GLN B O   1 
ATOM   1528 C CB  . GLN B 1 84  ? 24.483  13.571  26.375  1.00 29.84 ? 84  GLN B CB  1 
ATOM   1529 C CG  . GLN B 1 84  ? 25.668  13.847  25.536  1.00 36.47 ? 84  GLN B CG  1 
ATOM   1530 C CD  . GLN B 1 84  ? 26.515  14.914  26.162  1.00 43.86 ? 84  GLN B CD  1 
ATOM   1531 O OE1 . GLN B 1 84  ? 27.280  14.641  27.098  1.00 47.13 ? 84  GLN B OE1 1 
ATOM   1532 N NE2 . GLN B 1 84  ? 26.356  16.147  25.700  1.00 46.24 ? 84  GLN B NE2 1 
ATOM   1533 N N   . GLY B 1 85  ? 21.455  11.798  26.589  1.00 24.68 ? 85  GLY B N   1 
ATOM   1534 C CA  . GLY B 1 85  ? 20.342  11.597  27.486  1.00 25.19 ? 85  GLY B CA  1 
ATOM   1535 C C   . GLY B 1 85  ? 20.528  10.363  28.358  1.00 27.59 ? 85  GLY B C   1 
ATOM   1536 O O   . GLY B 1 85  ? 21.495  9.603   28.256  1.00 25.73 ? 85  GLY B O   1 
ATOM   1537 N N   . THR B 1 86  ? 19.503  10.105  29.145  1.00 29.45 ? 86  THR B N   1 
ATOM   1538 C CA  . THR B 1 86  ? 19.506  9.006   30.077  1.00 30.15 ? 86  THR B CA  1 
ATOM   1539 C C   . THR B 1 86  ? 18.638  7.812   29.644  1.00 28.12 ? 86  THR B C   1 
ATOM   1540 O O   . THR B 1 86  ? 18.589  6.799   30.343  1.00 30.51 ? 86  THR B O   1 
ATOM   1541 C CB  . THR B 1 86  ? 19.077  9.566   31.464  1.00 32.05 ? 86  THR B CB  1 
ATOM   1542 O OG1 . THR B 1 86  ? 19.077  8.527   32.444  1.00 37.09 ? 86  THR B OG1 1 
ATOM   1543 C CG2 . THR B 1 86  ? 17.697  10.245  31.377  1.00 31.48 ? 86  THR B CG2 1 
ATOM   1544 N N   . GLU B 1 87  ? 17.934  7.919   28.518  1.00 26.29 ? 87  GLU B N   1 
ATOM   1545 C CA  . GLU B 1 87  ? 17.082  6.811   28.079  1.00 25.15 ? 87  GLU B CA  1 
ATOM   1546 C C   . GLU B 1 87  ? 17.896  5.624   27.615  1.00 24.33 ? 87  GLU B C   1 
ATOM   1547 O O   . GLU B 1 87  ? 19.042  5.777   27.187  1.00 23.56 ? 87  GLU B O   1 
ATOM   1548 C CB  . GLU B 1 87  ? 16.148  7.206   26.941  1.00 23.30 ? 87  GLU B CB  1 
ATOM   1549 C CG  . GLU B 1 87  ? 15.039  8.123   27.321  1.00 30.76 ? 87  GLU B CG  1 
ATOM   1550 C CD  . GLU B 1 87  ? 14.061  8.331   26.178  1.00 32.74 ? 87  GLU B CD  1 
ATOM   1551 O OE1 . GLU B 1 87  ? 14.132  9.378   25.504  1.00 33.28 ? 87  GLU B OE1 1 
ATOM   1552 O OE2 . GLU B 1 87  ? 13.229  7.436   25.937  1.00 36.03 ? 87  GLU B OE2 1 
ATOM   1553 N N   . ASP B 1 88  ? 17.291  4.443   27.712  1.00 22.37 ? 88  ASP B N   1 
ATOM   1554 C CA  . ASP B 1 88  ? 17.906  3.188   27.275  1.00 22.95 ? 88  ASP B CA  1 
ATOM   1555 C C   . ASP B 1 88  ? 17.771  3.205   25.738  1.00 23.23 ? 88  ASP B C   1 
ATOM   1556 O O   . ASP B 1 88  ? 16.652  3.328   25.222  1.00 25.90 ? 88  ASP B O   1 
ATOM   1557 C CB  . ASP B 1 88  ? 17.126  2.012   27.881  1.00 23.40 ? 88  ASP B CB  1 
ATOM   1558 C CG  . ASP B 1 88  ? 17.574  0.664   27.353  1.00 21.93 ? 88  ASP B CG  1 
ATOM   1559 O OD1 . ASP B 1 88  ? 18.599  0.598   26.650  1.00 24.08 ? 88  ASP B OD1 1 
ATOM   1560 O OD2 . ASP B 1 88  ? 16.884  -0.337  27.625  1.00 19.67 ? 88  ASP B OD2 1 
ATOM   1561 N N   . VAL B 1 89  ? 18.894  3.130   25.019  1.00 19.99 ? 89  VAL B N   1 
ATOM   1562 C CA  . VAL B 1 89  ? 18.881  3.195   23.559  1.00 17.53 ? 89  VAL B CA  1 
ATOM   1563 C C   . VAL B 1 89  ? 18.845  1.852   22.846  1.00 20.38 ? 89  VAL B C   1 
ATOM   1564 O O   . VAL B 1 89  ? 19.071  1.773   21.631  1.00 19.37 ? 89  VAL B O   1 
ATOM   1565 C CB  . VAL B 1 89  ? 20.082  3.991   23.019  1.00 19.32 ? 89  VAL B CB  1 
ATOM   1566 C CG1 . VAL B 1 89  ? 20.076  5.425   23.575  1.00 16.97 ? 89  VAL B CG1 1 
ATOM   1567 C CG2 . VAL B 1 89  ? 21.372  3.270   23.341  1.00 13.81 ? 89  VAL B CG2 1 
ATOM   1568 N N   . SER B 1 90  ? 18.530  0.798   23.588  1.00 21.31 ? 90  SER B N   1 
ATOM   1569 C CA  . SER B 1 90  ? 18.462  -0.529  22.997  1.00 22.86 ? 90  SER B CA  1 
ATOM   1570 C C   . SER B 1 90  ? 17.384  -0.639  21.918  1.00 22.54 ? 90  SER B C   1 
ATOM   1571 O O   . SER B 1 90  ? 17.644  -1.185  20.847  1.00 24.41 ? 90  SER B O   1 
ATOM   1572 C CB  . SER B 1 90  ? 18.291  -1.580  24.084  1.00 25.26 ? 90  SER B CB  1 
ATOM   1573 O OG  . SER B 1 90  ? 19.313  -1.392  25.061  1.00 35.25 ? 90  SER B OG  1 
ATOM   1574 N N   . ASP B 1 91  ? 16.188  -0.107  22.156  1.00 23.09 ? 91  ASP B N   1 
ATOM   1575 C CA  . ASP B 1 91  ? 15.152  -0.164  21.111  1.00 23.74 ? 91  ASP B CA  1 
ATOM   1576 C C   . ASP B 1 91  ? 15.577  0.582   19.845  1.00 20.37 ? 91  ASP B C   1 
ATOM   1577 O O   . ASP B 1 91  ? 15.262  0.150   18.739  1.00 16.03 ? 91  ASP B O   1 
ATOM   1578 C CB  . ASP B 1 91  ? 13.818  0.399   21.598  1.00 31.46 ? 91  ASP B CB  1 
ATOM   1579 C CG  . ASP B 1 91  ? 13.004  -0.623  22.353  1.00 36.15 ? 91  ASP B CG  1 
ATOM   1580 O OD1 . ASP B 1 91  ? 12.564  -0.320  23.485  1.00 43.74 ? 91  ASP B OD1 1 
ATOM   1581 O OD2 . ASP B 1 91  ? 12.796  -1.729  21.821  1.00 39.19 ? 91  ASP B OD2 1 
ATOM   1582 N N   . ALA B 1 92  ? 16.295  1.689   20.011  1.00 17.56 ? 92  ALA B N   1 
ATOM   1583 C CA  . ALA B 1 92  ? 16.780  2.458   18.872  1.00 19.05 ? 92  ALA B CA  1 
ATOM   1584 C C   . ALA B 1 92  ? 17.786  1.637   18.060  1.00 17.97 ? 92  ALA B C   1 
ATOM   1585 O O   . ALA B 1 92  ? 17.699  1.598   16.851  1.00 18.68 ? 92  ALA B O   1 
ATOM   1586 C CB  . ALA B 1 92  ? 17.410  3.764   19.330  1.00 17.86 ? 92  ALA B CB  1 
ATOM   1587 N N   . ARG B 1 93  ? 18.748  1.006   18.733  1.00 20.59 ? 93  ARG B N   1 
ATOM   1588 C CA  . ARG B 1 93  ? 19.748  0.173   18.057  1.00 19.17 ? 93  ARG B CA  1 
ATOM   1589 C C   . ARG B 1 93  ? 19.076  -0.978  17.321  1.00 17.89 ? 93  ARG B C   1 
ATOM   1590 O O   . ARG B 1 93  ? 19.444  -1.307  16.202  1.00 17.39 ? 93  ARG B O   1 
ATOM   1591 C CB  . ARG B 1 93  ? 20.737  -0.410  19.073  1.00 20.11 ? 93  ARG B CB  1 
ATOM   1592 C CG  . ARG B 1 93  ? 21.956  0.427   19.326  1.00 22.14 ? 93  ARG B CG  1 
ATOM   1593 C CD  . ARG B 1 93  ? 22.991  -0.381  20.091  1.00 24.63 ? 93  ARG B CD  1 
ATOM   1594 N NE  . ARG B 1 93  ? 23.042  0.029   21.487  1.00 26.56 ? 93  ARG B NE  1 
ATOM   1595 C CZ  . ARG B 1 93  ? 22.563  -0.685  22.489  1.00 25.68 ? 93  ARG B CZ  1 
ATOM   1596 N NH1 . ARG B 1 93  ? 22.002  -1.861  22.254  1.00 26.94 ? 93  ARG B NH1 1 
ATOM   1597 N NH2 . ARG B 1 93  ? 22.595  -0.195  23.715  1.00 26.02 ? 93  ARG B NH2 1 
ATOM   1598 N N   . SER B 1 94  ? 18.104  -1.595  17.975  1.00 16.19 ? 94  SER B N   1 
ATOM   1599 C CA  . SER B 1 94  ? 17.365  -2.707  17.411  1.00 22.56 ? 94  SER B CA  1 
ATOM   1600 C C   . SER B 1 94  ? 16.552  -2.295  16.171  1.00 24.29 ? 94  SER B C   1 
ATOM   1601 O O   . SER B 1 94  ? 16.367  -3.085  15.225  1.00 24.21 ? 94  SER B O   1 
ATOM   1602 C CB  . SER B 1 94  ? 16.431  -3.270  18.473  1.00 26.65 ? 94  SER B CB  1 
ATOM   1603 O OG  . SER B 1 94  ? 16.114  -4.624  18.206  1.00 37.03 ? 94  SER B OG  1 
ATOM   1604 N N   . ALA B 1 95  ? 16.045  -1.065  16.183  1.00 22.81 ? 95  ALA B N   1 
ATOM   1605 C CA  . ALA B 1 95  ? 15.278  -0.561  15.053  1.00 20.68 ? 95  ALA B CA  1 
ATOM   1606 C C   . ALA B 1 95  ? 16.227  -0.349  13.868  1.00 18.20 ? 95  ALA B C   1 
ATOM   1607 O O   . ALA B 1 95  ? 15.892  -0.688  12.733  1.00 17.90 ? 95  ALA B O   1 
ATOM   1608 C CB  . ALA B 1 95  ? 14.589  0.751   15.435  1.00 22.12 ? 95  ALA B CB  1 
ATOM   1609 N N   . ILE B 1 96  ? 17.428  0.166   14.151  1.00 16.56 ? 96  ILE B N   1 
ATOM   1610 C CA  . ILE B 1 96  ? 18.452  0.438   13.135  1.00 17.87 ? 96  ILE B CA  1 
ATOM   1611 C C   . ILE B 1 96  ? 18.932  -0.854  12.452  1.00 17.84 ? 96  ILE B C   1 
ATOM   1612 O O   . ILE B 1 96  ? 19.203  -0.860  11.257  1.00 17.79 ? 96  ILE B O   1 
ATOM   1613 C CB  . ILE B 1 96  ? 19.686  1.162   13.753  1.00 17.69 ? 96  ILE B CB  1 
ATOM   1614 C CG1 . ILE B 1 96  ? 19.327  2.601   14.146  1.00 19.53 ? 96  ILE B CG1 1 
ATOM   1615 C CG2 . ILE B 1 96  ? 20.876  1.132   12.778  1.00 11.74 ? 96  ILE B CG2 1 
ATOM   1616 C CD1 . ILE B 1 96  ? 20.392  3.304   15.022  1.00 18.76 ? 96  ILE B CD1 1 
ATOM   1617 N N   . THR B 1 97  ? 19.093  -1.913  13.241  1.00 17.36 ? 97  THR B N   1 
ATOM   1618 C CA  . THR B 1 97  ? 19.529  -3.220  12.768  1.00 17.72 ? 97  THR B CA  1 
ATOM   1619 C C   . THR B 1 97  ? 18.510  -3.853  11.831  1.00 19.39 ? 97  THR B C   1 
ATOM   1620 O O   . THR B 1 97  ? 18.866  -4.327  10.746  1.00 18.26 ? 97  THR B O   1 
ATOM   1621 C CB  . THR B 1 97  ? 19.778  -4.127  13.953  1.00 17.45 ? 97  THR B CB  1 
ATOM   1622 O OG1 . THR B 1 97  ? 20.953  -3.668  14.628  1.00 21.54 ? 97  THR B OG1 1 
ATOM   1623 C CG2 . THR B 1 97  ? 19.970  -5.579  13.501  1.00 20.12 ? 97  THR B CG2 1 
ATOM   1624 N N   . SER B 1 98  ? 17.246  -3.846  12.248  1.00 21.01 ? 98  SER B N   1 
ATOM   1625 C CA  . SER B 1 98  ? 16.157  -4.380  11.435  1.00 20.79 ? 98  SER B CA  1 
ATOM   1626 C C   . SER B 1 98  ? 16.013  -3.634  10.115  1.00 21.41 ? 98  SER B C   1 
ATOM   1627 O O   . SER B 1 98  ? 15.745  -4.250  9.082   1.00 22.50 ? 98  SER B O   1 
ATOM   1628 C CB  . SER B 1 98  ? 14.854  -4.301  12.205  1.00 20.83 ? 98  SER B CB  1 
ATOM   1629 O OG  . SER B 1 98  ? 14.917  -5.165  13.313  1.00 25.39 ? 98  SER B OG  1 
ATOM   1630 N N   . ALA B 1 99  ? 16.166  -2.308  10.143  1.00 20.99 ? 99  ALA B N   1 
ATOM   1631 C CA  . ALA B 1 99  ? 16.076  -1.503  8.922   1.00 20.43 ? 99  ALA B CA  1 
ATOM   1632 C C   . ALA B 1 99  ? 17.237  -1.825  7.970   1.00 20.18 ? 99  ALA B C   1 
ATOM   1633 O O   . ALA B 1 99  ? 17.047  -1.880  6.745   1.00 18.96 ? 99  ALA B O   1 
ATOM   1634 C CB  . ALA B 1 99  ? 16.080  -0.006  9.260   1.00 15.90 ? 99  ALA B CB  1 
ATOM   1635 N N   . GLN B 1 100 ? 18.434  -1.981  8.556   1.00 21.04 ? 100 GLN B N   1 
ATOM   1636 C CA  . GLN B 1 100 ? 19.679  -2.283  7.849   1.00 21.04 ? 100 GLN B CA  1 
ATOM   1637 C C   . GLN B 1 100 ? 19.591  -3.651  7.187   1.00 22.82 ? 100 GLN B C   1 
ATOM   1638 O O   . GLN B 1 100 ? 20.006  -3.814  6.036   1.00 21.01 ? 100 GLN B O   1 
ATOM   1639 C CB  . GLN B 1 100 ? 20.854  -2.240  8.813   1.00 20.38 ? 100 GLN B CB  1 
ATOM   1640 C CG  . GLN B 1 100 ? 22.189  -2.400  8.153   1.00 23.02 ? 100 GLN B CG  1 
ATOM   1641 C CD  . GLN B 1 100 ? 22.493  -1.278  7.208   1.00 27.64 ? 100 GLN B CD  1 
ATOM   1642 O OE1 . GLN B 1 100 ? 22.499  -1.450  5.984   1.00 29.88 ? 100 GLN B OE1 1 
ATOM   1643 N NE2 . GLN B 1 100 ? 22.779  -0.125  7.760   1.00 32.30 ? 100 GLN B NE2 1 
ATOM   1644 N N   . GLU B 1 101 ? 19.025  -4.610  7.912   1.00 23.48 ? 101 GLU B N   1 
ATOM   1645 C CA  . GLU B 1 101 ? 18.831  -5.963  7.405   1.00 29.16 ? 101 GLU B CA  1 
ATOM   1646 C C   . GLU B 1 101 ? 18.006  -5.884  6.121   1.00 30.16 ? 101 GLU B C   1 
ATOM   1647 O O   . GLU B 1 101 ? 18.345  -6.505  5.110   1.00 28.83 ? 101 GLU B O   1 
ATOM   1648 C CB  . GLU B 1 101 ? 18.087  -6.825  8.432   1.00 32.47 ? 101 GLU B CB  1 
ATOM   1649 C CG  . GLU B 1 101 ? 18.913  -7.244  9.661   1.00 43.59 ? 101 GLU B CG  1 
ATOM   1650 C CD  . GLU B 1 101 ? 18.085  -8.007  10.715  1.00 47.71 ? 101 GLU B CD  1 
ATOM   1651 O OE1 . GLU B 1 101 ? 18.577  -8.187  11.854  1.00 52.03 ? 101 GLU B OE1 1 
ATOM   1652 O OE2 . GLU B 1 101 ? 16.941  -8.420  10.415  1.00 49.85 ? 101 GLU B OE2 1 
ATOM   1653 N N   . LEU B 1 102 ? 16.924  -5.112  6.175   1.00 29.92 ? 102 LEU B N   1 
ATOM   1654 C CA  . LEU B 1 102 ? 16.036  -4.928  5.035   1.00 31.38 ? 102 LEU B CA  1 
ATOM   1655 C C   . LEU B 1 102 ? 16.710  -4.278  3.828   1.00 30.31 ? 102 LEU B C   1 
ATOM   1656 O O   . LEU B 1 102 ? 16.492  -4.677  2.690   1.00 30.85 ? 102 LEU B O   1 
ATOM   1657 C CB  . LEU B 1 102 ? 14.848  -4.069  5.431   1.00 34.11 ? 102 LEU B CB  1 
ATOM   1658 C CG  . LEU B 1 102 ? 13.791  -4.732  6.285   1.00 36.31 ? 102 LEU B CG  1 
ATOM   1659 C CD1 . LEU B 1 102 ? 12.773  -3.685  6.701   1.00 38.45 ? 102 LEU B CD1 1 
ATOM   1660 C CD2 . LEU B 1 102 ? 13.151  -5.854  5.506   1.00 36.97 ? 102 LEU B CD2 1 
ATOM   1661 N N   . LEU B 1 103 ? 17.459  -3.217  4.077   1.00 28.03 ? 103 LEU B N   1 
ATOM   1662 C CA  . LEU B 1 103 ? 18.150  -2.528  3.000   1.00 28.81 ? 103 LEU B CA  1 
ATOM   1663 C C   . LEU B 1 103 ? 19.184  -3.453  2.337   1.00 30.42 ? 103 LEU B C   1 
ATOM   1664 O O   . LEU B 1 103 ? 19.397  -3.386  1.139   1.00 30.33 ? 103 LEU B O   1 
ATOM   1665 C CB  . LEU B 1 103 ? 18.807  -1.243  3.531   1.00 24.51 ? 103 LEU B CB  1 
ATOM   1666 C CG  . LEU B 1 103 ? 17.811  -0.214  4.081   1.00 26.06 ? 103 LEU B CG  1 
ATOM   1667 C CD1 . LEU B 1 103 ? 18.443  0.726   5.086   1.00 24.56 ? 103 LEU B CD1 1 
ATOM   1668 C CD2 . LEU B 1 103 ? 17.200  0.559   2.944   1.00 20.90 ? 103 LEU B CD2 1 
ATOM   1669 N N   . ASP B 1 104 ? 19.815  -4.320  3.126   1.00 33.51 ? 104 ASP B N   1 
ATOM   1670 C CA  . ASP B 1 104 ? 20.819  -5.251  2.613   1.00 35.18 ? 104 ASP B CA  1 
ATOM   1671 C C   . ASP B 1 104 ? 20.227  -6.466  1.883   1.00 36.10 ? 104 ASP B C   1 
ATOM   1672 O O   . ASP B 1 104 ? 20.841  -6.995  0.961   1.00 36.54 ? 104 ASP B O   1 
ATOM   1673 C CB  . ASP B 1 104 ? 21.719  -5.725  3.755   1.00 32.89 ? 104 ASP B CB  1 
ATOM   1674 C CG  . ASP B 1 104 ? 22.584  -4.618  4.312   1.00 32.39 ? 104 ASP B CG  1 
ATOM   1675 O OD1 . ASP B 1 104 ? 23.006  -4.741  5.480   1.00 34.33 ? 104 ASP B OD1 1 
ATOM   1676 O OD2 . ASP B 1 104 ? 22.845  -3.638  3.590   1.00 29.34 ? 104 ASP B OD2 1 
ATOM   1677 N N   . SER B 1 105 ? 19.059  -6.921  2.324   1.00 37.99 ? 105 SER B N   1 
ATOM   1678 C CA  . SER B 1 105 ? 18.387  -8.066  1.721   1.00 41.60 ? 105 SER B CA  1 
ATOM   1679 C C   . SER B 1 105 ? 18.109  -7.873  0.228   1.00 43.06 ? 105 SER B C   1 
ATOM   1680 O O   . SER B 1 105 ? 17.367  -6.975  -0.183  1.00 43.73 ? 105 SER B O   1 
ATOM   1681 C CB  . SER B 1 105 ? 17.083  -8.355  2.468   1.00 44.38 ? 105 SER B CB  1 
ATOM   1682 O OG  . SER B 1 105 ? 17.343  -8.900  3.756   1.00 48.31 ? 105 SER B OG  1 
HETATM 1683 O O   . HOH C 2 .   ? -2.103  22.662  19.962  1.00 36.27 ? 107 HOH A O   1 
HETATM 1684 O O   . HOH C 2 .   ? -3.193  23.609  16.876  1.00 53.55 ? 108 HOH A O   1 
HETATM 1685 O O   . HOH C 2 .   ? -18.417 -14.507 -26.075 1.00 39.30 ? 109 HOH A O   1 
HETATM 1686 O O   . HOH C 2 .   ? 13.842  8.036   12.210  1.00 8.00  ? 110 HOH A O   1 
HETATM 1687 O O   . HOH C 2 .   ? -12.971 -6.471  -13.899 1.00 18.69 ? 111 HOH A O   1 
HETATM 1688 O O   . HOH C 2 .   ? -16.086 -13.973 -7.347  1.00 51.42 ? 112 HOH A O   1 
HETATM 1689 O O   . HOH C 2 .   ? -17.670 -16.574 -18.652 1.00 24.19 ? 113 HOH A O   1 
HETATM 1690 O O   . HOH C 2 .   ? 11.448  11.430  13.412  1.00 22.48 ? 114 HOH A O   1 
HETATM 1691 O O   . HOH C 2 .   ? 4.530   20.317  15.979  1.00 17.50 ? 115 HOH A O   1 
HETATM 1692 O O   . HOH C 2 .   ? -31.519 -11.447 -19.411 1.00 50.33 ? 116 HOH A O   1 
HETATM 1693 O O   . HOH C 2 .   ? -27.637 -15.140 -6.562  1.00 25.39 ? 117 HOH A O   1 
HETATM 1694 O O   . HOH C 2 .   ? -19.116 -14.238 -10.273 1.00 49.40 ? 118 HOH A O   1 
HETATM 1695 O O   . HOH C 2 .   ? -30.105 -11.734 -8.200  1.00 42.98 ? 119 HOH A O   1 
HETATM 1696 O O   . HOH C 2 .   ? -21.609 -13.103 -11.183 1.00 13.54 ? 120 HOH A O   1 
HETATM 1697 O O   . HOH C 2 .   ? -19.787 -10.591 -23.298 1.00 13.95 ? 121 HOH A O   1 
HETATM 1698 O O   . HOH C 2 .   ? -15.210 -6.598  -21.960 1.00 23.45 ? 122 HOH A O   1 
HETATM 1699 O O   . HOH C 2 .   ? -2.941  19.035  21.627  1.00 62.50 ? 123 HOH A O   1 
HETATM 1700 O O   . HOH C 2 .   ? -14.783 5.535   -19.761 1.00 38.74 ? 124 HOH A O   1 
HETATM 1701 O O   . HOH C 2 .   ? 3.904   5.910   14.198  1.00 49.81 ? 125 HOH A O   1 
HETATM 1702 O O   . HOH C 2 .   ? -10.545 6.438   -14.894 1.00 42.26 ? 126 HOH A O   1 
HETATM 1703 O O   . HOH C 2 .   ? 10.191  16.548  20.640  1.00 46.88 ? 127 HOH A O   1 
HETATM 1704 O O   . HOH C 2 .   ? -28.667 -5.577  -9.443  1.00 38.83 ? 128 HOH A O   1 
HETATM 1705 O O   . HOH C 2 .   ? -20.865 5.086   -14.220 1.00 52.28 ? 129 HOH A O   1 
HETATM 1706 O O   . HOH C 2 .   ? -18.806 -0.442  -20.368 1.00 44.94 ? 130 HOH A O   1 
HETATM 1707 O O   . HOH C 2 .   ? -12.555 -8.344  -21.916 1.00 32.72 ? 131 HOH A O   1 
HETATM 1708 O O   . HOH C 2 .   ? -23.897 -19.993 -11.882 1.00 27.35 ? 132 HOH A O   1 
HETATM 1709 O O   . HOH C 2 .   ? -14.307 -7.728  -2.617  1.00 76.05 ? 133 HOH A O   1 
HETATM 1710 O O   . HOH C 2 .   ? 11.075  16.673  17.932  1.00 22.49 ? 134 HOH A O   1 
HETATM 1711 O O   . HOH C 2 .   ? 1.806   10.356  19.450  1.00 59.79 ? 135 HOH A O   1 
HETATM 1712 O O   . HOH C 2 .   ? -15.799 -15.996 -22.555 1.00 53.39 ? 136 HOH A O   1 
HETATM 1713 O O   . HOH C 2 .   ? -22.737 1.029   -12.281 1.00 30.75 ? 137 HOH A O   1 
HETATM 1714 O O   . HOH C 2 .   ? 8.489   11.913  -1.806  1.00 51.86 ? 138 HOH A O   1 
HETATM 1715 O O   . HOH C 2 .   ? -26.535 -5.140  -7.241  1.00 37.46 ? 139 HOH A O   1 
HETATM 1716 O O   . HOH C 2 .   ? -29.071 -12.572 -27.782 1.00 56.84 ? 140 HOH A O   1 
HETATM 1717 O O   . HOH C 2 .   ? -7.429  -7.096  -9.235  1.00 27.78 ? 141 HOH A O   1 
HETATM 1718 O O   . HOH C 2 .   ? -12.603 10.263  -5.896  1.00 59.32 ? 142 HOH A O   1 
HETATM 1719 O O   . HOH C 2 .   ? 7.488   16.819  24.743  1.00 66.40 ? 143 HOH A O   1 
HETATM 1720 O O   . HOH C 2 .   ? -21.037 -20.827 -10.962 1.00 51.66 ? 144 HOH A O   1 
HETATM 1721 O O   . HOH C 2 .   ? -11.901 2.528   -18.296 1.00 71.94 ? 145 HOH A O   1 
HETATM 1722 O O   . HOH C 2 .   ? -24.673 -2.267  -10.673 1.00 75.68 ? 146 HOH A O   1 
HETATM 1723 O O   . HOH C 2 .   ? -4.401  19.779  9.384   1.00 99.11 ? 147 HOH A O   1 
HETATM 1724 O O   . HOH C 2 .   ? -23.208 4.224   -19.772 1.00 70.01 ? 148 HOH A O   1 
HETATM 1725 O O   . HOH C 2 .   ? -14.916 -18.997 -19.645 1.00 38.93 ? 149 HOH A O   1 
HETATM 1726 O O   . HOH C 2 .   ? -2.325  9.443   -9.138  1.00 56.46 ? 150 HOH A O   1 
HETATM 1727 O O   . HOH C 2 .   ? -7.447  9.452   10.900  1.00 67.72 ? 151 HOH A O   1 
HETATM 1728 O O   . HOH C 2 .   ? 2.042   6.241   -7.428  1.00 77.53 ? 152 HOH A O   1 
HETATM 1729 O O   . HOH C 2 .   ? -17.361 -12.962 -4.437  1.00 78.98 ? 153 HOH A O   1 
HETATM 1730 O O   . HOH C 2 .   ? -23.365 -4.696  -3.502  1.00 57.07 ? 154 HOH A O   1 
HETATM 1731 O O   . HOH C 2 .   ? -25.233 2.024   -22.781 1.00 37.94 ? 155 HOH A O   1 
HETATM 1732 O O   . HOH C 2 .   ? -19.653 -6.818  -25.172 1.00 47.26 ? 156 HOH A O   1 
HETATM 1733 O O   . HOH C 2 .   ? -13.107 -0.751  -0.317  1.00 27.02 ? 157 HOH A O   1 
HETATM 1734 O O   . HOH C 2 .   ? -19.811 -18.036 -17.821 1.00 20.48 ? 158 HOH A O   1 
HETATM 1735 O O   . HOH C 2 .   ? 9.052   11.601  12.420  1.00 20.58 ? 159 HOH A O   1 
HETATM 1736 O O   . HOH C 2 .   ? -12.631 -10.007 -2.081  1.00 61.64 ? 160 HOH A O   1 
HETATM 1737 O O   . HOH C 2 .   ? -27.224 -16.241 -16.999 1.00 69.35 ? 161 HOH A O   1 
HETATM 1738 O O   . HOH C 2 .   ? 3.184   9.344   8.471   1.00 34.59 ? 162 HOH A O   1 
HETATM 1739 O O   . HOH C 2 .   ? 0.623   22.746  8.006   1.00 61.79 ? 163 HOH A O   1 
HETATM 1740 O O   . HOH C 2 .   ? -18.350 -0.041  -1.911  1.00 35.25 ? 164 HOH A O   1 
HETATM 1741 O O   . HOH C 2 .   ? -16.539 -4.925  -5.494  1.00 40.66 ? 165 HOH A O   1 
HETATM 1742 O O   . HOH C 2 .   ? 7.026   21.074  14.361  1.00 43.91 ? 166 HOH A O   1 
HETATM 1743 O O   . HOH C 2 .   ? -14.092 9.093   -4.157  1.00 43.43 ? 167 HOH A O   1 
HETATM 1744 O O   . HOH C 2 .   ? 7.170   20.692  9.619   1.00 59.01 ? 168 HOH A O   1 
HETATM 1745 O O   . HOH C 2 .   ? 5.846   19.199  24.958  1.00 38.58 ? 169 HOH A O   1 
HETATM 1746 O O   . HOH C 2 .   ? -0.955  17.080  21.715  1.00 93.14 ? 170 HOH A O   1 
HETATM 1747 O O   . HOH C 2 .   ? -17.996 5.026   -15.943 1.00 49.21 ? 171 HOH A O   1 
HETATM 1748 O O   . HOH C 2 .   ? 8.986   14.255  -3.259  1.00 59.07 ? 172 HOH A O   1 
HETATM 1749 O O   . HOH C 2 .   ? -11.635 -0.773  -18.973 1.00 30.18 ? 173 HOH A O   1 
HETATM 1750 O O   . HOH C 2 .   ? -20.170 12.059  -2.461  1.00 45.69 ? 174 HOH A O   1 
HETATM 1751 O O   . HOH C 2 .   ? 7.806   13.329  0.567   1.00 46.46 ? 175 HOH A O   1 
HETATM 1752 O O   . HOH C 2 .   ? 10.264  19.135  23.130  1.00 39.68 ? 176 HOH A O   1 
HETATM 1753 O O   . HOH C 2 .   ? -8.708  11.060  9.178   1.00 54.74 ? 177 HOH A O   1 
HETATM 1754 O O   . HOH D 2 .   ? -5.565  -29.640 -16.441 1.00 61.67 ? 107 HOH B O   1 
HETATM 1755 O O   . HOH D 2 .   ? 24.967  15.325  10.020  1.00 33.49 ? 108 HOH B O   1 
HETATM 1756 O O   . HOH D 2 .   ? -5.902  -10.257 -27.073 1.00 55.97 ? 109 HOH B O   1 
HETATM 1757 O O   . HOH D 2 .   ? 3.164   -29.114 -22.210 1.00 37.43 ? 110 HOH B O   1 
HETATM 1758 O O   . HOH D 2 .   ? -9.807  -14.893 -19.510 1.00 14.58 ? 111 HOH B O   1 
HETATM 1759 O O   . HOH D 2 .   ? -7.264  -11.220 -6.734  1.00 26.88 ? 112 HOH B O   1 
HETATM 1760 O O   . HOH D 2 .   ? -10.398 -9.505  -15.684 1.00 22.15 ? 113 HOH B O   1 
HETATM 1761 O O   . HOH D 2 .   ? 24.995  2.895   3.744   1.00 50.48 ? 114 HOH B O   1 
HETATM 1762 O O   . HOH D 2 .   ? -4.075  -5.526  -26.628 1.00 49.49 ? 115 HOH B O   1 
HETATM 1763 O O   . HOH D 2 .   ? 23.435  0.030   10.504  1.00 33.60 ? 116 HOH B O   1 
HETATM 1764 O O   . HOH D 2 .   ? -10.094 -20.387 -23.285 1.00 24.95 ? 117 HOH B O   1 
HETATM 1765 O O   . HOH D 2 .   ? 1.317   -24.020 -17.604 1.00 47.25 ? 118 HOH B O   1 
HETATM 1766 O O   . HOH D 2 .   ? 19.883  13.153  13.729  1.00 35.75 ? 119 HOH B O   1 
HETATM 1767 O O   . HOH D 2 .   ? -7.975  -9.774  -14.712 1.00 17.28 ? 120 HOH B O   1 
HETATM 1768 O O   . HOH D 2 .   ? -4.190  -11.831 -5.370  1.00 41.43 ? 121 HOH B O   1 
HETATM 1769 O O   . HOH D 2 .   ? 10.403  -6.381  -12.249 1.00 54.67 ? 122 HOH B O   1 
HETATM 1770 O O   . HOH D 2 .   ? 12.849  -4.571  15.684  1.00 72.60 ? 123 HOH B O   1 
HETATM 1771 O O   . HOH D 2 .   ? 15.508  3.073   22.270  1.00 21.17 ? 124 HOH B O   1 
HETATM 1772 O O   . HOH D 2 .   ? -6.131  -20.931 -4.068  1.00 59.79 ? 125 HOH B O   1 
HETATM 1773 O O   . HOH D 2 .   ? 24.707  2.044   13.562  1.00 37.04 ? 126 HOH B O   1 
HETATM 1774 O O   . HOH D 2 .   ? -8.801  -12.646 -27.444 1.00 39.98 ? 127 HOH B O   1 
HETATM 1775 O O   . HOH D 2 .   ? 19.575  9.177   3.263   1.00 45.90 ? 128 HOH B O   1 
HETATM 1776 O O   . HOH D 2 .   ? 26.249  0.246   8.052   1.00 54.12 ? 129 HOH B O   1 
HETATM 1777 O O   . HOH D 2 .   ? 15.595  12.571  23.375  1.00 18.59 ? 130 HOH B O   1 
HETATM 1778 O O   . HOH D 2 .   ? -9.212  -12.739 -11.107 1.00 41.87 ? 131 HOH B O   1 
HETATM 1779 O O   . HOH D 2 .   ? -0.925  -4.111  -25.236 1.00 45.92 ? 132 HOH B O   1 
HETATM 1780 O O   . HOH D 2 .   ? 17.696  7.979   1.034   1.00 37.68 ? 133 HOH B O   1 
HETATM 1781 O O   . HOH D 2 .   ? 15.189  12.545  5.247   1.00 34.51 ? 134 HOH B O   1 
HETATM 1782 O O   . HOH D 2 .   ? 25.378  -2.336  3.944   1.00 62.24 ? 135 HOH B O   1 
HETATM 1783 O O   . HOH D 2 .   ? -1.023  1.801   -14.518 1.00 63.82 ? 136 HOH B O   1 
HETATM 1784 O O   . HOH D 2 .   ? 15.782  11.324  25.774  1.00 27.43 ? 137 HOH B O   1 
HETATM 1785 O O   . HOH D 2 .   ? 21.697  -6.030  24.546  1.00 89.27 ? 138 HOH B O   1 
HETATM 1786 O O   . HOH D 2 .   ? 9.527   -2.068  20.225  1.00 48.92 ? 139 HOH B O   1 
HETATM 1787 O O   . HOH D 2 .   ? 22.986  -0.610  26.473  1.00 40.81 ? 140 HOH B O   1 
HETATM 1788 O O   . HOH D 2 .   ? 21.835  13.470  19.802  1.00 21.51 ? 141 HOH B O   1 
HETATM 1789 O O   . HOH D 2 .   ? 7.065   12.070  23.282  1.00 36.33 ? 142 HOH B O   1 
HETATM 1790 O O   . HOH D 2 .   ? 6.824   4.923   -5.729  1.00 60.40 ? 143 HOH B O   1 
HETATM 1791 O O   . HOH D 2 .   ? 6.293   0.355   21.227  1.00 65.15 ? 144 HOH B O   1 
HETATM 1792 O O   . HOH D 2 .   ? 26.376  2.078   10.288  1.00 51.21 ? 145 HOH B O   1 
HETATM 1793 O O   . HOH D 2 .   ? -10.774 -19.283 -18.735 1.00 54.13 ? 146 HOH B O   1 
HETATM 1794 O O   . HOH D 2 .   ? 4.118   -22.821 -19.569 1.00 40.60 ? 147 HOH B O   1 
HETATM 1795 O O   . HOH D 2 .   ? 11.922  10.991  0.591   1.00 29.20 ? 148 HOH B O   1 
HETATM 1796 O O   . HOH D 2 .   ? 1.007   -0.410  -15.580 1.00 70.88 ? 149 HOH B O   1 
HETATM 1797 O O   . HOH D 2 .   ? 28.020  9.111   8.750   1.00 42.12 ? 150 HOH B O   1 
HETATM 1798 O O   . HOH D 2 .   ? 8.793   -2.176  14.182  1.00 58.09 ? 151 HOH B O   1 
HETATM 1799 O O   . HOH D 2 .   ? 3.220   -11.512 -19.918 1.00 51.66 ? 152 HOH B O   1 
HETATM 1800 O O   . HOH D 2 .   ? 22.989  -0.605  3.223   1.00 51.96 ? 153 HOH B O   1 
HETATM 1801 O O   . HOH D 2 .   ? -0.551  -3.407  1.855   1.00 74.16 ? 154 HOH B O   1 
HETATM 1802 O O   . HOH D 2 .   ? 11.591  -3.237  24.348  1.00 55.07 ? 155 HOH B O   1 
HETATM 1803 O O   . HOH D 2 .   ? 9.750   -13.954 1.497   1.00 61.99 ? 156 HOH B O   1 
HETATM 1804 O O   . HOH D 2 .   ? 23.779  11.876  31.280  1.00 58.85 ? 157 HOH B O   1 
HETATM 1805 O O   . HOH D 2 .   ? -2.488  -17.017 -19.710 1.00 21.83 ? 158 HOH B O   1 
HETATM 1806 O O   . HOH D 2 .   ? -4.822  -7.314  -7.503  1.00 41.50 ? 159 HOH B O   1 
HETATM 1807 O O   . HOH D 2 .   ? 20.617  -2.821  26.945  1.00 34.26 ? 160 HOH B O   1 
HETATM 1808 O O   . HOH D 2 .   ? 23.659  9.866   3.343   1.00 30.08 ? 161 HOH B O   1 
HETATM 1809 O O   . HOH D 2 .   ? 15.181  4.100   29.640  1.00 34.67 ? 162 HOH B O   1 
HETATM 1810 O O   . HOH D 2 .   ? -3.021  -15.206 -21.737 1.00 22.30 ? 163 HOH B O   1 
HETATM 1811 O O   . HOH D 2 .   ? 20.399  -8.528  5.212   1.00 48.45 ? 164 HOH B O   1 
HETATM 1812 O O   . HOH D 2 .   ? 25.969  9.731   21.872  1.00 78.64 ? 165 HOH B O   1 
HETATM 1813 O O   . HOH D 2 .   ? -2.740  -21.803 -13.458 1.00 32.20 ? 166 HOH B O   1 
HETATM 1814 O O   . HOH D 2 .   ? 7.335   9.428   15.246  1.00 35.65 ? 167 HOH B O   1 
HETATM 1815 O O   . HOH D 2 .   ? 9.207   -5.353  7.184   1.00 40.42 ? 168 HOH B O   1 
HETATM 1816 O O   . HOH D 2 .   ? 19.782  -3.865  20.974  1.00 24.83 ? 169 HOH B O   1 
HETATM 1817 O O   . HOH D 2 .   ? 7.023   -1.905  -10.881 1.00 57.33 ? 170 HOH B O   1 
HETATM 1818 O O   . HOH D 2 .   ? -3.438  -17.393 -23.535 1.00 32.18 ? 171 HOH B O   1 
HETATM 1819 O O   . HOH D 2 .   ? 23.567  4.556   5.458   1.00 60.45 ? 172 HOH B O   1 
HETATM 1820 O O   . HOH D 2 .   ? 21.782  5.764   27.592  1.00 68.82 ? 173 HOH B O   1 
HETATM 1821 O O   . HOH D 2 .   ? -1.517  -1.705  -6.567  1.00 69.76 ? 174 HOH B O   1 
HETATM 1822 O O   . HOH D 2 .   ? 18.698  11.451  7.323   1.00 33.00 ? 175 HOH B O   1 
HETATM 1823 O O   . HOH D 2 .   ? -11.079 -10.878 -24.666 1.00 31.50 ? 176 HOH B O   1 
HETATM 1824 O O   . HOH D 2 .   ? 14.144  -6.522  8.940   1.00 45.45 ? 177 HOH B O   1 
HETATM 1825 O O   . HOH D 2 .   ? -1.316  -0.930  2.231   1.00 57.58 ? 178 HOH B O   1 
HETATM 1826 O O   . HOH D 2 .   ? 4.592   -6.954  7.849   1.00 50.35 ? 179 HOH B O   1 
HETATM 1827 O O   . HOH D 2 .   ? -2.578  -7.952  -9.451  1.00 36.03 ? 180 HOH B O   1 
HETATM 1828 O O   . HOH D 2 .   ? 2.970   0.593   -13.853 1.00 71.60 ? 181 HOH B O   1 
HETATM 1829 O O   . HOH D 2 .   ? -7.690  -9.594  -8.697  1.00 68.80 ? 182 HOH B O   1 
HETATM 1830 O O   . HOH D 2 .   ? 13.007  -0.012  12.023  1.00 36.64 ? 183 HOH B O   1 
HETATM 1831 O O   . HOH D 2 .   ? 7.282   -11.690 -0.590  1.00 53.15 ? 184 HOH B O   1 
HETATM 1832 O O   . HOH D 2 .   ? 25.487  -1.914  9.316   1.00 42.48 ? 185 HOH B O   1 
HETATM 1833 O O   . HOH D 2 .   ? 12.897  -2.382  4.035   1.00 92.22 ? 186 HOH B O   1 
HETATM 1834 O O   . HOH D 2 .   ? -11.246 -17.111 -21.005 1.00 40.26 ? 187 HOH B O   1 
HETATM 1835 O O   . HOH D 2 .   ? 15.601  -3.436  23.265  1.00 43.70 ? 188 HOH B O   1 
HETATM 1836 O O   . HOH D 2 .   ? 0.992   -9.671  -9.554  1.00 60.71 ? 189 HOH B O   1 
HETATM 1837 O O   . HOH D 2 .   ? -7.721  -11.714 -12.826 1.00 46.16 ? 190 HOH B O   1 
# 
